data_8U2M
#
_entry.id   8U2M
#
_cell.length_a   61.674
_cell.length_b   95.607
_cell.length_c   105.763
_cell.angle_alpha   90.000
_cell.angle_beta   92.710
_cell.angle_gamma   90.000
#
_symmetry.space_group_name_H-M   'P 1 21 1'
#
loop_
_entity.id
_entity.type
_entity.pdbx_description
1 polymer 'Cytochrome P450-SU1'
2 polymer MET-ARG-TYR-LEU-HIS
3 non-polymer 'ACETATE ION'
4 non-polymer 'TETRAETHYLENE GLYCOL'
5 non-polymer 'PROTOPORPHYRIN IX CONTAINING FE'
6 non-polymer 'SODIUM ION'
7 non-polymer 2-[2-(2-METHOXY-ETHOXY)-ETHOXY]-ETHOXYL
8 non-polymer MESO-ERYTHRITOL
9 non-polymer 'trifluoroacetic acid'
10 water water
#
loop_
_entity_poly.entity_id
_entity_poly.type
_entity_poly.pdbx_seq_one_letter_code
_entity_poly.pdbx_strand_id
1 'polypeptide(L)'
;MGSSHHHHHHSSGLVPRGSHMMADEATAAVRDPIYDPLAPSVIADPYPFYRKLRETNTVHWHEFLDSWVVTGYAECRQVL
GDTTNFGSDFRRIDVEIPDTQLSVQSLDPPEHGAIRHLLVSALHEQPLSTVRQQFAAIAAQHLAELSGQPGTVDLVSRFA
RPVALRTITAFLGVPPPDGAGFEQWSNAIVRSMDAGIEPARAEPGNQARAELSRLVTHWLAEADERGFVGAARRAARAQD
VPAAVLANSLRAVLHAGYESVSRLLGGVLARLVRHPELLAGPATRDADEALVDELIRLDGPVQADARVCVRDQPVGAQLV
RRGDVLVLFIAAANRDPAVFPDPDAVRLTRRRGLHLAFGRGAHACLGAGLATLQLREVLGALRAGGLRLAPAGPAAYEPT
ATLRGLAELPVSVRQPHRTD
;
A,B,C
2 'polypeptide(L)' MRYLH D
#
loop_
_chem_comp.id
_chem_comp.type
_chem_comp.name
_chem_comp.formula
ACT non-polymer 'ACETATE ION' 'C2 H3 O2 -1'
HEM non-polymer 'PROTOPORPHYRIN IX CONTAINING FE' 'C34 H32 Fe N4 O4'
MRY non-polymer MESO-ERYTHRITOL 'C4 H10 O4'
NA non-polymer 'SODIUM ION' 'Na 1'
PG4 non-polymer 'TETRAETHYLENE GLYCOL' 'C8 H18 O5'
TFA non-polymer 'trifluoroacetic acid' 'C2 H F3 O2'
TOE non-polymer 2-[2-(2-METHOXY-ETHOXY)-ETHOXY]-ETHOXYL 'C7 H16 O4'
#
# COMPACT_ATOMS: atom_id res chain seq x y z
N TYR A 35 14.23 -29.07 36.82
CA TYR A 35 14.91 -27.93 36.21
C TYR A 35 14.20 -26.61 36.53
N ASP A 36 14.64 -25.93 37.59
CA ASP A 36 14.17 -24.59 37.92
C ASP A 36 15.03 -23.58 37.19
N PRO A 37 14.52 -22.87 36.16
CA PRO A 37 15.40 -22.00 35.37
C PRO A 37 15.99 -20.83 36.14
N LEU A 38 15.40 -20.41 37.25
CA LEU A 38 15.89 -19.27 38.01
C LEU A 38 16.63 -19.68 39.29
N ALA A 39 16.84 -20.97 39.51
CA ALA A 39 17.59 -21.40 40.67
C ALA A 39 19.02 -20.87 40.59
N PRO A 40 19.61 -20.43 41.70
CA PRO A 40 20.97 -19.86 41.63
C PRO A 40 21.99 -20.79 40.99
N SER A 41 21.92 -22.10 41.27
CA SER A 41 22.90 -23.01 40.68
C SER A 41 22.71 -23.15 39.18
N VAL A 42 21.47 -23.08 38.70
CA VAL A 42 21.22 -23.12 37.27
C VAL A 42 21.73 -21.85 36.61
N ILE A 43 21.39 -20.70 37.19
CA ILE A 43 21.83 -19.41 36.66
C ILE A 43 23.34 -19.33 36.60
N ALA A 44 24.03 -19.96 37.56
CA ALA A 44 25.48 -19.89 37.58
C ALA A 44 26.09 -20.53 36.34
N ASP A 45 25.48 -21.61 35.85
CA ASP A 45 25.91 -22.27 34.64
C ASP A 45 24.80 -23.18 34.15
N PRO A 46 23.95 -22.75 33.23
CA PRO A 46 22.79 -23.58 32.85
C PRO A 46 23.12 -24.70 31.88
N TYR A 47 24.27 -24.68 31.21
CA TYR A 47 24.50 -25.61 30.11
C TYR A 47 24.54 -27.07 30.55
N PRO A 48 25.10 -27.44 31.71
CA PRO A 48 24.97 -28.85 32.13
C PRO A 48 23.52 -29.27 32.34
N PHE A 49 22.66 -28.35 32.76
CA PHE A 49 21.24 -28.68 32.91
C PHE A 49 20.56 -28.83 31.56
N TYR A 50 20.90 -27.97 30.61
CA TYR A 50 20.42 -28.15 29.24
C TYR A 50 20.82 -29.53 28.71
N ARG A 51 22.08 -29.91 28.94
CA ARG A 51 22.57 -31.18 28.43
C ARG A 51 21.82 -32.36 29.05
N LYS A 52 21.58 -32.32 30.36
CA LYS A 52 20.82 -33.38 31.00
C LYS A 52 19.42 -33.49 30.39
N LEU A 53 18.80 -32.34 30.13
CA LEU A 53 17.51 -32.33 29.46
C LEU A 53 17.61 -32.98 28.09
N ARG A 54 18.57 -32.52 27.27
CA ARG A 54 18.70 -33.01 25.90
C ARG A 54 18.95 -34.51 25.87
N GLU A 55 19.75 -35.02 26.83
CA GLU A 55 20.12 -36.44 26.82
C GLU A 55 18.94 -37.33 27.19
N THR A 56 17.97 -36.81 27.96
CA THR A 56 16.80 -37.62 28.32
C THR A 56 15.72 -37.51 27.25
N ASN A 57 15.46 -36.31 26.73
CA ASN A 57 14.47 -36.17 25.67
C ASN A 57 14.59 -34.80 25.03
N THR A 58 14.73 -34.79 23.69
CA THR A 58 14.97 -33.52 23.01
C THR A 58 13.73 -32.62 23.05
N VAL A 59 12.57 -33.17 23.37
CA VAL A 59 11.32 -32.42 23.48
C VAL A 59 10.66 -32.91 24.76
N HIS A 60 10.79 -32.15 25.85
N HIS A 60 10.88 -32.19 25.86
CA HIS A 60 10.31 -32.57 27.15
CA HIS A 60 10.33 -32.50 27.18
C HIS A 60 9.14 -31.70 27.58
C HIS A 60 9.05 -31.71 27.40
N TRP A 61 8.06 -32.34 28.02
CA TRP A 61 6.88 -31.64 28.50
C TRP A 61 7.17 -31.11 29.91
N HIS A 62 7.03 -29.80 30.09
CA HIS A 62 7.18 -29.15 31.40
C HIS A 62 5.77 -28.80 31.88
N GLU A 63 5.23 -29.62 32.78
CA GLU A 63 3.81 -29.51 33.13
C GLU A 63 3.49 -28.22 33.88
N PHE A 64 4.41 -27.72 34.69
CA PHE A 64 4.11 -26.55 35.51
C PHE A 64 4.20 -25.27 34.70
N LEU A 65 5.14 -25.20 33.76
CA LEU A 65 5.20 -24.10 32.81
C LEU A 65 4.24 -24.29 31.64
N ASP A 66 3.64 -25.47 31.50
CA ASP A 66 2.66 -25.74 30.46
C ASP A 66 3.26 -25.47 29.08
N SER A 67 4.47 -25.97 28.87
CA SER A 67 5.15 -25.78 27.59
C SER A 67 6.08 -26.95 27.29
N TRP A 68 6.27 -27.21 26.01
CA TRP A 68 7.35 -28.08 25.58
C TRP A 68 8.68 -27.35 25.74
N VAL A 69 9.70 -28.07 26.21
CA VAL A 69 11.05 -27.56 26.31
C VAL A 69 11.89 -28.31 25.28
N VAL A 70 12.41 -27.58 24.29
CA VAL A 70 13.08 -28.17 23.13
C VAL A 70 14.57 -27.83 23.19
N THR A 71 15.41 -28.86 23.33
CA THR A 71 16.85 -28.67 23.41
C THR A 71 17.62 -29.28 22.26
N GLY A 72 16.99 -30.06 21.38
CA GLY A 72 17.69 -30.65 20.26
C GLY A 72 17.85 -29.65 19.11
N TYR A 73 19.00 -29.73 18.44
CA TYR A 73 19.27 -28.82 17.33
C TYR A 73 18.24 -29.02 16.21
N ALA A 74 18.04 -30.28 15.80
CA ALA A 74 17.13 -30.55 14.70
C ALA A 74 15.73 -30.04 15.00
N GLU A 75 15.28 -30.24 16.25
CA GLU A 75 13.94 -29.85 16.64
C GLU A 75 13.80 -28.33 16.71
N CYS A 76 14.79 -27.64 17.29
CA CYS A 76 14.75 -26.18 17.33
C CYS A 76 14.79 -25.60 15.92
N ARG A 77 15.68 -26.13 15.07
CA ARG A 77 15.75 -25.65 13.69
C ARG A 77 14.43 -25.86 12.96
N GLN A 78 13.81 -27.02 13.15
CA GLN A 78 12.52 -27.30 12.54
C GLN A 78 11.47 -26.27 12.94
N VAL A 79 11.33 -26.02 14.24
CA VAL A 79 10.25 -25.17 14.72
C VAL A 79 10.47 -23.72 14.31
N LEU A 80 11.71 -23.25 14.40
CA LEU A 80 11.99 -21.86 14.04
C LEU A 80 11.58 -21.55 12.61
N GLY A 81 11.84 -22.47 11.69
CA GLY A 81 11.62 -22.25 10.27
C GLY A 81 10.23 -22.55 9.76
N ASP A 82 9.35 -23.05 10.59
CA ASP A 82 8.03 -23.50 10.17
C ASP A 82 7.01 -22.54 10.76
N THR A 83 6.72 -21.46 10.02
CA THR A 83 5.72 -20.50 10.47
C THR A 83 4.31 -20.90 10.09
N THR A 84 4.15 -21.97 9.31
CA THR A 84 2.82 -22.45 8.97
C THR A 84 2.19 -23.20 10.15
N ASN A 85 2.98 -24.00 10.84
CA ASN A 85 2.48 -24.81 11.95
C ASN A 85 2.86 -24.24 13.32
N PHE A 86 3.82 -23.33 13.39
CA PHE A 86 4.25 -22.73 14.65
C PHE A 86 4.40 -21.23 14.43
N GLY A 87 3.76 -20.43 15.30
CA GLY A 87 3.68 -19.01 15.09
C GLY A 87 4.18 -18.22 16.29
N SER A 88 4.33 -16.91 16.06
CA SER A 88 4.66 -15.95 17.11
C SER A 88 3.51 -15.01 17.42
N ASP A 89 2.42 -15.07 16.65
CA ASP A 89 1.24 -14.23 16.86
C ASP A 89 0.19 -15.09 17.54
N PHE A 90 -0.01 -14.86 18.84
CA PHE A 90 -0.95 -15.69 19.59
C PHE A 90 -2.38 -15.50 19.14
N ARG A 91 -2.68 -14.47 18.34
CA ARG A 91 -4.01 -14.35 17.76
C ARG A 91 -4.35 -15.55 16.88
N ARG A 92 -3.34 -16.25 16.35
CA ARG A 92 -3.59 -17.40 15.50
C ARG A 92 -4.08 -18.61 16.29
N ILE A 93 -4.06 -18.56 17.63
CA ILE A 93 -4.71 -19.59 18.42
C ILE A 93 -5.82 -18.95 19.26
N ASP A 94 -6.39 -17.86 18.75
CA ASP A 94 -7.59 -17.25 19.32
C ASP A 94 -7.34 -16.59 20.67
N VAL A 95 -6.13 -16.06 20.89
CA VAL A 95 -5.85 -15.23 22.06
C VAL A 95 -6.02 -13.78 21.66
N GLU A 96 -6.65 -12.99 22.53
CA GLU A 96 -6.95 -11.59 22.23
C GLU A 96 -5.68 -10.75 22.37
N ILE A 97 -5.33 -10.04 21.31
CA ILE A 97 -4.16 -9.16 21.30
C ILE A 97 -4.58 -7.81 20.74
N PRO A 98 -4.56 -6.73 21.53
CA PRO A 98 -4.99 -5.43 21.00
C PRO A 98 -4.06 -4.96 19.89
N ASP A 99 -4.63 -4.19 18.95
CA ASP A 99 -3.86 -3.71 17.82
C ASP A 99 -2.70 -2.83 18.26
N THR A 100 -2.81 -2.19 19.42
CA THR A 100 -1.78 -1.28 19.90
C THR A 100 -0.53 -1.98 20.41
N GLN A 101 -0.56 -3.30 20.58
CA GLN A 101 0.58 -4.04 21.09
C GLN A 101 1.29 -4.86 20.01
N LEU A 102 0.79 -4.86 18.78
CA LEU A 102 1.39 -5.65 17.72
C LEU A 102 2.78 -5.12 17.38
N SER A 103 3.67 -6.04 17.00
CA SER A 103 5.05 -5.70 16.73
C SER A 103 5.66 -6.75 15.81
N VAL A 104 6.80 -6.40 15.20
CA VAL A 104 7.41 -7.29 14.21
C VAL A 104 7.70 -8.66 14.81
N GLN A 105 8.07 -8.71 16.09
N GLN A 105 8.05 -8.72 16.09
CA GLN A 105 8.40 -9.99 16.70
CA GLN A 105 8.41 -9.97 16.73
C GLN A 105 7.18 -10.87 16.90
C GLN A 105 7.20 -10.83 17.10
N SER A 106 6.00 -10.27 17.09
CA SER A 106 4.79 -11.00 17.44
C SER A 106 3.78 -11.03 16.29
N LEU A 107 4.23 -10.78 15.07
CA LEU A 107 3.39 -10.88 13.89
C LEU A 107 3.90 -11.98 12.96
N ASP A 108 2.96 -12.68 12.33
CA ASP A 108 3.28 -13.73 11.38
C ASP A 108 2.76 -13.35 10.00
N PRO A 109 3.19 -14.02 8.94
CA PRO A 109 2.68 -13.69 7.60
C PRO A 109 1.16 -13.75 7.58
N PRO A 110 0.51 -12.88 6.79
CA PRO A 110 1.14 -11.90 5.90
C PRO A 110 1.50 -10.57 6.56
N GLU A 111 0.97 -10.33 7.76
CA GLU A 111 1.22 -9.05 8.44
C GLU A 111 2.71 -8.82 8.71
N HIS A 112 3.46 -9.89 8.97
CA HIS A 112 4.87 -9.73 9.32
C HIS A 112 5.69 -9.14 8.19
N GLY A 113 5.35 -9.46 6.94
CA GLY A 113 6.20 -9.06 5.83
C GLY A 113 6.30 -7.55 5.66
N ALA A 114 5.19 -6.84 5.87
CA ALA A 114 5.20 -5.40 5.64
C ALA A 114 6.18 -4.71 6.58
N ILE A 115 6.02 -4.93 7.88
CA ILE A 115 6.90 -4.27 8.85
C ILE A 115 8.32 -4.81 8.74
N ARG A 116 8.46 -6.11 8.49
CA ARG A 116 9.80 -6.69 8.32
C ARG A 116 10.53 -6.03 7.16
N HIS A 117 9.88 -5.95 5.99
CA HIS A 117 10.54 -5.33 4.85
C HIS A 117 10.85 -3.87 5.13
N LEU A 118 9.95 -3.18 5.83
CA LEU A 118 10.20 -1.79 6.18
C LEU A 118 11.48 -1.65 7.00
N LEU A 119 11.64 -2.51 8.01
CA LEU A 119 12.82 -2.42 8.87
C LEU A 119 14.08 -2.79 8.10
N VAL A 120 13.99 -3.82 7.24
CA VAL A 120 15.15 -4.23 6.46
C VAL A 120 15.55 -3.14 5.47
N SER A 121 14.57 -2.50 4.85
CA SER A 121 14.88 -1.42 3.91
C SER A 121 15.62 -0.29 4.62
N ALA A 122 15.15 0.08 5.82
CA ALA A 122 15.83 1.14 6.57
C ALA A 122 17.24 0.72 6.96
N LEU A 123 17.42 -0.55 7.32
CA LEU A 123 18.75 -1.05 7.65
C LEU A 123 19.68 -0.96 6.43
N HIS A 124 19.17 -1.40 5.27
CA HIS A 124 20.00 -1.47 4.08
C HIS A 124 20.37 -0.10 3.54
N GLU A 125 19.67 0.95 3.95
CA GLU A 125 20.01 2.30 3.54
C GLU A 125 21.19 2.87 4.30
N GLN A 126 21.60 2.26 5.40
CA GLN A 126 22.70 2.78 6.20
C GLN A 126 24.04 2.42 5.55
N PRO A 127 24.90 3.39 5.26
CA PRO A 127 26.21 3.05 4.68
C PRO A 127 27.06 2.30 5.70
N LEU A 128 27.54 1.12 5.31
CA LEU A 128 28.28 0.26 6.23
C LEU A 128 29.64 0.84 6.58
N SER A 129 30.25 1.61 5.67
CA SER A 129 31.53 2.23 5.99
C SER A 129 31.40 3.13 7.21
N THR A 130 30.34 3.93 7.26
CA THR A 130 30.11 4.79 8.42
C THR A 130 29.80 3.96 9.65
N VAL A 131 28.97 2.93 9.51
CA VAL A 131 28.61 2.10 10.65
C VAL A 131 29.86 1.47 11.26
N ARG A 132 30.72 0.91 10.42
CA ARG A 132 31.93 0.25 10.92
C ARG A 132 32.88 1.25 11.57
N GLN A 133 32.95 2.47 11.01
CA GLN A 133 33.80 3.49 11.62
C GLN A 133 33.27 3.88 13.00
N GLN A 134 31.96 4.04 13.12
CA GLN A 134 31.37 4.37 14.41
C GLN A 134 31.57 3.26 15.42
N PHE A 135 31.31 2.02 15.01
CA PHE A 135 31.44 0.91 15.95
C PHE A 135 32.89 0.74 16.40
N ALA A 136 33.84 0.89 15.46
CA ALA A 136 35.25 0.72 15.81
C ALA A 136 35.72 1.82 16.75
N ALA A 137 35.29 3.05 16.51
CA ALA A 137 35.71 4.16 17.37
C ALA A 137 35.12 4.03 18.77
N ILE A 138 33.84 3.63 18.86
CA ILE A 138 33.21 3.46 20.16
C ILE A 138 33.94 2.40 20.98
N ALA A 139 34.24 1.27 20.35
CA ALA A 139 34.93 0.20 21.08
C ALA A 139 36.31 0.64 21.51
N ALA A 140 37.04 1.32 20.61
CA ALA A 140 38.39 1.77 20.96
C ALA A 140 38.37 2.79 22.09
N GLN A 141 37.41 3.71 22.07
CA GLN A 141 37.36 4.75 23.10
C GLN A 141 37.15 4.13 24.47
N HIS A 142 36.23 3.18 24.58
CA HIS A 142 35.91 2.63 25.89
C HIS A 142 37.01 1.70 26.39
N LEU A 143 37.73 1.04 25.47
CA LEU A 143 38.89 0.26 25.89
C LEU A 143 40.02 1.16 26.38
N ALA A 144 40.23 2.28 25.70
CA ALA A 144 41.29 3.20 26.11
C ALA A 144 41.04 3.78 27.50
N GLU A 145 39.77 3.97 27.88
CA GLU A 145 39.48 4.47 29.22
C GLU A 145 39.89 3.47 30.29
N LEU A 146 39.93 2.18 29.94
CA LEU A 146 40.31 1.15 30.90
C LEU A 146 41.81 1.01 31.08
N SER A 147 42.60 1.45 30.10
CA SER A 147 44.06 1.32 30.22
C SER A 147 44.57 2.30 31.27
N GLY A 148 45.39 1.81 32.18
CA GLY A 148 45.89 2.60 33.27
C GLY A 148 45.13 2.44 34.56
N GLN A 149 44.11 1.58 34.58
CA GLN A 149 43.36 1.31 35.80
C GLN A 149 44.11 0.30 36.65
N PRO A 150 44.58 0.67 37.85
CA PRO A 150 45.36 -0.26 38.67
C PRO A 150 44.53 -1.18 39.55
N GLY A 151 43.24 -0.92 39.72
CA GLY A 151 42.39 -1.72 40.55
C GLY A 151 41.49 -2.65 39.75
N THR A 152 40.47 -3.17 40.42
CA THR A 152 39.52 -4.06 39.77
C THR A 152 38.50 -3.22 39.01
N VAL A 153 38.22 -3.62 37.77
CA VAL A 153 37.23 -2.95 36.94
C VAL A 153 36.19 -3.98 36.53
N ASP A 154 34.93 -3.55 36.48
CA ASP A 154 33.82 -4.40 36.05
C ASP A 154 33.56 -4.16 34.58
N LEU A 155 33.82 -5.17 33.75
CA LEU A 155 33.69 -4.99 32.31
C LEU A 155 32.23 -4.89 31.87
N VAL A 156 31.28 -5.31 32.70
CA VAL A 156 29.88 -5.18 32.34
C VAL A 156 29.47 -3.71 32.31
N SER A 157 29.61 -3.03 33.44
CA SER A 157 29.19 -1.63 33.53
C SER A 157 30.16 -0.69 32.84
N ARG A 158 31.44 -1.08 32.72
CA ARG A 158 32.45 -0.18 32.17
C ARG A 158 32.69 -0.38 30.67
N PHE A 159 32.27 -1.50 30.10
CA PHE A 159 32.50 -1.71 28.67
C PHE A 159 31.29 -2.23 27.93
N ALA A 160 30.78 -3.39 28.34
CA ALA A 160 29.75 -4.05 27.54
C ALA A 160 28.50 -3.17 27.41
N ARG A 161 28.00 -2.66 28.53
CA ARG A 161 26.78 -1.85 28.46
C ARG A 161 27.01 -0.52 27.77
N PRO A 162 28.00 0.30 28.16
CA PRO A 162 28.16 1.60 27.47
C PRO A 162 28.48 1.46 26.00
N VAL A 163 29.29 0.47 25.60
CA VAL A 163 29.55 0.26 24.18
C VAL A 163 28.26 -0.06 23.46
N ALA A 164 27.46 -0.98 24.02
CA ALA A 164 26.21 -1.36 23.37
C ALA A 164 25.28 -0.17 23.22
N LEU A 165 25.19 0.67 24.25
CA LEU A 165 24.26 1.79 24.20
C LEU A 165 24.66 2.80 23.14
N ARG A 166 25.95 3.16 23.10
CA ARG A 166 26.39 4.11 22.09
C ARG A 166 26.34 3.51 20.69
N THR A 167 26.55 2.19 20.59
CA THR A 167 26.49 1.54 19.28
C THR A 167 25.09 1.59 18.70
N ILE A 168 24.07 1.19 19.48
CA ILE A 168 22.73 1.13 18.93
C ILE A 168 22.21 2.53 18.62
N THR A 169 22.53 3.51 19.48
CA THR A 169 22.03 4.86 19.24
C THR A 169 22.77 5.54 18.10
N ALA A 170 24.06 5.22 17.90
CA ALA A 170 24.73 5.70 16.70
C ALA A 170 24.07 5.11 15.45
N PHE A 171 23.74 3.82 15.48
CA PHE A 171 23.06 3.21 14.35
C PHE A 171 21.68 3.84 14.13
N LEU A 172 20.94 4.08 15.22
CA LEU A 172 19.63 4.70 15.09
C LEU A 172 19.71 6.17 14.69
N GLY A 173 20.84 6.82 14.93
CA GLY A 173 20.95 8.24 14.66
C GLY A 173 20.26 9.12 15.68
N VAL A 174 20.37 8.78 16.95
CA VAL A 174 19.71 9.53 18.02
C VAL A 174 20.71 9.75 19.15
N PRO A 175 20.54 10.79 19.97
CA PRO A 175 21.46 11.00 21.11
C PRO A 175 21.29 9.90 22.13
N PRO A 176 22.39 9.38 22.69
CA PRO A 176 22.27 8.33 23.71
C PRO A 176 21.57 8.85 24.97
N PRO A 177 20.61 8.11 25.52
CA PRO A 177 20.08 8.47 26.84
C PRO A 177 21.09 8.14 27.93
N ASP A 178 20.78 8.57 29.15
CA ASP A 178 21.65 8.28 30.27
C ASP A 178 21.82 6.77 30.43
N GLY A 179 23.06 6.32 30.47
CA GLY A 179 23.33 4.90 30.43
C GLY A 179 22.80 4.16 31.64
N ALA A 180 23.05 4.68 32.83
CA ALA A 180 22.59 4.02 34.05
C ALA A 180 21.08 3.93 34.08
N GLY A 181 20.40 5.05 33.77
CA GLY A 181 18.95 5.04 33.78
C GLY A 181 18.38 4.12 32.71
N PHE A 182 18.94 4.18 31.50
CA PHE A 182 18.42 3.34 30.44
C PHE A 182 18.58 1.86 30.79
N GLU A 183 19.72 1.48 31.36
CA GLU A 183 19.91 0.09 31.76
C GLU A 183 18.84 -0.35 32.76
N GLN A 184 18.42 0.54 33.65
CA GLN A 184 17.43 0.18 34.66
C GLN A 184 16.09 -0.14 34.03
N TRP A 185 15.60 0.74 33.15
CA TRP A 185 14.36 0.47 32.42
C TRP A 185 14.51 -0.77 31.55
N SER A 186 15.61 -0.86 30.82
CA SER A 186 15.82 -2.00 29.93
C SER A 186 15.84 -3.31 30.71
N ASN A 187 16.44 -3.30 31.91
CA ASN A 187 16.54 -4.52 32.68
C ASN A 187 15.17 -5.03 33.09
N ALA A 188 14.24 -4.12 33.40
CA ALA A 188 12.89 -4.55 33.73
C ALA A 188 12.25 -5.33 32.60
N ILE A 189 12.47 -4.89 31.35
CA ILE A 189 11.93 -5.63 30.21
C ILE A 189 12.59 -6.99 30.09
N VAL A 190 13.91 -7.05 30.29
CA VAL A 190 14.60 -8.33 30.23
C VAL A 190 14.03 -9.29 31.26
N ARG A 191 13.90 -8.83 32.51
N ARG A 191 13.88 -8.82 32.51
CA ARG A 191 13.35 -9.66 33.56
CA ARG A 191 13.36 -9.70 33.55
C ARG A 191 11.95 -10.14 33.21
C ARG A 191 11.92 -10.11 33.27
N SER A 192 11.15 -9.28 32.58
CA SER A 192 9.77 -9.62 32.29
C SER A 192 9.66 -10.77 31.29
N MET A 193 10.74 -11.08 30.56
CA MET A 193 10.72 -12.23 29.67
C MET A 193 10.56 -13.53 30.44
N ASP A 194 10.82 -13.52 31.75
CA ASP A 194 10.66 -14.69 32.60
C ASP A 194 9.37 -14.64 33.42
N ALA A 195 8.41 -13.78 33.04
CA ALA A 195 7.19 -13.64 33.81
C ALA A 195 6.40 -14.94 33.89
N GLY A 196 6.59 -15.84 32.93
CA GLY A 196 5.94 -17.14 33.02
C GLY A 196 6.42 -17.94 34.21
N ILE A 197 7.66 -17.71 34.64
CA ILE A 197 8.22 -18.37 35.82
C ILE A 197 7.86 -17.61 37.09
N GLU A 198 8.05 -16.29 37.06
CA GLU A 198 7.78 -15.41 38.21
C GLU A 198 6.83 -14.33 37.73
N PRO A 199 5.52 -14.50 37.92
CA PRO A 199 4.57 -13.54 37.34
C PRO A 199 4.75 -12.11 37.83
N ALA A 200 5.32 -11.90 39.01
CA ALA A 200 5.49 -10.54 39.49
C ALA A 200 6.41 -9.72 38.59
N ARG A 201 7.18 -10.36 37.71
CA ARG A 201 8.05 -9.65 36.79
C ARG A 201 7.30 -9.00 35.62
N ALA A 202 6.02 -9.33 35.43
CA ALA A 202 5.31 -8.84 34.26
C ALA A 202 5.04 -7.35 34.33
N GLU A 203 4.58 -6.87 35.50
CA GLU A 203 4.14 -5.48 35.58
C GLU A 203 5.29 -4.50 35.39
N PRO A 204 6.43 -4.65 36.06
CA PRO A 204 7.54 -3.72 35.79
C PRO A 204 7.94 -3.72 34.32
N GLY A 205 7.84 -4.87 33.65
CA GLY A 205 8.15 -4.90 32.23
C GLY A 205 7.20 -4.06 31.40
N ASN A 206 5.90 -4.12 31.71
CA ASN A 206 4.92 -3.34 30.96
C ASN A 206 5.15 -1.84 31.13
N GLN A 207 5.43 -1.41 32.36
CA GLN A 207 5.74 0.00 32.59
C GLN A 207 6.99 0.41 31.81
N ALA A 208 8.00 -0.45 31.81
CA ALA A 208 9.24 -0.13 31.11
C ALA A 208 9.02 -0.09 29.60
N ARG A 209 8.20 -1.00 29.08
CA ARG A 209 7.89 -0.96 27.65
C ARG A 209 7.22 0.37 27.28
N ALA A 210 6.31 0.85 28.12
CA ALA A 210 5.67 2.14 27.86
C ALA A 210 6.67 3.28 27.92
N GLU A 211 7.62 3.23 28.86
CA GLU A 211 8.63 4.28 28.95
C GLU A 211 9.49 4.31 27.70
N LEU A 212 9.93 3.13 27.23
CA LEU A 212 10.73 3.10 26.02
C LEU A 212 9.92 3.50 24.79
N SER A 213 8.61 3.24 24.81
CA SER A 213 7.77 3.64 23.68
C SER A 213 7.71 5.16 23.54
N ARG A 214 7.57 5.87 24.66
CA ARG A 214 7.59 7.33 24.61
C ARG A 214 8.93 7.84 24.11
N LEU A 215 10.02 7.16 24.50
CA LEU A 215 11.33 7.53 23.98
C LEU A 215 11.36 7.40 22.46
N VAL A 216 10.87 6.27 21.94
CA VAL A 216 10.86 6.05 20.50
C VAL A 216 9.93 7.05 19.81
N THR A 217 8.82 7.38 20.46
CA THR A 217 7.90 8.36 19.89
C THR A 217 8.58 9.72 19.74
N HIS A 218 9.35 10.13 20.74
CA HIS A 218 10.08 11.39 20.64
C HIS A 218 11.09 11.34 19.50
N TRP A 219 11.79 10.22 19.35
CA TRP A 219 12.77 10.11 18.29
C TRP A 219 12.11 10.17 16.92
N LEU A 220 10.98 9.47 16.76
CA LEU A 220 10.26 9.52 15.49
C LEU A 220 9.86 10.94 15.14
N ALA A 221 9.56 11.76 16.14
CA ALA A 221 9.10 13.12 15.88
C ALA A 221 10.25 14.06 15.58
N GLU A 222 11.45 13.80 16.13
CA GLU A 222 12.53 14.77 16.11
C GLU A 222 13.81 14.26 15.45
N ALA A 223 13.91 12.98 15.14
CA ALA A 223 15.19 12.44 14.69
C ALA A 223 15.60 13.00 13.34
N ASP A 224 16.92 13.16 13.18
CA ASP A 224 17.51 13.60 11.93
C ASP A 224 17.25 12.57 10.84
N GLU A 225 17.40 13.01 9.58
CA GLU A 225 17.22 12.10 8.46
C GLU A 225 18.33 11.05 8.43
N ARG A 226 19.50 11.39 8.97
CA ARG A 226 20.57 10.41 9.10
C ARG A 226 20.20 9.38 10.16
N GLY A 227 20.42 8.11 9.84
CA GLY A 227 20.27 7.02 10.78
C GLY A 227 19.05 6.18 10.47
N PHE A 228 18.91 5.12 11.28
CA PHE A 228 17.86 4.13 11.04
C PHE A 228 16.48 4.67 11.32
N VAL A 229 16.33 5.51 12.35
CA VAL A 229 15.01 6.07 12.67
C VAL A 229 14.51 6.93 11.52
N GLY A 230 15.38 7.78 10.99
CA GLY A 230 14.98 8.61 9.85
C GLY A 230 14.58 7.76 8.66
N ALA A 231 15.34 6.69 8.40
CA ALA A 231 15.03 5.81 7.27
C ALA A 231 13.72 5.06 7.47
N ALA A 232 13.48 4.56 8.69
CA ALA A 232 12.22 3.85 8.95
C ALA A 232 11.05 4.79 8.80
N ARG A 233 11.20 6.02 9.25
CA ARG A 233 10.15 7.03 9.08
C ARG A 233 9.86 7.26 7.62
N ARG A 234 10.91 7.38 6.80
CA ARG A 234 10.70 7.57 5.37
C ARG A 234 10.00 6.37 4.76
N ALA A 235 10.49 5.17 5.08
CA ALA A 235 9.92 3.94 4.52
C ALA A 235 8.46 3.77 4.91
N ALA A 236 8.11 4.09 6.16
CA ALA A 236 6.76 3.87 6.62
C ALA A 236 5.75 4.67 5.81
N ARG A 237 6.12 5.88 5.42
CA ARG A 237 5.20 6.72 4.68
C ARG A 237 4.72 6.01 3.44
N ALA A 238 5.61 5.32 2.75
CA ALA A 238 5.24 4.62 1.52
C ALA A 238 4.44 3.33 1.79
N GLN A 239 4.87 2.52 2.76
CA GLN A 239 4.37 1.15 2.79
C GLN A 239 2.96 1.03 3.33
N ASP A 240 2.64 1.79 4.38
CA ASP A 240 1.44 1.59 5.17
C ASP A 240 1.71 0.50 6.18
N VAL A 241 2.04 0.92 7.40
CA VAL A 241 2.11 0.03 8.55
C VAL A 241 1.35 0.75 9.66
N PRO A 242 0.64 0.06 10.54
CA PRO A 242 0.05 0.76 11.67
C PRO A 242 1.16 1.47 12.40
N ALA A 243 0.92 2.72 12.75
CA ALA A 243 1.97 3.48 13.44
C ALA A 243 2.36 2.77 14.72
N ALA A 244 1.38 2.14 15.38
CA ALA A 244 1.66 1.40 16.60
C ALA A 244 2.65 0.28 16.36
N VAL A 245 2.51 -0.43 15.24
CA VAL A 245 3.46 -1.50 14.92
C VAL A 245 4.85 -0.92 14.70
N LEU A 246 4.93 0.22 13.99
CA LEU A 246 6.24 0.82 13.74
C LEU A 246 6.88 1.24 15.04
N ALA A 247 6.14 1.93 15.91
CA ALA A 247 6.71 2.38 17.17
C ALA A 247 7.11 1.19 18.03
N ASN A 248 6.24 0.18 18.12
CA ASN A 248 6.60 -1.01 18.89
C ASN A 248 7.79 -1.73 18.27
N SER A 249 7.87 -1.74 16.93
CA SER A 249 8.97 -2.43 16.27
C SER A 249 10.28 -1.67 16.44
N LEU A 250 10.24 -0.33 16.37
CA LEU A 250 11.45 0.45 16.64
C LEU A 250 11.91 0.27 18.07
N ARG A 251 10.97 0.16 19.01
CA ARG A 251 11.35 -0.14 20.39
C ARG A 251 12.05 -1.49 20.49
N ALA A 252 11.60 -2.47 19.71
CA ALA A 252 12.28 -3.75 19.68
C ALA A 252 13.69 -3.62 19.13
N VAL A 253 13.87 -2.83 18.06
CA VAL A 253 15.21 -2.63 17.51
C VAL A 253 16.13 -2.02 18.57
N LEU A 254 15.65 -0.99 19.25
CA LEU A 254 16.44 -0.35 20.31
C LEU A 254 16.78 -1.33 21.42
N HIS A 255 15.76 -2.00 21.97
CA HIS A 255 15.97 -2.85 23.13
C HIS A 255 16.72 -4.11 22.75
N ALA A 256 16.32 -4.73 21.63
CA ALA A 256 17.05 -5.90 21.16
C ALA A 256 18.50 -5.53 20.85
N GLY A 257 18.71 -4.40 20.18
CA GLY A 257 20.06 -3.99 19.86
C GLY A 257 20.90 -3.75 21.10
N TYR A 258 20.35 -3.04 22.08
CA TYR A 258 21.11 -2.76 23.29
C TYR A 258 21.37 -4.01 24.11
N GLU A 259 20.31 -4.77 24.45
CA GLU A 259 20.46 -5.86 25.40
C GLU A 259 21.18 -7.05 24.79
N SER A 260 20.88 -7.37 23.52
CA SER A 260 21.53 -8.51 22.88
C SER A 260 23.02 -8.26 22.72
N VAL A 261 23.39 -7.07 22.24
CA VAL A 261 24.80 -6.73 22.07
C VAL A 261 25.49 -6.66 23.43
N SER A 262 24.86 -5.99 24.39
CA SER A 262 25.44 -5.85 25.72
C SER A 262 25.73 -7.22 26.33
N ARG A 263 24.77 -8.14 26.22
CA ARG A 263 24.92 -9.45 26.86
C ARG A 263 25.87 -10.35 26.08
N LEU A 264 25.88 -10.25 24.75
CA LEU A 264 26.87 -10.97 23.96
C LEU A 264 28.29 -10.52 24.32
N LEU A 265 28.52 -9.21 24.36
CA LEU A 265 29.86 -8.72 24.67
C LEU A 265 30.30 -9.19 26.04
N GLY A 266 29.40 -9.15 27.03
CA GLY A 266 29.75 -9.61 28.36
C GLY A 266 30.16 -11.07 28.38
N GLY A 267 29.37 -11.93 27.74
CA GLY A 267 29.70 -13.35 27.72
C GLY A 267 30.99 -13.62 26.98
N VAL A 268 31.19 -12.94 25.84
CA VAL A 268 32.42 -13.12 25.08
C VAL A 268 33.61 -12.67 25.89
N LEU A 269 33.51 -11.52 26.55
CA LEU A 269 34.61 -11.04 27.38
C LEU A 269 34.88 -12.01 28.51
N ALA A 270 33.83 -12.59 29.11
CA ALA A 270 34.03 -13.57 30.17
C ALA A 270 34.86 -14.75 29.68
N ARG A 271 34.62 -15.19 28.45
CA ARG A 271 35.39 -16.30 27.90
C ARG A 271 36.82 -15.86 27.58
N LEU A 272 36.99 -14.66 27.03
CA LEU A 272 38.32 -14.21 26.66
C LEU A 272 39.19 -13.97 27.89
N VAL A 273 38.61 -13.50 28.99
CA VAL A 273 39.43 -13.25 30.17
C VAL A 273 39.93 -14.55 30.76
N ARG A 274 39.14 -15.62 30.67
CA ARG A 274 39.60 -16.91 31.16
C ARG A 274 40.43 -17.67 30.14
N HIS A 275 40.30 -17.34 28.85
CA HIS A 275 41.02 -18.04 27.78
C HIS A 275 41.62 -17.02 26.83
N PRO A 276 42.60 -16.25 27.28
CA PRO A 276 43.20 -15.22 26.41
C PRO A 276 43.84 -15.79 25.16
N GLU A 277 44.15 -17.09 25.13
CA GLU A 277 44.73 -17.68 23.93
C GLU A 277 43.81 -17.54 22.71
N LEU A 278 42.51 -17.32 22.94
CA LEU A 278 41.58 -17.14 21.82
C LEU A 278 41.92 -15.91 21.00
N LEU A 279 42.52 -14.89 21.61
CA LEU A 279 42.92 -13.68 20.90
C LEU A 279 44.34 -13.76 20.35
N ALA A 280 45.06 -14.86 20.61
CA ALA A 280 46.42 -15.03 20.14
C ALA A 280 46.48 -15.78 18.81
N GLY A 281 45.37 -15.83 18.08
CA GLY A 281 45.32 -16.53 16.81
C GLY A 281 45.82 -15.68 15.67
N PRO A 282 45.66 -16.18 14.43
CA PRO A 282 46.23 -15.46 13.27
C PRO A 282 45.71 -14.05 13.11
N ALA A 283 44.47 -13.76 13.50
CA ALA A 283 43.93 -12.40 13.45
C ALA A 283 43.85 -11.87 12.03
N THR A 284 43.48 -12.74 11.10
CA THR A 284 43.13 -12.35 9.74
C THR A 284 41.61 -12.24 9.64
N ARG A 285 41.15 -11.60 8.57
CA ARG A 285 39.70 -11.47 8.36
C ARG A 285 39.02 -12.83 8.41
N ASP A 286 39.60 -13.83 7.75
CA ASP A 286 38.98 -15.15 7.70
C ASP A 286 39.10 -15.88 9.03
N ALA A 287 40.24 -15.77 9.71
CA ALA A 287 40.38 -16.43 11.00
C ALA A 287 39.40 -15.86 12.01
N ASP A 288 39.25 -14.53 12.03
CA ASP A 288 38.29 -13.91 12.95
C ASP A 288 36.86 -14.26 12.59
N GLU A 289 36.57 -14.47 11.30
CA GLU A 289 35.24 -14.94 10.91
C GLU A 289 34.88 -16.22 11.64
N ALA A 290 35.79 -17.20 11.61
CA ALA A 290 35.54 -18.46 12.31
C ALA A 290 35.47 -18.26 13.82
N LEU A 291 36.36 -17.44 14.37
CA LEU A 291 36.35 -17.21 15.81
C LEU A 291 35.06 -16.53 16.25
N VAL A 292 34.63 -15.50 15.52
CA VAL A 292 33.41 -14.80 15.88
C VAL A 292 32.21 -15.74 15.81
N ASP A 293 32.18 -16.60 14.77
CA ASP A 293 31.07 -17.54 14.65
C ASP A 293 30.99 -18.46 15.86
N GLU A 294 32.15 -18.93 16.35
CA GLU A 294 32.16 -19.80 17.52
C GLU A 294 31.75 -19.05 18.78
N LEU A 295 32.22 -17.81 18.92
CA LEU A 295 31.86 -17.02 20.09
C LEU A 295 30.35 -16.77 20.14
N ILE A 296 29.75 -16.52 18.99
CA ILE A 296 28.31 -16.29 18.96
C ILE A 296 27.57 -17.60 19.22
N ARG A 297 28.05 -18.70 18.65
CA ARG A 297 27.42 -19.99 18.93
C ARG A 297 27.44 -20.28 20.43
N LEU A 298 28.57 -20.03 21.09
CA LEU A 298 28.74 -20.45 22.48
C LEU A 298 28.11 -19.46 23.45
N ASP A 299 28.28 -18.15 23.19
CA ASP A 299 27.94 -17.11 24.15
C ASP A 299 26.77 -16.24 23.71
N GLY A 300 26.11 -16.59 22.61
CA GLY A 300 24.90 -15.89 22.25
C GLY A 300 23.96 -15.86 23.43
N PRO A 301 23.41 -14.69 23.77
CA PRO A 301 22.67 -14.57 25.04
C PRO A 301 21.26 -15.12 25.02
N VAL A 302 20.65 -15.33 23.85
CA VAL A 302 19.25 -15.78 23.82
C VAL A 302 19.22 -17.26 24.20
N GLN A 303 18.67 -17.55 25.38
CA GLN A 303 18.59 -18.92 25.87
C GLN A 303 17.29 -19.60 25.49
N ALA A 304 16.22 -18.83 25.28
CA ALA A 304 14.89 -19.34 25.07
C ALA A 304 14.17 -18.48 24.05
N ASP A 305 13.45 -19.13 23.14
CA ASP A 305 12.77 -18.48 22.01
C ASP A 305 11.46 -19.23 21.82
N ALA A 306 10.33 -18.57 22.04
CA ALA A 306 9.06 -19.27 22.19
C ALA A 306 8.20 -19.22 20.93
N ARG A 307 7.36 -20.25 20.79
CA ARG A 307 6.39 -20.34 19.70
C ARG A 307 5.11 -20.99 20.23
N VAL A 308 4.01 -20.76 19.52
CA VAL A 308 2.76 -21.48 19.76
C VAL A 308 2.48 -22.39 18.57
N CYS A 309 1.96 -23.58 18.84
CA CYS A 309 1.59 -24.51 17.79
C CYS A 309 0.25 -24.11 17.20
N VAL A 310 0.22 -23.85 15.90
CA VAL A 310 -1.01 -23.48 15.20
C VAL A 310 -1.70 -24.67 14.57
N ARG A 311 -0.95 -25.73 14.25
CA ARG A 311 -1.48 -26.95 13.66
C ARG A 311 -0.67 -28.12 14.19
N ASP A 312 -1.35 -29.20 14.59
CA ASP A 312 -0.67 -30.38 15.11
C ASP A 312 0.52 -30.75 14.24
N GLN A 313 1.65 -31.06 14.87
CA GLN A 313 2.87 -31.36 14.13
C GLN A 313 3.80 -32.18 15.00
N PRO A 314 4.40 -33.27 14.48
CA PRO A 314 5.39 -33.98 15.28
C PRO A 314 6.66 -33.16 15.45
N VAL A 315 7.20 -33.15 16.66
CA VAL A 315 8.49 -32.53 16.95
C VAL A 315 9.27 -33.50 17.83
N GLY A 316 10.45 -33.90 17.37
CA GLY A 316 11.20 -34.91 18.10
C GLY A 316 10.38 -36.19 18.20
N ALA A 317 10.28 -36.73 19.40
CA ALA A 317 9.48 -37.94 19.62
C ALA A 317 8.02 -37.63 19.91
N GLN A 318 7.65 -36.36 19.96
CA GLN A 318 6.37 -35.92 20.50
C GLN A 318 5.43 -35.46 19.40
N LEU A 319 4.13 -35.60 19.67
CA LEU A 319 3.10 -34.93 18.87
C LEU A 319 2.74 -33.64 19.58
N VAL A 320 3.11 -32.51 18.99
CA VAL A 320 2.76 -31.20 19.53
C VAL A 320 1.40 -30.80 18.96
N ARG A 321 0.54 -30.27 19.81
CA ARG A 321 -0.86 -30.04 19.46
C ARG A 321 -1.16 -28.56 19.36
N ARG A 322 -2.08 -28.21 18.46
CA ARG A 322 -2.53 -26.82 18.33
C ARG A 322 -2.87 -26.26 19.70
N GLY A 323 -2.35 -25.06 19.97
CA GLY A 323 -2.54 -24.41 21.25
C GLY A 323 -1.38 -24.60 22.21
N ASP A 324 -0.55 -25.61 22.00
CA ASP A 324 0.61 -25.83 22.87
C ASP A 324 1.65 -24.73 22.69
N VAL A 325 2.35 -24.42 23.77
CA VAL A 325 3.49 -23.52 23.73
C VAL A 325 4.76 -24.35 23.68
N LEU A 326 5.72 -23.90 22.87
CA LEU A 326 7.04 -24.50 22.81
C LEU A 326 8.06 -23.44 23.17
N VAL A 327 9.00 -23.78 24.05
CA VAL A 327 10.14 -22.93 24.35
C VAL A 327 11.36 -23.59 23.72
N LEU A 328 11.93 -22.93 22.73
CA LEU A 328 13.10 -23.45 22.01
C LEU A 328 14.36 -22.97 22.72
N PHE A 329 15.08 -23.90 23.35
CA PHE A 329 16.32 -23.58 24.05
C PHE A 329 17.45 -23.52 23.02
N ILE A 330 17.52 -22.40 22.30
CA ILE A 330 18.44 -22.36 21.17
C ILE A 330 19.90 -22.35 21.61
N ALA A 331 20.19 -21.79 22.79
CA ALA A 331 21.55 -21.89 23.31
C ALA A 331 21.91 -23.36 23.61
N ALA A 332 20.93 -24.14 24.05
CA ALA A 332 21.15 -25.58 24.23
C ALA A 332 21.35 -26.27 22.90
N ALA A 333 20.55 -25.91 21.89
CA ALA A 333 20.71 -26.49 20.56
C ALA A 333 22.10 -26.23 19.99
N ASN A 334 22.67 -25.07 20.30
CA ASN A 334 24.03 -24.75 19.85
C ASN A 334 25.09 -25.55 20.60
N ARG A 335 24.71 -26.41 21.54
CA ARG A 335 25.63 -27.33 22.18
C ARG A 335 25.26 -28.80 21.92
N ASP A 336 24.42 -29.06 20.93
CA ASP A 336 24.04 -30.42 20.59
C ASP A 336 25.22 -31.15 19.98
N PRO A 337 25.75 -32.21 20.60
CA PRO A 337 26.99 -32.81 20.09
C PRO A 337 26.82 -33.54 18.77
N ALA A 338 25.60 -33.88 18.36
CA ALA A 338 25.39 -34.48 17.06
C ALA A 338 25.70 -33.51 15.92
N VAL A 339 25.63 -32.21 16.19
CA VAL A 339 25.92 -31.19 15.20
C VAL A 339 27.23 -30.46 15.50
N PHE A 340 27.60 -30.32 16.76
CA PHE A 340 28.79 -29.59 17.19
C PHE A 340 29.61 -30.50 18.10
N PRO A 341 30.37 -31.43 17.54
CA PRO A 341 31.23 -32.28 18.36
C PRO A 341 32.17 -31.45 19.24
N ASP A 342 32.41 -31.93 20.48
CA ASP A 342 33.11 -31.14 21.48
C ASP A 342 32.36 -29.83 21.63
N PRO A 343 31.06 -29.88 21.95
CA PRO A 343 30.20 -28.70 21.77
C PRO A 343 30.57 -27.51 22.63
N ASP A 344 31.22 -27.72 23.77
CA ASP A 344 31.54 -26.61 24.66
C ASP A 344 32.83 -25.91 24.30
N ALA A 345 33.52 -26.34 23.24
CA ALA A 345 34.81 -25.78 22.87
C ALA A 345 34.73 -24.97 21.59
N VAL A 346 35.58 -23.94 21.54
CA VAL A 346 35.81 -23.21 20.30
C VAL A 346 36.61 -24.10 19.37
N ARG A 347 36.06 -24.38 18.19
CA ARG A 347 36.73 -25.15 17.15
C ARG A 347 36.63 -24.32 15.87
N LEU A 348 37.78 -23.95 15.32
CA LEU A 348 37.84 -22.96 14.25
C LEU A 348 37.61 -23.54 12.87
N THR A 349 37.33 -24.84 12.76
CA THR A 349 37.18 -25.52 11.48
C THR A 349 35.76 -26.04 11.26
N ARG A 350 34.78 -25.56 12.03
CA ARG A 350 33.41 -26.00 11.82
C ARG A 350 32.82 -25.37 10.56
N ARG A 351 31.81 -26.03 10.02
CA ARG A 351 31.03 -25.48 8.92
C ARG A 351 30.27 -24.23 9.39
N ARG A 352 30.31 -23.19 8.57
CA ARG A 352 29.60 -21.95 8.85
C ARG A 352 28.12 -22.10 8.56
N GLY A 353 27.32 -21.26 9.21
CA GLY A 353 25.90 -21.24 8.95
C GLY A 353 25.06 -22.24 9.71
N LEU A 354 25.60 -22.82 10.78
CA LEU A 354 24.88 -23.84 11.52
C LEU A 354 24.20 -23.32 12.78
N HIS A 355 24.86 -22.46 13.55
CA HIS A 355 24.34 -22.11 14.87
C HIS A 355 23.02 -21.36 14.75
N LEU A 356 22.25 -21.41 15.83
CA LEU A 356 20.91 -20.85 15.87
C LEU A 356 20.82 -19.60 16.74
N ALA A 357 21.96 -18.97 17.07
CA ALA A 357 21.94 -17.87 18.01
C ALA A 357 21.23 -16.63 17.47
N PHE A 358 21.10 -16.51 16.16
CA PHE A 358 20.30 -15.44 15.55
C PHE A 358 18.94 -15.92 15.10
N GLY A 359 18.54 -17.13 15.48
CA GLY A 359 17.31 -17.71 14.98
C GLY A 359 17.46 -18.26 13.57
N ARG A 360 16.31 -18.45 12.92
CA ARG A 360 16.28 -19.01 11.58
C ARG A 360 14.90 -18.80 10.99
N GLY A 361 14.87 -18.48 9.70
CA GLY A 361 13.62 -18.29 9.00
C GLY A 361 13.10 -16.86 9.03
N ALA A 362 11.78 -16.72 8.99
CA ALA A 362 11.18 -15.40 8.76
C ALA A 362 11.54 -14.40 9.84
N HIS A 363 11.69 -14.84 11.08
CA HIS A 363 11.97 -13.95 12.19
C HIS A 363 13.45 -13.88 12.54
N ALA A 364 14.33 -14.42 11.68
CA ALA A 364 15.76 -14.41 11.94
C ALA A 364 16.24 -12.98 12.19
N CYS A 365 17.23 -12.86 13.08
CA CYS A 365 17.65 -11.56 13.60
C CYS A 365 17.91 -10.53 12.51
N LEU A 366 17.18 -9.43 12.60
CA LEU A 366 17.39 -8.30 11.69
C LEU A 366 18.81 -7.75 11.79
N GLY A 367 19.42 -7.83 12.97
CA GLY A 367 20.72 -7.23 13.17
C GLY A 367 21.89 -8.19 13.16
N ALA A 368 21.69 -9.40 12.64
CA ALA A 368 22.74 -10.41 12.68
C ALA A 368 24.02 -9.89 12.03
N GLY A 369 23.90 -9.18 10.91
CA GLY A 369 25.08 -8.63 10.28
C GLY A 369 25.72 -7.52 11.09
N LEU A 370 24.91 -6.68 11.72
CA LEU A 370 25.46 -5.63 12.56
C LEU A 370 26.18 -6.20 13.77
N ALA A 371 25.62 -7.26 14.36
CA ALA A 371 26.22 -7.83 15.57
C ALA A 371 27.54 -8.51 15.27
N THR A 372 27.64 -9.22 14.14
CA THR A 372 28.90 -9.86 13.80
C THR A 372 29.97 -8.83 13.45
N LEU A 373 29.58 -7.80 12.69
CA LEU A 373 30.50 -6.69 12.42
C LEU A 373 30.97 -6.04 13.72
N GLN A 374 30.05 -5.83 14.66
CA GLN A 374 30.40 -5.18 15.91
C GLN A 374 31.39 -6.03 16.71
N LEU A 375 31.12 -7.32 16.85
CA LEU A 375 32.03 -8.16 17.63
C LEU A 375 33.40 -8.25 16.95
N ARG A 376 33.42 -8.27 15.62
CA ARG A 376 34.68 -8.23 14.90
C ARG A 376 35.51 -7.00 15.30
N GLU A 377 34.86 -5.83 15.31
CA GLU A 377 35.58 -4.61 15.66
C GLU A 377 36.05 -4.64 17.11
N VAL A 378 35.24 -5.25 18.00
CA VAL A 378 35.65 -5.38 19.40
C VAL A 378 36.91 -6.23 19.49
N LEU A 379 36.94 -7.37 18.80
CA LEU A 379 38.14 -8.20 18.80
C LEU A 379 39.34 -7.41 18.28
N GLY A 380 39.15 -6.66 17.20
CA GLY A 380 40.25 -5.88 16.65
C GLY A 380 40.72 -4.80 17.60
N ALA A 381 39.80 -4.16 18.31
CA ALA A 381 40.20 -3.13 19.26
C ALA A 381 40.98 -3.74 20.42
N LEU A 382 40.56 -4.93 20.87
CA LEU A 382 41.29 -5.61 21.94
C LEU A 382 42.71 -5.93 21.52
N ARG A 383 42.90 -6.44 20.30
CA ARG A 383 44.26 -6.76 19.85
C ARG A 383 45.12 -5.51 19.71
N ALA A 384 44.55 -4.43 19.18
CA ALA A 384 45.33 -3.21 19.02
C ALA A 384 45.57 -2.51 20.37
N GLY A 385 44.72 -2.79 21.36
CA GLY A 385 44.86 -2.11 22.64
C GLY A 385 46.04 -2.62 23.44
N GLY A 386 46.45 -3.86 23.20
CA GLY A 386 47.57 -4.43 23.93
C GLY A 386 47.34 -4.57 25.41
N LEU A 387 46.09 -4.70 25.85
CA LEU A 387 45.76 -4.82 27.25
C LEU A 387 45.52 -6.28 27.60
N ARG A 388 46.04 -6.69 28.76
CA ARG A 388 45.83 -8.02 29.30
C ARG A 388 44.79 -7.93 30.41
N LEU A 389 43.75 -8.76 30.31
CA LEU A 389 42.57 -8.69 31.20
C LEU A 389 42.48 -9.98 31.99
N ALA A 390 42.98 -9.96 33.24
CA ALA A 390 42.98 -11.14 34.10
C ALA A 390 41.80 -11.12 35.08
N PRO A 391 41.24 -12.28 35.41
CA PRO A 391 40.14 -12.32 36.37
C PRO A 391 40.54 -11.76 37.73
N ALA A 392 39.65 -10.94 38.31
CA ALA A 392 39.83 -10.41 39.66
C ALA A 392 38.67 -10.84 40.55
N GLY A 393 38.16 -12.04 40.31
CA GLY A 393 36.96 -12.52 40.95
C GLY A 393 36.09 -13.26 39.95
N PRO A 394 35.05 -13.94 40.43
CA PRO A 394 34.23 -14.76 39.53
C PRO A 394 33.29 -13.94 38.66
N ALA A 395 33.01 -14.48 37.48
CA ALA A 395 31.88 -13.97 36.70
C ALA A 395 30.61 -14.20 37.54
N ALA A 396 29.79 -13.17 37.67
CA ALA A 396 28.54 -13.24 38.41
C ALA A 396 27.39 -13.01 37.46
N TYR A 397 26.40 -13.90 37.49
CA TYR A 397 25.30 -13.87 36.54
C TYR A 397 24.01 -13.36 37.17
N GLU A 398 23.30 -12.56 36.38
CA GLU A 398 22.02 -11.99 36.77
C GLU A 398 20.94 -13.07 36.74
N PRO A 399 19.93 -12.98 37.62
CA PRO A 399 18.85 -13.98 37.57
C PRO A 399 17.87 -13.72 36.42
N THR A 400 18.36 -13.89 35.20
CA THR A 400 17.54 -13.81 33.99
C THR A 400 17.75 -15.08 33.20
N ALA A 401 16.68 -15.80 32.90
CA ALA A 401 16.77 -17.11 32.27
C ALA A 401 16.61 -17.07 30.76
N THR A 402 15.74 -16.18 30.24
CA THR A 402 15.52 -16.13 28.80
C THR A 402 16.70 -15.47 28.09
N LEU A 403 17.19 -14.37 28.63
CA LEU A 403 18.32 -13.63 28.07
C LEU A 403 19.43 -13.65 29.10
N ARG A 404 20.45 -14.46 28.86
CA ARG A 404 21.54 -14.62 29.80
C ARG A 404 22.38 -13.35 29.86
N GLY A 405 22.78 -12.97 31.07
CA GLY A 405 23.58 -11.78 31.22
C GLY A 405 24.40 -11.81 32.49
N LEU A 406 25.58 -11.22 32.42
CA LEU A 406 26.44 -11.07 33.58
C LEU A 406 25.96 -9.90 34.43
N ALA A 407 25.99 -10.09 35.75
CA ALA A 407 25.79 -8.97 36.66
C ALA A 407 27.08 -8.20 36.88
N GLU A 408 28.21 -8.88 36.78
CA GLU A 408 29.51 -8.30 37.08
C GLU A 408 30.58 -9.18 36.45
N LEU A 409 31.64 -8.56 35.94
CA LEU A 409 32.78 -9.29 35.38
C LEU A 409 34.04 -8.58 35.86
N PRO A 410 34.53 -8.92 37.06
CA PRO A 410 35.66 -8.17 37.64
C PRO A 410 36.99 -8.65 37.08
N VAL A 411 37.81 -7.70 36.63
CA VAL A 411 39.12 -8.00 36.07
C VAL A 411 40.13 -6.96 36.54
N SER A 412 41.40 -7.33 36.46
CA SER A 412 42.51 -6.39 36.57
C SER A 412 43.04 -6.11 35.18
N VAL A 413 43.47 -4.87 34.94
CA VAL A 413 44.00 -4.45 33.64
C VAL A 413 45.50 -4.21 33.79
N ARG A 414 46.28 -4.84 32.93
CA ARG A 414 47.74 -4.69 32.99
C ARG A 414 48.34 -4.39 31.62
N PRO B 33 -9.25 -23.11 -20.34
CA PRO B 33 -8.48 -21.92 -19.97
C PRO B 33 -7.10 -21.90 -20.61
N ILE B 34 -6.68 -23.06 -21.11
CA ILE B 34 -5.34 -23.19 -21.69
C ILE B 34 -5.20 -22.28 -22.90
N TYR B 35 -3.99 -21.76 -23.10
CA TYR B 35 -3.67 -20.88 -24.22
C TYR B 35 -2.16 -20.88 -24.39
N ASP B 36 -1.73 -20.50 -25.59
CA ASP B 36 -0.32 -20.33 -25.93
C ASP B 36 0.14 -18.95 -25.49
N PRO B 37 1.03 -18.85 -24.49
CA PRO B 37 1.41 -17.51 -23.99
C PRO B 37 2.08 -16.65 -25.05
N LEU B 38 2.60 -17.25 -26.13
CA LEU B 38 3.24 -16.50 -27.20
C LEU B 38 2.37 -16.39 -28.45
N ALA B 39 1.13 -16.88 -28.40
CA ALA B 39 0.25 -16.73 -29.54
C ALA B 39 -0.02 -15.25 -29.80
N PRO B 40 -0.05 -14.81 -31.07
CA PRO B 40 -0.28 -13.38 -31.32
C PRO B 40 -1.57 -12.85 -30.72
N SER B 41 -2.65 -13.64 -30.73
CA SER B 41 -3.90 -13.17 -30.16
C SER B 41 -3.80 -12.99 -28.66
N VAL B 42 -3.02 -13.84 -27.98
CA VAL B 42 -2.81 -13.68 -26.55
C VAL B 42 -1.91 -12.48 -26.28
N ILE B 43 -0.79 -12.38 -27.00
CA ILE B 43 0.14 -11.28 -26.85
C ILE B 43 -0.54 -9.95 -27.12
N ALA B 44 -1.51 -9.92 -28.04
CA ALA B 44 -2.18 -8.66 -28.35
C ALA B 44 -2.89 -8.10 -27.13
N ASP B 45 -3.46 -8.97 -26.29
CA ASP B 45 -4.11 -8.55 -25.05
C ASP B 45 -4.25 -9.77 -24.14
N PRO B 46 -3.30 -9.99 -23.22
CA PRO B 46 -3.36 -11.22 -22.40
C PRO B 46 -4.30 -11.15 -21.21
N TYR B 47 -4.74 -9.95 -20.82
CA TYR B 47 -5.45 -9.82 -19.55
C TYR B 47 -6.78 -10.57 -19.54
N PRO B 48 -7.55 -10.64 -20.63
CA PRO B 48 -8.74 -11.51 -20.61
C PRO B 48 -8.40 -12.97 -20.40
N PHE B 49 -7.24 -13.42 -20.89
CA PHE B 49 -6.82 -14.80 -20.66
C PHE B 49 -6.39 -15.00 -19.22
N TYR B 50 -5.67 -14.03 -18.63
CA TYR B 50 -5.36 -14.11 -17.22
C TYR B 50 -6.62 -14.22 -16.38
N ARG B 51 -7.66 -13.45 -16.74
CA ARG B 51 -8.89 -13.42 -15.96
C ARG B 51 -9.62 -14.76 -16.01
N LYS B 52 -9.63 -15.40 -17.18
CA LYS B 52 -10.26 -16.71 -17.30
C LYS B 52 -9.52 -17.75 -16.45
N LEU B 53 -8.20 -17.71 -16.45
CA LEU B 53 -7.43 -18.60 -15.59
C LEU B 53 -7.76 -18.36 -14.12
N ARG B 54 -7.77 -17.09 -13.70
N ARG B 54 -7.76 -17.10 -13.69
CA ARG B 54 -7.98 -16.78 -12.28
CA ARG B 54 -7.98 -16.80 -12.28
C ARG B 54 -9.38 -17.21 -11.84
C ARG B 54 -9.38 -17.22 -11.83
N GLU B 55 -10.38 -17.01 -12.70
CA GLU B 55 -11.74 -17.40 -12.36
C GLU B 55 -11.89 -18.92 -12.29
N THR B 56 -11.03 -19.66 -12.99
CA THR B 56 -11.09 -21.11 -12.98
C THR B 56 -10.31 -21.70 -11.82
N ASN B 57 -9.08 -21.20 -11.60
CA ASN B 57 -8.25 -21.67 -10.48
C ASN B 57 -7.09 -20.72 -10.29
N THR B 58 -6.98 -20.16 -9.08
CA THR B 58 -5.93 -19.19 -8.81
C THR B 58 -4.54 -19.84 -8.76
N VAL B 59 -4.50 -21.17 -8.64
CA VAL B 59 -3.26 -21.93 -8.59
C VAL B 59 -3.50 -23.10 -9.54
N HIS B 60 -3.03 -23.00 -10.77
CA HIS B 60 -3.37 -23.92 -11.85
C HIS B 60 -2.13 -24.65 -12.33
N TRP B 61 -2.25 -25.96 -12.49
CA TRP B 61 -1.13 -26.76 -12.96
C TRP B 61 -1.06 -26.71 -14.48
N HIS B 62 0.09 -26.29 -15.01
CA HIS B 62 0.33 -26.28 -16.45
C HIS B 62 1.18 -27.50 -16.75
N GLU B 63 0.55 -28.55 -17.30
CA GLU B 63 1.25 -29.82 -17.41
C GLU B 63 2.37 -29.77 -18.43
N PHE B 64 2.22 -28.99 -19.50
CA PHE B 64 3.22 -29.02 -20.57
C PHE B 64 4.45 -28.19 -20.20
N LEU B 65 4.26 -27.07 -19.52
CA LEU B 65 5.38 -26.32 -18.96
C LEU B 65 5.85 -26.88 -17.63
N ASP B 66 5.09 -27.80 -17.02
CA ASP B 66 5.48 -28.45 -15.78
C ASP B 66 5.68 -27.43 -14.65
N SER B 67 4.73 -26.50 -14.54
CA SER B 67 4.80 -25.46 -13.53
C SER B 67 3.39 -25.06 -13.09
N TRP B 68 3.30 -24.60 -11.85
CA TRP B 68 2.09 -23.92 -11.38
C TRP B 68 2.01 -22.52 -11.97
N VAL B 69 0.80 -22.12 -12.37
CA VAL B 69 0.52 -20.76 -12.81
C VAL B 69 -0.38 -20.12 -11.76
N VAL B 70 0.11 -19.06 -11.12
CA VAL B 70 -0.57 -18.45 -9.98
C VAL B 70 -1.04 -17.07 -10.39
N THR B 71 -2.36 -16.88 -10.41
CA THR B 71 -2.96 -15.62 -10.83
C THR B 71 -3.69 -14.88 -9.71
N GLY B 72 -3.88 -15.50 -8.56
CA GLY B 72 -4.56 -14.83 -7.45
C GLY B 72 -3.61 -13.92 -6.69
N TYR B 73 -4.15 -12.76 -6.27
CA TYR B 73 -3.35 -11.79 -5.54
C TYR B 73 -2.85 -12.38 -4.22
N ALA B 74 -3.75 -13.00 -3.45
CA ALA B 74 -3.37 -13.54 -2.14
C ALA B 74 -2.27 -14.58 -2.29
N GLU B 75 -2.37 -15.42 -3.30
CA GLU B 75 -1.38 -16.48 -3.49
C GLU B 75 -0.04 -15.91 -3.96
N CYS B 76 -0.07 -14.98 -4.91
CA CYS B 76 1.18 -14.35 -5.37
C CYS B 76 1.87 -13.62 -4.22
N ARG B 77 1.10 -12.89 -3.41
CA ARG B 77 1.70 -12.19 -2.28
C ARG B 77 2.30 -13.18 -1.29
N GLN B 78 1.62 -14.31 -1.07
CA GLN B 78 2.13 -15.31 -0.13
C GLN B 78 3.50 -15.81 -0.58
N VAL B 79 3.60 -16.22 -1.85
CA VAL B 79 4.83 -16.86 -2.32
C VAL B 79 5.98 -15.86 -2.34
N LEU B 80 5.71 -14.64 -2.80
CA LEU B 80 6.77 -13.63 -2.86
C LEU B 80 7.34 -13.35 -1.48
N GLY B 81 6.49 -13.35 -0.45
CA GLY B 81 6.94 -13.02 0.89
C GLY B 81 7.52 -14.16 1.70
N ASP B 82 7.51 -15.38 1.19
CA ASP B 82 7.94 -16.56 1.94
C ASP B 82 9.19 -17.13 1.29
N THR B 83 10.35 -16.65 1.72
CA THR B 83 11.62 -17.18 1.24
C THR B 83 12.06 -18.42 1.99
N THR B 84 11.34 -18.81 3.04
CA THR B 84 11.66 -20.06 3.72
C THR B 84 11.18 -21.26 2.93
N ASN B 85 10.00 -21.16 2.32
CA ASN B 85 9.42 -22.27 1.57
C ASN B 85 9.49 -22.10 0.05
N PHE B 86 9.74 -20.89 -0.45
CA PHE B 86 9.82 -20.62 -1.88
C PHE B 86 11.02 -19.72 -2.14
N GLY B 87 11.89 -20.11 -3.08
CA GLY B 87 13.14 -19.41 -3.27
C GLY B 87 13.40 -19.04 -4.72
N SER B 88 14.44 -18.21 -4.88
CA SER B 88 15.00 -17.88 -6.18
C SER B 88 16.36 -18.51 -6.41
N ASP B 89 16.93 -19.13 -5.38
CA ASP B 89 18.24 -19.78 -5.44
C ASP B 89 18.00 -21.27 -5.62
N PHE B 90 18.16 -21.74 -6.86
CA PHE B 90 17.89 -23.14 -7.18
C PHE B 90 18.85 -24.11 -6.51
N ARG B 91 19.95 -23.62 -5.94
CA ARG B 91 20.82 -24.50 -5.16
C ARG B 91 20.09 -25.10 -3.97
N ARG B 92 19.01 -24.45 -3.52
CA ARG B 92 18.23 -24.94 -2.38
C ARG B 92 17.39 -26.16 -2.71
N ILE B 93 17.28 -26.54 -3.98
CA ILE B 93 16.65 -27.80 -4.35
C ILE B 93 17.66 -28.67 -5.08
N ASP B 94 18.95 -28.47 -4.76
CA ASP B 94 20.04 -29.33 -5.24
C ASP B 94 20.29 -29.17 -6.74
N VAL B 95 20.06 -27.98 -7.28
CA VAL B 95 20.45 -27.67 -8.65
C VAL B 95 21.83 -27.03 -8.63
N GLU B 96 22.70 -27.46 -9.54
CA GLU B 96 24.08 -26.99 -9.55
C GLU B 96 24.13 -25.58 -10.13
N ILE B 97 24.66 -24.64 -9.37
CA ILE B 97 24.82 -23.26 -9.82
C ILE B 97 26.24 -22.82 -9.48
N PRO B 98 27.12 -22.61 -10.47
CA PRO B 98 28.48 -22.18 -10.14
C PRO B 98 28.50 -20.81 -9.49
N ASP B 99 29.52 -20.58 -8.65
CA ASP B 99 29.60 -19.31 -7.93
C ASP B 99 29.71 -18.14 -8.88
N THR B 100 30.23 -18.37 -10.10
CA THR B 100 30.44 -17.27 -11.03
C THR B 100 29.14 -16.74 -11.60
N GLN B 101 28.01 -17.44 -11.39
CA GLN B 101 26.72 -17.03 -11.93
C GLN B 101 25.79 -16.46 -10.87
N LEU B 102 26.18 -16.47 -9.60
CA LEU B 102 25.32 -15.97 -8.54
C LEU B 102 25.11 -14.48 -8.66
N SER B 103 23.92 -14.03 -8.26
CA SER B 103 23.54 -12.64 -8.43
C SER B 103 22.46 -12.30 -7.42
N VAL B 104 22.24 -10.99 -7.25
CA VAL B 104 21.28 -10.54 -6.25
C VAL B 104 19.93 -11.21 -6.48
N GLN B 105 19.53 -11.38 -7.74
CA GLN B 105 18.21 -11.92 -8.03
C GLN B 105 18.12 -13.42 -7.80
N SER B 106 19.25 -14.12 -7.62
CA SER B 106 19.26 -15.57 -7.48
C SER B 106 19.85 -16.01 -6.14
N LEU B 107 19.93 -15.09 -5.18
CA LEU B 107 20.33 -15.38 -3.81
C LEU B 107 19.15 -15.08 -2.90
N ASP B 108 18.99 -15.85 -1.84
CA ASP B 108 17.93 -15.64 -0.88
C ASP B 108 18.48 -15.31 0.49
N PRO B 109 17.66 -14.76 1.38
CA PRO B 109 18.13 -14.49 2.74
C PRO B 109 18.59 -15.76 3.41
N PRO B 110 19.60 -15.70 4.29
CA PRO B 110 20.31 -14.47 4.69
C PRO B 110 21.45 -14.05 3.77
N GLU B 111 21.87 -14.92 2.85
CA GLU B 111 22.98 -14.57 1.97
C GLU B 111 22.66 -13.35 1.11
N HIS B 112 21.39 -13.21 0.74
CA HIS B 112 20.95 -12.11 -0.11
C HIS B 112 21.19 -10.76 0.55
N GLY B 113 21.23 -10.72 1.88
CA GLY B 113 21.29 -9.45 2.59
C GLY B 113 22.54 -8.64 2.28
N ALA B 114 23.68 -9.33 2.09
CA ALA B 114 24.93 -8.61 1.90
C ALA B 114 24.90 -7.78 0.62
N ILE B 115 24.63 -8.41 -0.52
CA ILE B 115 24.64 -7.67 -1.78
C ILE B 115 23.46 -6.69 -1.84
N ARG B 116 22.32 -7.09 -1.29
CA ARG B 116 21.16 -6.19 -1.25
C ARG B 116 21.49 -4.93 -0.45
N HIS B 117 22.11 -5.09 0.72
CA HIS B 117 22.49 -3.92 1.51
C HIS B 117 23.49 -3.07 0.72
N LEU B 118 24.42 -3.70 0.02
CA LEU B 118 25.38 -2.96 -0.79
C LEU B 118 24.69 -2.11 -1.84
N LEU B 119 23.76 -2.72 -2.60
CA LEU B 119 23.11 -1.99 -3.68
C LEU B 119 22.18 -0.91 -3.16
N VAL B 120 21.43 -1.19 -2.10
CA VAL B 120 20.48 -0.21 -1.57
C VAL B 120 21.21 1.00 -1.00
N SER B 121 22.26 0.76 -0.22
CA SER B 121 23.01 1.88 0.37
C SER B 121 23.63 2.72 -0.73
N ALA B 122 24.17 2.09 -1.77
CA ALA B 122 24.75 2.83 -2.87
C ALA B 122 23.69 3.66 -3.59
N LEU B 123 22.47 3.11 -3.74
CA LEU B 123 21.41 3.86 -4.38
C LEU B 123 21.09 5.14 -3.62
N HIS B 124 21.05 5.06 -2.29
CA HIS B 124 20.66 6.17 -1.44
C HIS B 124 21.69 7.30 -1.45
N GLU B 125 22.90 7.05 -1.94
CA GLU B 125 23.92 8.09 -2.02
C GLU B 125 23.73 9.03 -3.21
N GLN B 126 22.86 8.72 -4.16
CA GLN B 126 22.64 9.60 -5.30
C GLN B 126 21.74 10.75 -4.89
N PRO B 127 22.16 12.00 -5.09
CA PRO B 127 21.29 13.13 -4.70
C PRO B 127 20.06 13.19 -5.59
N LEU B 128 18.89 13.28 -4.96
CA LEU B 128 17.63 13.21 -5.69
C LEU B 128 17.43 14.39 -6.63
N SER B 129 17.91 15.59 -6.25
CA SER B 129 17.79 16.73 -7.13
C SER B 129 18.51 16.48 -8.45
N THR B 130 19.73 15.92 -8.39
CA THR B 130 20.46 15.62 -9.61
C THR B 130 19.76 14.54 -10.42
N VAL B 131 19.29 13.48 -9.76
CA VAL B 131 18.63 12.40 -10.49
C VAL B 131 17.39 12.92 -11.20
N ARG B 132 16.58 13.72 -10.51
CA ARG B 132 15.34 14.19 -11.14
C ARG B 132 15.64 15.13 -12.30
N GLN B 133 16.60 16.04 -12.12
CA GLN B 133 16.97 16.94 -13.20
C GLN B 133 17.45 16.18 -14.42
N GLN B 134 18.29 15.16 -14.23
CA GLN B 134 18.77 14.39 -15.36
C GLN B 134 17.63 13.63 -16.04
N PHE B 135 16.78 12.98 -15.24
CA PHE B 135 15.68 12.20 -15.82
C PHE B 135 14.71 13.10 -16.58
N ALA B 136 14.42 14.28 -16.03
CA ALA B 136 13.48 15.20 -16.68
C ALA B 136 14.05 15.75 -17.98
N ALA B 137 15.34 16.07 -17.99
CA ALA B 137 15.95 16.64 -19.19
C ALA B 137 15.97 15.61 -20.32
N ILE B 138 16.28 14.36 -19.98
CA ILE B 138 16.30 13.30 -20.99
C ILE B 138 14.91 13.16 -21.62
N ALA B 139 13.87 13.13 -20.79
CA ALA B 139 12.52 12.98 -21.31
C ALA B 139 12.12 14.17 -22.16
N ALA B 140 12.44 15.39 -21.71
CA ALA B 140 12.10 16.59 -22.47
C ALA B 140 12.84 16.62 -23.80
N GLN B 141 14.12 16.22 -23.80
CA GLN B 141 14.90 16.28 -25.03
C GLN B 141 14.32 15.37 -26.11
N HIS B 142 13.98 14.13 -25.75
CA HIS B 142 13.52 13.19 -26.75
C HIS B 142 12.10 13.52 -27.20
N LEU B 143 11.30 14.13 -26.33
CA LEU B 143 9.99 14.60 -26.76
C LEU B 143 10.13 15.75 -27.75
N ALA B 144 11.05 16.68 -27.47
CA ALA B 144 11.25 17.81 -28.36
C ALA B 144 11.75 17.37 -29.73
N GLU B 145 12.55 16.30 -29.78
CA GLU B 145 13.03 15.80 -31.06
C GLU B 145 11.90 15.27 -31.93
N LEU B 146 10.75 14.97 -31.33
CA LEU B 146 9.58 14.51 -32.08
C LEU B 146 8.82 15.66 -32.73
N SER B 147 9.03 16.88 -32.27
CA SER B 147 8.26 18.02 -32.79
C SER B 147 8.62 18.26 -34.25
N GLY B 148 7.59 18.50 -35.06
CA GLY B 148 7.76 18.74 -36.48
C GLY B 148 7.98 17.51 -37.33
N GLN B 149 8.06 16.33 -36.74
CA GLN B 149 8.28 15.12 -37.52
C GLN B 149 7.02 14.79 -38.31
N PRO B 150 7.09 14.69 -39.63
CA PRO B 150 5.88 14.42 -40.42
C PRO B 150 5.55 12.93 -40.42
N GLY B 151 4.30 12.64 -40.77
CA GLY B 151 3.90 11.26 -40.84
C GLY B 151 3.89 10.58 -39.49
N THR B 152 3.89 9.25 -39.56
CA THR B 152 3.83 8.41 -38.38
C THR B 152 5.21 8.22 -37.78
N VAL B 153 5.29 8.34 -36.46
CA VAL B 153 6.51 8.13 -35.70
C VAL B 153 6.24 7.01 -34.72
N ASP B 154 7.25 6.18 -34.50
CA ASP B 154 7.15 5.06 -33.56
C ASP B 154 7.72 5.48 -32.21
N LEU B 155 6.86 5.54 -31.19
CA LEU B 155 7.30 5.98 -29.87
C LEU B 155 8.16 4.95 -29.16
N VAL B 156 8.12 3.68 -29.58
CA VAL B 156 9.01 2.69 -28.97
C VAL B 156 10.45 3.00 -29.31
N SER B 157 10.78 3.04 -30.60
CA SER B 157 12.15 3.27 -31.03
C SER B 157 12.58 4.72 -30.90
N ARG B 158 11.64 5.66 -30.96
CA ARG B 158 11.98 7.07 -30.91
C ARG B 158 11.87 7.69 -29.52
N PHE B 159 11.23 7.01 -28.57
CA PHE B 159 11.14 7.57 -27.23
C PHE B 159 11.44 6.57 -26.13
N ALA B 160 10.67 5.49 -26.04
CA ALA B 160 10.76 4.59 -24.89
C ALA B 160 12.16 4.01 -24.74
N ARG B 161 12.71 3.46 -25.82
CA ARG B 161 14.03 2.83 -25.71
C ARG B 161 15.12 3.85 -25.49
N PRO B 162 15.25 4.92 -26.29
CA PRO B 162 16.35 5.87 -26.05
C PRO B 162 16.26 6.57 -24.71
N VAL B 163 15.06 6.93 -24.25
CA VAL B 163 14.92 7.52 -22.93
C VAL B 163 15.37 6.53 -21.87
N ALA B 164 14.93 5.27 -21.98
CA ALA B 164 15.32 4.27 -20.99
C ALA B 164 16.83 4.08 -20.96
N LEU B 165 17.47 4.04 -22.12
CA LEU B 165 18.91 3.79 -22.17
C LEU B 165 19.69 4.95 -21.57
N ARG B 166 19.35 6.18 -21.94
CA ARG B 166 20.06 7.32 -21.39
C ARG B 166 19.76 7.50 -19.92
N THR B 167 18.55 7.13 -19.48
CA THR B 167 18.19 7.23 -18.07
C THR B 167 19.04 6.30 -17.21
N ILE B 168 19.12 5.02 -17.59
CA ILE B 168 19.83 4.06 -16.76
C ILE B 168 21.34 4.36 -16.77
N THR B 169 21.89 4.75 -17.93
CA THR B 169 23.32 5.02 -17.97
C THR B 169 23.66 6.34 -17.28
N ALA B 170 22.75 7.31 -17.30
CA ALA B 170 22.96 8.51 -16.50
C ALA B 170 22.99 8.17 -15.01
N PHE B 171 22.06 7.33 -14.56
CA PHE B 171 22.06 6.91 -13.16
C PHE B 171 23.33 6.15 -12.82
N LEU B 172 23.77 5.25 -13.71
CA LEU B 172 25.00 4.51 -13.47
C LEU B 172 26.24 5.39 -13.54
N GLY B 173 26.17 6.54 -14.22
CA GLY B 173 27.33 7.39 -14.39
C GLY B 173 28.29 6.89 -15.44
N VAL B 174 27.79 6.38 -16.55
CA VAL B 174 28.61 5.78 -17.61
C VAL B 174 28.12 6.29 -18.96
N PRO B 175 29.00 6.27 -19.96
CA PRO B 175 28.60 6.72 -21.30
C PRO B 175 27.61 5.76 -21.92
N PRO B 176 26.55 6.24 -22.56
CA PRO B 176 25.58 5.34 -23.19
C PRO B 176 26.22 4.55 -24.32
N PRO B 177 25.98 3.25 -24.39
CA PRO B 177 26.36 2.50 -25.60
C PRO B 177 25.43 2.85 -26.76
N ASP B 178 25.79 2.37 -27.94
CA ASP B 178 24.94 2.58 -29.11
C ASP B 178 23.57 1.97 -28.88
N GLY B 179 22.53 2.78 -29.09
CA GLY B 179 21.18 2.36 -28.72
C GLY B 179 20.67 1.17 -29.51
N ALA B 180 20.82 1.21 -30.84
CA ALA B 180 20.33 0.12 -31.67
C ALA B 180 21.04 -1.19 -31.31
N GLY B 181 22.35 -1.14 -31.16
CA GLY B 181 23.09 -2.34 -30.80
C GLY B 181 22.74 -2.84 -29.41
N PHE B 182 22.64 -1.94 -28.44
CA PHE B 182 22.32 -2.38 -27.09
C PHE B 182 20.94 -3.02 -27.04
N GLU B 183 19.97 -2.45 -27.75
CA GLU B 183 18.64 -3.04 -27.77
C GLU B 183 18.68 -4.46 -28.32
N GLN B 184 19.55 -4.71 -29.31
CA GLN B 184 19.62 -6.05 -29.88
C GLN B 184 20.13 -7.05 -28.86
N TRP B 185 21.23 -6.72 -28.17
CA TRP B 185 21.73 -7.60 -27.12
C TRP B 185 20.72 -7.76 -25.99
N SER B 186 20.18 -6.63 -25.51
CA SER B 186 19.24 -6.69 -24.40
C SER B 186 18.00 -7.52 -24.77
N ASN B 187 17.53 -7.39 -26.01
CA ASN B 187 16.33 -8.10 -26.43
C ASN B 187 16.55 -9.61 -26.41
N ALA B 188 17.74 -10.06 -26.77
CA ALA B 188 18.03 -11.49 -26.71
C ALA B 188 17.86 -12.01 -25.30
N ILE B 189 18.28 -11.23 -24.31
CA ILE B 189 18.12 -11.65 -22.91
C ILE B 189 16.65 -11.68 -22.53
N VAL B 190 15.88 -10.67 -22.93
CA VAL B 190 14.46 -10.66 -22.61
C VAL B 190 13.78 -11.90 -23.17
N ARG B 191 14.08 -12.24 -24.43
CA ARG B 191 13.44 -13.39 -25.05
C ARG B 191 13.84 -14.69 -24.37
N SER B 192 15.07 -14.76 -23.85
CA SER B 192 15.52 -15.97 -23.17
C SER B 192 14.72 -16.25 -21.91
N MET B 193 13.99 -15.24 -21.38
CA MET B 193 13.14 -15.50 -20.23
C MET B 193 11.99 -16.43 -20.57
N ASP B 194 11.66 -16.58 -21.86
CA ASP B 194 10.60 -17.48 -22.31
C ASP B 194 11.15 -18.80 -22.81
N ALA B 195 12.40 -19.14 -22.47
CA ALA B 195 13.00 -20.36 -22.96
C ALA B 195 12.25 -21.61 -22.52
N GLY B 196 11.48 -21.54 -21.44
CA GLY B 196 10.64 -22.66 -21.07
C GLY B 196 9.57 -22.95 -22.10
N ILE B 197 9.13 -21.92 -22.81
CA ILE B 197 8.15 -22.07 -23.88
C ILE B 197 8.83 -22.42 -25.20
N GLU B 198 9.89 -21.69 -25.53
CA GLU B 198 10.64 -21.90 -26.77
C GLU B 198 12.10 -22.08 -26.41
N PRO B 199 12.57 -23.33 -26.27
CA PRO B 199 13.93 -23.53 -25.73
C PRO B 199 15.04 -22.90 -26.56
N ALA B 200 14.83 -22.70 -27.86
CA ALA B 200 15.87 -22.11 -28.69
C ALA B 200 16.18 -20.66 -28.29
N ARG B 201 15.32 -20.02 -27.50
CA ARG B 201 15.58 -18.65 -27.10
C ARG B 201 16.68 -18.54 -26.06
N ALA B 202 17.12 -19.65 -25.47
CA ALA B 202 18.08 -19.59 -24.38
C ALA B 202 19.46 -19.18 -24.87
N GLU B 203 19.94 -19.75 -25.97
CA GLU B 203 21.34 -19.57 -26.35
C GLU B 203 21.65 -18.13 -26.72
N PRO B 204 20.87 -17.44 -27.55
CA PRO B 204 21.19 -16.03 -27.82
C PRO B 204 21.30 -15.19 -26.55
N GLY B 205 20.49 -15.50 -25.53
CA GLY B 205 20.60 -14.78 -24.28
C GLY B 205 21.93 -14.96 -23.60
N ASN B 206 22.48 -16.18 -23.65
CA ASN B 206 23.77 -16.44 -23.03
C ASN B 206 24.87 -15.61 -23.69
N GLN B 207 24.83 -15.51 -25.02
CA GLN B 207 25.80 -14.66 -25.71
C GLN B 207 25.64 -13.20 -25.29
N ALA B 208 24.40 -12.72 -25.20
CA ALA B 208 24.18 -11.32 -24.86
C ALA B 208 24.58 -11.02 -23.42
N ARG B 209 24.35 -11.97 -22.50
CA ARG B 209 24.77 -11.77 -21.11
C ARG B 209 26.27 -11.57 -21.02
N ALA B 210 27.05 -12.35 -21.79
CA ALA B 210 28.50 -12.17 -21.78
C ALA B 210 28.87 -10.79 -22.28
N GLU B 211 28.16 -10.30 -23.30
CA GLU B 211 28.43 -8.95 -23.80
C GLU B 211 28.15 -7.88 -22.75
N LEU B 212 27.04 -8.02 -22.02
CA LEU B 212 26.75 -7.04 -20.98
C LEU B 212 27.75 -7.15 -19.84
N SER B 213 28.30 -8.34 -19.60
CA SER B 213 29.32 -8.51 -18.57
C SER B 213 30.60 -7.77 -18.93
N ARG B 214 31.01 -7.83 -20.19
CA ARG B 214 32.21 -7.11 -20.61
C ARG B 214 32.03 -5.61 -20.41
N LEU B 215 30.83 -5.10 -20.70
CA LEU B 215 30.52 -3.70 -20.48
C LEU B 215 30.60 -3.35 -18.99
N VAL B 216 29.99 -4.18 -18.14
CA VAL B 216 29.99 -3.92 -16.70
C VAL B 216 31.41 -4.01 -16.14
N THR B 217 32.21 -4.95 -16.63
CA THR B 217 33.58 -5.07 -16.14
C THR B 217 34.37 -3.80 -16.44
N HIS B 218 34.19 -3.24 -17.63
CA HIS B 218 34.87 -1.99 -17.96
C HIS B 218 34.43 -0.86 -17.04
N TRP B 219 33.14 -0.77 -16.77
CA TRP B 219 32.61 0.31 -15.94
C TRP B 219 33.15 0.24 -14.52
N LEU B 220 33.18 -0.97 -13.94
CA LEU B 220 33.72 -1.10 -12.58
C LEU B 220 35.15 -0.63 -12.51
N ALA B 221 35.94 -0.84 -13.56
CA ALA B 221 37.35 -0.49 -13.53
C ALA B 221 37.59 0.99 -13.80
N GLU B 222 36.74 1.65 -14.58
CA GLU B 222 37.03 2.99 -15.04
C GLU B 222 35.98 4.04 -14.76
N ALA B 223 34.77 3.66 -14.33
CA ALA B 223 33.69 4.62 -14.22
C ALA B 223 33.98 5.64 -13.12
N ASP B 224 33.46 6.86 -13.34
CA ASP B 224 33.56 7.96 -12.39
C ASP B 224 32.88 7.62 -11.06
N GLU B 225 33.28 8.35 -10.02
CA GLU B 225 32.73 8.18 -8.68
C GLU B 225 31.30 8.69 -8.53
N ARG B 226 30.80 9.48 -9.47
CA ARG B 226 29.60 10.25 -9.22
C ARG B 226 28.30 9.49 -9.49
N GLY B 227 28.37 8.31 -10.09
CA GLY B 227 27.21 7.53 -10.44
C GLY B 227 27.03 6.30 -9.55
N PHE B 228 26.02 5.51 -9.91
CA PHE B 228 25.71 4.32 -9.12
C PHE B 228 26.83 3.30 -9.20
N VAL B 229 27.52 3.20 -10.34
CA VAL B 229 28.64 2.27 -10.43
C VAL B 229 29.73 2.67 -9.43
N GLY B 230 30.06 3.96 -9.38
CA GLY B 230 31.03 4.42 -8.40
C GLY B 230 30.55 4.21 -6.98
N ALA B 231 29.26 4.44 -6.72
CA ALA B 231 28.73 4.26 -5.38
C ALA B 231 28.73 2.79 -4.99
N ALA B 232 28.35 1.90 -5.90
CA ALA B 232 28.36 0.48 -5.59
C ALA B 232 29.78 -0.01 -5.30
N ARG B 233 30.76 0.48 -6.06
CA ARG B 233 32.15 0.11 -5.85
C ARG B 233 32.62 0.57 -4.45
N ARG B 234 32.24 1.78 -4.04
CA ARG B 234 32.60 2.23 -2.70
C ARG B 234 31.90 1.36 -1.64
N ALA B 235 30.60 1.11 -1.81
CA ALA B 235 29.88 0.29 -0.85
C ALA B 235 30.55 -1.07 -0.69
N ALA B 236 31.04 -1.62 -1.81
CA ALA B 236 31.67 -2.94 -1.79
C ALA B 236 32.88 -2.98 -0.87
N ARG B 237 33.61 -1.86 -0.75
CA ARG B 237 34.78 -1.83 0.11
C ARG B 237 34.44 -2.13 1.57
N ALA B 238 33.23 -1.74 2.02
CA ALA B 238 32.83 -1.96 3.40
C ALA B 238 32.44 -3.41 3.68
N GLN B 239 32.34 -4.25 2.66
CA GLN B 239 31.85 -5.62 2.83
C GLN B 239 32.79 -6.60 2.11
N ASP B 240 32.41 -7.88 2.13
CA ASP B 240 33.16 -8.96 1.52
C ASP B 240 32.30 -9.74 0.52
N VAL B 241 31.47 -9.04 -0.23
CA VAL B 241 30.68 -9.71 -1.27
C VAL B 241 31.60 -10.17 -2.39
N PRO B 242 31.44 -11.39 -2.90
CA PRO B 242 32.31 -11.84 -4.00
C PRO B 242 32.20 -10.94 -5.22
N ALA B 243 33.35 -10.74 -5.88
CA ALA B 243 33.39 -9.85 -7.03
C ALA B 243 32.39 -10.28 -8.10
N ALA B 244 32.25 -11.58 -8.32
CA ALA B 244 31.31 -12.06 -9.33
C ALA B 244 29.88 -11.68 -8.98
N VAL B 245 29.52 -11.76 -7.70
CA VAL B 245 28.17 -11.39 -7.29
C VAL B 245 27.92 -9.91 -7.55
N LEU B 246 28.90 -9.06 -7.22
CA LEU B 246 28.75 -7.64 -7.50
C LEU B 246 28.63 -7.38 -9.00
N ALA B 247 29.51 -7.96 -9.80
CA ALA B 247 29.50 -7.70 -11.23
C ALA B 247 28.19 -8.19 -11.84
N ASN B 248 27.75 -9.40 -11.48
CA ASN B 248 26.49 -9.91 -12.01
C ASN B 248 25.31 -9.06 -11.55
N SER B 249 25.36 -8.55 -10.32
CA SER B 249 24.24 -7.75 -9.82
C SER B 249 24.19 -6.39 -10.51
N LEU B 250 25.35 -5.79 -10.77
CA LEU B 250 25.37 -4.56 -11.57
C LEU B 250 24.86 -4.81 -12.98
N ARG B 251 25.16 -5.98 -13.54
CA ARG B 251 24.58 -6.32 -14.84
C ARG B 251 23.07 -6.40 -14.75
N ALA B 252 22.54 -6.94 -13.64
CA ALA B 252 21.09 -6.96 -13.45
C ALA B 252 20.52 -5.55 -13.35
N VAL B 253 21.21 -4.66 -12.63
CA VAL B 253 20.74 -3.29 -12.53
C VAL B 253 20.64 -2.66 -13.92
N LEU B 254 21.68 -2.85 -14.73
CA LEU B 254 21.69 -2.30 -16.08
C LEU B 254 20.54 -2.85 -16.91
N HIS B 255 20.41 -4.18 -16.97
CA HIS B 255 19.43 -4.76 -17.88
C HIS B 255 18.01 -4.60 -17.35
N ALA B 256 17.79 -4.87 -16.06
CA ALA B 256 16.46 -4.67 -15.51
C ALA B 256 16.04 -3.21 -15.62
N GLY B 257 16.97 -2.30 -15.31
CA GLY B 257 16.66 -0.88 -15.41
C GLY B 257 16.28 -0.46 -16.82
N TYR B 258 17.07 -0.89 -17.81
CA TYR B 258 16.78 -0.50 -19.19
C TYR B 258 15.45 -1.08 -19.65
N GLU B 259 15.28 -2.40 -19.52
CA GLU B 259 14.12 -3.05 -20.11
C GLU B 259 12.84 -2.74 -19.34
N SER B 260 12.91 -2.68 -18.01
CA SER B 260 11.70 -2.38 -17.25
C SER B 260 11.20 -0.98 -17.57
N VAL B 261 12.11 0.00 -17.57
CA VAL B 261 11.71 1.37 -17.89
C VAL B 261 11.23 1.47 -19.33
N SER B 262 12.00 0.90 -20.26
CA SER B 262 11.63 0.97 -21.68
C SER B 262 10.25 0.38 -21.93
N ARG B 263 9.99 -0.80 -21.36
CA ARG B 263 8.73 -1.48 -21.62
C ARG B 263 7.57 -0.85 -20.87
N LEU B 264 7.82 -0.35 -19.65
CA LEU B 264 6.80 0.41 -18.94
C LEU B 264 6.40 1.65 -19.72
N LEU B 265 7.39 2.41 -20.21
CA LEU B 265 7.10 3.62 -20.94
C LEU B 265 6.25 3.33 -22.18
N GLY B 266 6.58 2.24 -22.89
CA GLY B 266 5.79 1.88 -24.06
C GLY B 266 4.34 1.61 -23.71
N GLY B 267 4.11 0.80 -22.68
CA GLY B 267 2.75 0.48 -22.29
C GLY B 267 1.98 1.67 -21.75
N VAL B 268 2.63 2.48 -20.92
CA VAL B 268 1.95 3.66 -20.39
C VAL B 268 1.63 4.64 -21.52
N LEU B 269 2.58 4.87 -22.43
CA LEU B 269 2.32 5.77 -23.55
C LEU B 269 1.17 5.25 -24.41
N ALA B 270 1.06 3.94 -24.58
CA ALA B 270 -0.06 3.39 -25.34
C ALA B 270 -1.38 3.81 -24.72
N ARG B 271 -1.46 3.82 -23.39
CA ARG B 271 -2.68 4.27 -22.72
C ARG B 271 -2.87 5.78 -22.84
N LEU B 272 -1.78 6.54 -22.66
CA LEU B 272 -1.91 8.00 -22.62
C LEU B 272 -2.29 8.59 -23.97
N VAL B 273 -1.77 8.05 -25.07
CA VAL B 273 -2.11 8.65 -26.36
C VAL B 273 -3.58 8.44 -26.66
N ARG B 274 -4.17 7.34 -26.17
CA ARG B 274 -5.59 7.10 -26.35
C ARG B 274 -6.45 7.79 -25.31
N HIS B 275 -5.91 8.10 -24.13
CA HIS B 275 -6.66 8.76 -23.06
C HIS B 275 -5.84 9.91 -22.51
N PRO B 276 -5.60 10.94 -23.33
CA PRO B 276 -4.80 12.08 -22.85
C PRO B 276 -5.43 12.79 -21.66
N GLU B 277 -6.72 12.58 -21.41
CA GLU B 277 -7.34 13.20 -20.25
C GLU B 277 -6.68 12.76 -18.95
N LEU B 278 -5.96 11.64 -18.96
CA LEU B 278 -5.24 11.22 -17.76
C LEU B 278 -4.22 12.26 -17.33
N LEU B 279 -3.74 13.07 -18.27
CA LEU B 279 -2.76 14.11 -18.00
C LEU B 279 -3.40 15.44 -17.61
N ALA B 280 -4.73 15.52 -17.60
CA ALA B 280 -5.43 16.77 -17.31
C ALA B 280 -5.82 16.91 -15.84
N GLY B 281 -5.21 16.13 -14.95
CA GLY B 281 -5.55 16.17 -13.54
C GLY B 281 -4.85 17.29 -12.79
N PRO B 282 -4.97 17.27 -11.46
CA PRO B 282 -4.39 18.38 -10.67
C PRO B 282 -2.90 18.58 -10.89
N ALA B 283 -2.16 17.51 -11.18
CA ALA B 283 -0.73 17.58 -11.46
C ALA B 283 0.06 18.11 -10.26
N THR B 284 -0.36 17.70 -9.07
CA THR B 284 0.41 17.92 -7.86
C THR B 284 1.25 16.68 -7.59
N ARG B 285 2.21 16.78 -6.68
CA ARG B 285 3.03 15.62 -6.37
C ARG B 285 2.17 14.45 -5.92
N ASP B 286 1.22 14.71 -5.01
CA ASP B 286 0.40 13.62 -4.48
C ASP B 286 -0.57 13.09 -5.54
N ALA B 287 -1.16 13.99 -6.34
CA ALA B 287 -2.06 13.54 -7.39
C ALA B 287 -1.34 12.70 -8.44
N ASP B 288 -0.14 13.12 -8.84
CA ASP B 288 0.64 12.34 -9.79
C ASP B 288 1.14 11.04 -9.16
N GLU B 289 1.39 11.03 -7.85
CA GLU B 289 1.75 9.80 -7.16
C GLU B 289 0.67 8.74 -7.35
N ALA B 290 -0.59 9.13 -7.14
CA ALA B 290 -1.69 8.18 -7.33
C ALA B 290 -1.79 7.72 -8.77
N LEU B 291 -1.67 8.67 -9.72
CA LEU B 291 -1.77 8.29 -11.13
C LEU B 291 -0.64 7.35 -11.53
N VAL B 292 0.59 7.65 -11.10
CA VAL B 292 1.72 6.79 -11.44
C VAL B 292 1.51 5.39 -10.87
N ASP B 293 0.99 5.32 -9.64
CA ASP B 293 0.74 4.03 -9.01
C ASP B 293 -0.24 3.20 -9.81
N GLU B 294 -1.30 3.82 -10.33
CA GLU B 294 -2.27 3.09 -11.15
C GLU B 294 -1.70 2.69 -12.49
N LEU B 295 -0.89 3.56 -13.10
CA LEU B 295 -0.28 3.23 -14.38
C LEU B 295 0.66 2.04 -14.24
N ILE B 296 1.40 1.98 -13.14
CA ILE B 296 2.29 0.84 -12.91
C ILE B 296 1.48 -0.42 -12.61
N ARG B 297 0.43 -0.30 -11.80
CA ARG B 297 -0.41 -1.46 -11.55
C ARG B 297 -0.96 -2.03 -12.86
N LEU B 298 -1.43 -1.15 -13.75
CA LEU B 298 -2.11 -1.62 -14.95
C LEU B 298 -1.14 -2.03 -16.05
N ASP B 299 -0.07 -1.24 -16.24
CA ASP B 299 0.80 -1.40 -17.40
C ASP B 299 2.20 -1.89 -17.03
N GLY B 300 2.44 -2.22 -15.76
CA GLY B 300 3.70 -2.79 -15.36
C GLY B 300 4.06 -3.94 -16.26
N PRO B 301 5.29 -3.96 -16.77
CA PRO B 301 5.62 -4.94 -17.83
C PRO B 301 5.90 -6.35 -17.35
N VAL B 302 6.19 -6.57 -16.07
CA VAL B 302 6.53 -7.91 -15.60
C VAL B 302 5.24 -8.73 -15.50
N GLN B 303 5.10 -9.72 -16.39
CA GLN B 303 3.95 -10.59 -16.41
C GLN B 303 4.14 -11.85 -15.59
N ALA B 304 5.38 -12.29 -15.42
CA ALA B 304 5.70 -13.56 -14.79
C ALA B 304 6.94 -13.41 -13.92
N ASP B 305 6.87 -13.99 -12.72
CA ASP B 305 7.91 -13.87 -11.70
C ASP B 305 7.99 -15.24 -11.03
N ALA B 306 9.10 -15.94 -11.22
CA ALA B 306 9.17 -17.36 -10.91
C ALA B 306 9.85 -17.61 -9.57
N ARG B 307 9.46 -18.72 -8.94
CA ARG B 307 10.05 -19.22 -7.72
C ARG B 307 10.08 -20.74 -7.80
N VAL B 308 10.94 -21.36 -6.98
CA VAL B 308 10.94 -22.81 -6.78
C VAL B 308 10.48 -23.09 -5.37
N CYS B 309 9.74 -24.18 -5.20
CA CYS B 309 9.31 -24.61 -3.88
C CYS B 309 10.43 -25.36 -3.18
N VAL B 310 10.83 -24.87 -2.00
CA VAL B 310 11.91 -25.50 -1.25
C VAL B 310 11.38 -26.52 -0.25
N ARG B 311 10.20 -26.30 0.30
CA ARG B 311 9.58 -27.21 1.25
C ARG B 311 8.09 -27.27 0.95
N ASP B 312 7.53 -28.48 0.95
CA ASP B 312 6.10 -28.67 0.72
C ASP B 312 5.30 -27.61 1.46
N GLN B 313 4.37 -26.98 0.74
CA GLN B 313 3.64 -25.86 1.33
C GLN B 313 2.33 -25.66 0.60
N PRO B 314 1.22 -25.44 1.32
CA PRO B 314 -0.04 -25.11 0.63
C PRO B 314 0.01 -23.71 0.04
N VAL B 315 -0.50 -23.60 -1.19
CA VAL B 315 -0.70 -22.32 -1.86
C VAL B 315 -2.11 -22.34 -2.44
N GLY B 316 -2.95 -21.42 -2.00
CA GLY B 316 -4.33 -21.45 -2.43
C GLY B 316 -5.00 -22.76 -2.03
N ALA B 317 -5.67 -23.38 -3.00
CA ALA B 317 -6.31 -24.67 -2.80
C ALA B 317 -5.38 -25.84 -3.09
N GLN B 318 -4.14 -25.57 -3.45
CA GLN B 318 -3.21 -26.58 -3.92
C GLN B 318 -2.09 -26.82 -2.90
N LEU B 319 -1.64 -28.07 -2.84
CA LEU B 319 -0.42 -28.42 -2.13
C LEU B 319 0.73 -28.37 -3.12
N VAL B 320 1.65 -27.44 -2.91
CA VAL B 320 2.85 -27.35 -3.74
C VAL B 320 3.95 -28.16 -3.07
N ARG B 321 4.78 -28.80 -3.88
CA ARG B 321 5.76 -29.77 -3.39
C ARG B 321 7.18 -29.31 -3.67
N ARG B 322 8.10 -29.74 -2.82
CA ARG B 322 9.51 -29.38 -2.99
C ARG B 322 9.97 -29.78 -4.39
N GLY B 323 10.63 -28.84 -5.06
CA GLY B 323 11.07 -29.02 -6.41
C GLY B 323 10.14 -28.45 -7.46
N ASP B 324 8.88 -28.19 -7.11
CA ASP B 324 7.95 -27.60 -8.05
C ASP B 324 8.37 -26.18 -8.40
N VAL B 325 8.14 -25.79 -9.65
CA VAL B 325 8.33 -24.43 -10.11
C VAL B 325 6.97 -23.73 -10.09
N LEU B 326 6.95 -22.49 -9.63
CA LEU B 326 5.75 -21.67 -9.67
C LEU B 326 6.04 -20.41 -10.47
N VAL B 327 5.14 -20.09 -11.40
CA VAL B 327 5.20 -18.84 -12.15
C VAL B 327 4.11 -17.94 -11.61
N LEU B 328 4.50 -16.84 -10.99
CA LEU B 328 3.56 -15.88 -10.39
C LEU B 328 3.18 -14.87 -11.46
N PHE B 329 1.91 -14.91 -11.88
CA PHE B 329 1.39 -13.97 -12.86
C PHE B 329 1.00 -12.69 -12.11
N ILE B 330 2.02 -11.88 -11.80
CA ILE B 330 1.79 -10.72 -10.94
C ILE B 330 1.00 -9.64 -11.68
N ALA B 331 1.13 -9.56 -13.00
CA ALA B 331 0.29 -8.63 -13.75
C ALA B 331 -1.17 -9.05 -13.65
N ALA B 332 -1.42 -10.36 -13.64
CA ALA B 332 -2.78 -10.86 -13.44
C ALA B 332 -3.25 -10.57 -12.02
N ALA B 333 -2.40 -10.79 -11.02
CA ALA B 333 -2.78 -10.49 -9.64
C ALA B 333 -3.16 -9.03 -9.47
N ASN B 334 -2.52 -8.14 -10.23
CA ASN B 334 -2.84 -6.71 -10.17
C ASN B 334 -4.17 -6.38 -10.82
N ARG B 335 -4.88 -7.37 -11.36
CA ARG B 335 -6.24 -7.19 -11.85
C ARG B 335 -7.24 -8.03 -11.06
N ASP B 336 -6.86 -8.52 -9.88
CA ASP B 336 -7.75 -9.34 -9.05
C ASP B 336 -8.87 -8.48 -8.47
N PRO B 337 -10.14 -8.74 -8.82
CA PRO B 337 -11.20 -7.81 -8.39
C PRO B 337 -11.47 -7.84 -6.89
N ALA B 338 -11.05 -8.88 -6.18
CA ALA B 338 -11.20 -8.89 -4.72
C ALA B 338 -10.32 -7.84 -4.06
N VAL B 339 -9.24 -7.44 -4.73
CA VAL B 339 -8.34 -6.42 -4.20
C VAL B 339 -8.47 -5.10 -4.95
N PHE B 340 -8.78 -5.14 -6.24
CA PHE B 340 -8.87 -3.95 -7.07
C PHE B 340 -10.22 -3.96 -7.79
N PRO B 341 -11.29 -3.55 -7.09
CA PRO B 341 -12.60 -3.48 -7.76
C PRO B 341 -12.52 -2.63 -9.02
N ASP B 342 -13.27 -3.04 -10.05
CA ASP B 342 -13.14 -2.41 -11.36
C ASP B 342 -11.67 -2.50 -11.79
N PRO B 343 -11.11 -3.70 -11.87
CA PRO B 343 -9.63 -3.82 -11.92
C PRO B 343 -8.99 -3.21 -13.16
N ASP B 344 -9.70 -3.09 -14.27
CA ASP B 344 -9.10 -2.60 -15.50
C ASP B 344 -9.13 -1.08 -15.63
N ALA B 345 -9.64 -0.36 -14.64
CA ALA B 345 -9.80 1.08 -14.73
C ALA B 345 -8.78 1.80 -13.86
N VAL B 346 -8.38 2.98 -14.32
CA VAL B 346 -7.59 3.88 -13.49
C VAL B 346 -8.52 4.49 -12.45
N ARG B 347 -8.23 4.24 -11.17
CA ARG B 347 -8.97 4.83 -10.06
C ARG B 347 -7.96 5.45 -9.11
N LEU B 348 -8.05 6.76 -8.91
CA LEU B 348 -7.01 7.51 -8.20
C LEU B 348 -7.20 7.50 -6.70
N THR B 349 -8.20 6.78 -6.19
CA THR B 349 -8.50 6.75 -4.76
C THR B 349 -8.26 5.38 -4.14
N ARG B 350 -7.54 4.50 -4.82
CA ARG B 350 -7.21 3.21 -4.23
C ARG B 350 -6.14 3.35 -3.15
N ARG B 351 -6.14 2.42 -2.21
CA ARG B 351 -5.10 2.40 -1.19
C ARG B 351 -3.74 2.15 -1.82
N ARG B 352 -2.74 2.90 -1.39
CA ARG B 352 -1.38 2.75 -1.86
C ARG B 352 -0.73 1.51 -1.25
N GLY B 353 0.28 0.99 -1.95
CA GLY B 353 1.06 -0.11 -1.43
C GLY B 353 0.50 -1.48 -1.65
N LEU B 354 -0.47 -1.64 -2.57
CA LEU B 354 -1.09 -2.93 -2.80
C LEU B 354 -0.53 -3.66 -4.02
N HIS B 355 -0.30 -2.97 -5.14
CA HIS B 355 0.02 -3.68 -6.36
C HIS B 355 1.36 -4.40 -6.23
N LEU B 356 1.53 -5.45 -7.03
CA LEU B 356 2.69 -6.33 -6.97
C LEU B 356 3.61 -6.13 -8.16
N ALA B 357 3.46 -5.02 -8.90
CA ALA B 357 4.21 -4.83 -10.12
C ALA B 357 5.69 -4.66 -9.88
N PHE B 358 6.09 -4.29 -8.66
CA PHE B 358 7.49 -4.25 -8.27
C PHE B 358 7.90 -5.46 -7.44
N GLY B 359 7.07 -6.50 -7.41
CA GLY B 359 7.31 -7.60 -6.51
C GLY B 359 6.88 -7.24 -5.10
N ARG B 360 7.41 -8.00 -4.14
CA ARG B 360 7.04 -7.85 -2.75
C ARG B 360 8.05 -8.60 -1.91
N GLY B 361 8.49 -7.99 -0.81
CA GLY B 361 9.36 -8.69 0.10
C GLY B 361 10.84 -8.50 -0.19
N ALA B 362 11.62 -9.55 0.11
CA ALA B 362 13.08 -9.40 0.13
C ALA B 362 13.62 -8.99 -1.23
N HIS B 363 13.02 -9.47 -2.33
CA HIS B 363 13.51 -9.17 -3.66
C HIS B 363 12.76 -8.02 -4.34
N ALA B 364 11.92 -7.29 -3.60
CA ALA B 364 11.15 -6.20 -4.19
C ALA B 364 12.08 -5.23 -4.91
N CYS B 365 11.60 -4.67 -6.02
CA CYS B 365 12.45 -3.95 -6.96
C CYS B 365 13.32 -2.90 -6.27
N LEU B 366 14.63 -3.04 -6.48
CA LEU B 366 15.58 -2.05 -5.97
C LEU B 366 15.35 -0.67 -6.55
N GLY B 367 14.86 -0.59 -7.79
CA GLY B 367 14.73 0.67 -8.47
C GLY B 367 13.32 1.23 -8.47
N ALA B 368 12.47 0.70 -7.59
CA ALA B 368 11.07 1.13 -7.57
C ALA B 368 10.98 2.64 -7.41
N GLY B 369 11.81 3.22 -6.55
CA GLY B 369 11.78 4.66 -6.38
C GLY B 369 12.28 5.41 -7.60
N LEU B 370 13.31 4.89 -8.26
CA LEU B 370 13.80 5.52 -9.48
C LEU B 370 12.76 5.42 -10.59
N ALA B 371 12.07 4.28 -10.69
CA ALA B 371 11.11 4.08 -11.77
C ALA B 371 9.87 4.95 -11.58
N THR B 372 9.39 5.10 -10.35
CA THR B 372 8.24 5.96 -10.12
C THR B 372 8.61 7.42 -10.38
N LEU B 373 9.79 7.83 -9.93
CA LEU B 373 10.29 9.17 -10.25
C LEU B 373 10.40 9.36 -11.76
N GLN B 374 10.94 8.37 -12.47
CA GLN B 374 11.14 8.51 -13.90
C GLN B 374 9.82 8.69 -14.62
N LEU B 375 8.83 7.85 -14.31
CA LEU B 375 7.54 7.96 -14.97
C LEU B 375 6.87 9.29 -14.66
N ARG B 376 6.98 9.75 -13.40
CA ARG B 376 6.42 11.04 -13.03
C ARG B 376 7.02 12.15 -13.88
N GLU B 377 8.33 12.12 -14.11
CA GLU B 377 8.97 13.16 -14.92
C GLU B 377 8.54 13.08 -16.39
N VAL B 378 8.29 11.87 -16.90
CA VAL B 378 7.75 11.76 -18.24
C VAL B 378 6.39 12.43 -18.32
N LEU B 379 5.52 12.19 -17.33
CA LEU B 379 4.21 12.83 -17.31
C LEU B 379 4.37 14.34 -17.37
N GLY B 380 5.31 14.89 -16.59
CA GLY B 380 5.52 16.33 -16.62
C GLY B 380 6.04 16.82 -17.96
N ALA B 381 6.91 16.03 -18.60
CA ALA B 381 7.43 16.42 -19.90
C ALA B 381 6.32 16.44 -20.95
N LEU B 382 5.42 15.47 -20.90
CA LEU B 382 4.29 15.42 -21.83
C LEU B 382 3.38 16.64 -21.64
N ARG B 383 3.06 16.99 -20.40
CA ARG B 383 2.20 18.14 -20.16
C ARG B 383 2.86 19.43 -20.63
N ALA B 384 4.15 19.58 -20.39
CA ALA B 384 4.91 20.75 -20.81
C ALA B 384 5.26 20.74 -22.30
N GLY B 385 5.20 19.59 -22.97
CA GLY B 385 5.69 19.48 -24.33
C GLY B 385 4.85 20.17 -25.38
N GLY B 386 3.57 20.36 -25.12
CA GLY B 386 2.69 20.99 -26.10
C GLY B 386 2.51 20.18 -27.36
N LEU B 387 2.78 18.88 -27.32
CA LEU B 387 2.58 17.99 -28.44
C LEU B 387 1.37 17.11 -28.17
N ARG B 388 0.47 17.00 -29.15
CA ARG B 388 -0.56 15.98 -29.14
C ARG B 388 -0.04 14.78 -29.91
N LEU B 389 0.14 13.65 -29.23
CA LEU B 389 0.59 12.41 -29.87
C LEU B 389 -0.66 11.59 -30.16
N ALA B 390 -1.17 11.70 -31.39
CA ALA B 390 -2.43 11.02 -31.65
C ALA B 390 -2.18 9.63 -32.23
N PRO B 391 -3.01 8.65 -31.87
CA PRO B 391 -2.81 7.30 -32.40
C PRO B 391 -2.86 7.29 -33.92
N ALA B 392 -1.91 6.58 -34.52
CA ALA B 392 -1.83 6.38 -35.96
C ALA B 392 -1.91 4.91 -36.30
N GLY B 393 -2.70 4.17 -35.52
CA GLY B 393 -2.78 2.74 -35.63
C GLY B 393 -2.72 2.10 -34.26
N PRO B 394 -2.97 0.81 -34.19
CA PRO B 394 -2.95 0.13 -32.89
C PRO B 394 -1.53 -0.07 -32.37
N ALA B 395 -1.41 -0.13 -31.05
CA ALA B 395 -0.19 -0.64 -30.45
C ALA B 395 0.02 -2.08 -30.91
N ALA B 396 1.25 -2.40 -31.29
CA ALA B 396 1.63 -3.75 -31.71
C ALA B 396 2.58 -4.31 -30.67
N TYR B 397 2.32 -5.53 -30.21
CA TYR B 397 3.08 -6.09 -29.10
C TYR B 397 4.06 -7.16 -29.58
N GLU B 398 5.24 -7.14 -28.96
CA GLU B 398 6.31 -8.08 -29.26
C GLU B 398 5.97 -9.46 -28.69
N PRO B 399 6.38 -10.52 -29.37
CA PRO B 399 6.12 -11.87 -28.80
C PRO B 399 7.07 -12.21 -27.65
N THR B 400 6.91 -11.50 -26.55
CA THR B 400 7.60 -11.77 -25.28
C THR B 400 6.55 -11.91 -24.20
N ALA B 401 6.56 -13.03 -23.48
CA ALA B 401 5.52 -13.34 -22.51
C ALA B 401 5.89 -12.95 -21.08
N THR B 402 7.15 -13.11 -20.69
CA THR B 402 7.54 -12.80 -19.32
C THR B 402 7.59 -11.31 -19.09
N LEU B 403 8.21 -10.57 -20.02
CA LEU B 403 8.33 -9.12 -19.94
C LEU B 403 7.57 -8.54 -21.13
N ARG B 404 6.40 -7.98 -20.87
CA ARG B 404 5.56 -7.43 -21.93
C ARG B 404 6.20 -6.19 -22.52
N GLY B 405 6.15 -6.07 -23.84
CA GLY B 405 6.71 -4.91 -24.52
C GLY B 405 6.05 -4.70 -25.86
N LEU B 406 5.97 -3.43 -26.27
CA LEU B 406 5.46 -3.10 -27.58
C LEU B 406 6.55 -3.24 -28.64
N ALA B 407 6.15 -3.75 -29.81
CA ALA B 407 7.01 -3.73 -30.98
C ALA B 407 6.96 -2.37 -31.69
N GLU B 408 5.82 -1.68 -31.59
CA GLU B 408 5.63 -0.42 -32.30
C GLU B 408 4.48 0.32 -31.64
N LEU B 409 4.59 1.64 -31.57
CA LEU B 409 3.54 2.50 -31.04
C LEU B 409 3.43 3.69 -31.98
N PRO B 410 2.63 3.56 -33.05
CA PRO B 410 2.60 4.59 -34.10
C PRO B 410 1.70 5.76 -33.71
N VAL B 411 2.23 6.97 -33.86
CA VAL B 411 1.47 8.18 -33.58
C VAL B 411 1.78 9.22 -34.65
N SER B 412 0.87 10.19 -34.78
CA SER B 412 1.13 11.41 -35.52
C SER B 412 1.37 12.53 -34.52
N VAL B 413 2.29 13.44 -34.86
CA VAL B 413 2.66 14.53 -33.98
C VAL B 413 2.03 15.81 -34.50
N ARG B 414 1.22 16.44 -33.66
CA ARG B 414 0.43 17.59 -34.04
C ARG B 414 0.46 18.63 -32.92
N PRO C 33 -8.68 7.87 8.09
CA PRO C 33 -10.04 8.16 7.59
C PRO C 33 -10.15 8.04 6.07
N ILE C 34 -9.01 7.90 5.39
CA ILE C 34 -9.02 7.74 3.94
C ILE C 34 -9.89 6.54 3.57
N TYR C 35 -10.73 6.72 2.57
CA TYR C 35 -11.54 5.64 2.01
C TYR C 35 -11.70 5.91 0.52
N ASP C 36 -11.86 4.84 -0.25
CA ASP C 36 -12.12 4.93 -1.68
C ASP C 36 -13.60 5.18 -1.90
N PRO C 37 -13.99 6.35 -2.44
CA PRO C 37 -15.42 6.66 -2.56
C PRO C 37 -16.18 5.69 -3.46
N LEU C 38 -15.49 4.97 -4.34
CA LEU C 38 -16.15 4.05 -5.26
C LEU C 38 -15.96 2.59 -4.86
N ALA C 39 -15.34 2.32 -3.72
CA ALA C 39 -15.20 0.96 -3.24
C ALA C 39 -16.58 0.36 -2.97
N PRO C 40 -16.78 -0.93 -3.25
CA PRO C 40 -18.12 -1.51 -3.04
C PRO C 40 -18.66 -1.35 -1.63
N SER C 41 -17.81 -1.49 -0.59
CA SER C 41 -18.31 -1.37 0.77
C SER C 41 -18.74 0.06 1.09
N VAL C 42 -18.04 1.05 0.54
CA VAL C 42 -18.43 2.44 0.75
C VAL C 42 -19.74 2.74 0.03
N ILE C 43 -19.82 2.34 -1.23
CA ILE C 43 -21.02 2.56 -2.03
C ILE C 43 -22.24 1.90 -1.40
N ALA C 44 -22.05 0.76 -0.75
CA ALA C 44 -23.18 0.06 -0.14
C ALA C 44 -23.82 0.88 0.97
N ASP C 45 -23.00 1.61 1.74
CA ASP C 45 -23.48 2.49 2.79
C ASP C 45 -22.37 3.47 3.14
N PRO C 46 -22.36 4.66 2.54
CA PRO C 46 -21.25 5.60 2.79
C PRO C 46 -21.37 6.39 4.07
N TYR C 47 -22.54 6.42 4.70
CA TYR C 47 -22.74 7.34 5.82
C TYR C 47 -21.82 7.04 7.00
N PRO C 48 -21.52 5.78 7.33
CA PRO C 48 -20.52 5.57 8.39
C PRO C 48 -19.15 6.12 8.04
N PHE C 49 -18.77 6.11 6.75
CA PHE C 49 -17.50 6.68 6.35
C PHE C 49 -17.53 8.20 6.42
N TYR C 50 -18.64 8.80 6.01
CA TYR C 50 -18.80 10.23 6.22
C TYR C 50 -18.64 10.59 7.69
N ARG C 51 -19.23 9.79 8.58
CA ARG C 51 -19.22 10.09 10.00
C ARG C 51 -17.81 10.01 10.58
N LYS C 52 -17.00 9.07 10.10
CA LYS C 52 -15.62 8.97 10.58
C LYS C 52 -14.80 10.18 10.16
N LEU C 53 -14.98 10.63 8.92
CA LEU C 53 -14.30 11.84 8.48
C LEU C 53 -14.72 13.04 9.29
N ARG C 54 -16.03 13.25 9.47
N ARG C 54 -16.03 13.25 9.47
CA ARG C 54 -16.50 14.43 10.18
CA ARG C 54 -16.49 14.44 10.18
C ARG C 54 -15.97 14.46 11.61
C ARG C 54 -15.98 14.46 11.60
N GLU C 55 -15.97 13.31 12.29
CA GLU C 55 -15.46 13.27 13.64
C GLU C 55 -13.98 13.63 13.67
N THR C 56 -13.24 13.27 12.62
CA THR C 56 -11.80 13.54 12.59
C THR C 56 -11.50 15.00 12.29
N ASN C 57 -12.16 15.57 11.29
CA ASN C 57 -12.09 16.98 10.99
C ASN C 57 -13.29 17.30 10.11
N THR C 58 -13.92 18.46 10.28
CA THR C 58 -15.02 18.86 9.42
C THR C 58 -14.51 19.40 8.10
N VAL C 59 -13.24 19.77 8.03
CA VAL C 59 -12.64 20.33 6.81
C VAL C 59 -11.32 19.59 6.61
N HIS C 60 -11.35 18.50 5.85
CA HIS C 60 -10.22 17.59 5.73
C HIS C 60 -9.59 17.72 4.35
N TRP C 61 -8.26 17.68 4.30
CA TRP C 61 -7.52 17.79 3.06
C TRP C 61 -7.33 16.40 2.46
N HIS C 62 -7.79 16.22 1.23
CA HIS C 62 -7.62 14.98 0.49
C HIS C 62 -6.50 15.22 -0.51
N GLU C 63 -5.29 14.74 -0.20
CA GLU C 63 -4.13 15.13 -0.99
C GLU C 63 -4.18 14.57 -2.40
N PHE C 64 -4.78 13.40 -2.58
CA PHE C 64 -4.77 12.76 -3.89
C PHE C 64 -5.78 13.38 -4.85
N LEU C 65 -6.95 13.75 -4.33
CA LEU C 65 -7.93 14.50 -5.10
C LEU C 65 -7.66 16.00 -5.11
N ASP C 66 -6.71 16.48 -4.30
CA ASP C 66 -6.29 17.88 -4.29
C ASP C 66 -7.47 18.81 -3.99
N SER C 67 -8.25 18.45 -2.98
CA SER C 67 -9.39 19.27 -2.58
C SER C 67 -9.68 19.08 -1.10
N TRP C 68 -10.27 20.12 -0.50
CA TRP C 68 -10.84 19.99 0.83
C TRP C 68 -12.14 19.19 0.76
N VAL C 69 -12.34 18.32 1.75
CA VAL C 69 -13.58 17.57 1.91
C VAL C 69 -14.27 18.11 3.14
N VAL C 70 -15.48 18.66 2.97
CA VAL C 70 -16.18 19.37 4.03
C VAL C 70 -17.41 18.55 4.42
N THR C 71 -17.43 18.07 5.66
CA THR C 71 -18.52 17.25 6.16
C THR C 71 -19.31 17.89 7.29
N GLY C 72 -18.85 19.00 7.86
CA GLY C 72 -19.59 19.64 8.95
C GLY C 72 -20.76 20.47 8.42
N TYR C 73 -21.85 20.45 9.17
CA TYR C 73 -23.02 21.21 8.75
C TYR C 73 -22.72 22.70 8.72
N ALA C 74 -22.11 23.24 9.78
CA ALA C 74 -21.85 24.66 9.82
C ALA C 74 -20.98 25.11 8.65
N GLU C 75 -19.97 24.32 8.32
CA GLU C 75 -19.03 24.69 7.27
C GLU C 75 -19.69 24.63 5.89
N CYS C 76 -20.46 23.57 5.62
CA CYS C 76 -21.14 23.50 4.33
C CYS C 76 -22.12 24.65 4.17
N ARG C 77 -22.92 24.93 5.20
CA ARG C 77 -23.87 26.03 5.13
C ARG C 77 -23.17 27.36 4.90
N GLN C 78 -22.01 27.54 5.52
CA GLN C 78 -21.25 28.78 5.33
C GLN C 78 -20.83 28.95 3.87
N VAL C 79 -20.23 27.92 3.28
CA VAL C 79 -19.67 28.07 1.95
C VAL C 79 -20.78 28.28 0.93
N LEU C 80 -21.88 27.53 1.06
CA LEU C 80 -22.97 27.64 0.09
C LEU C 80 -23.52 29.07 0.03
N GLY C 81 -23.63 29.72 1.18
CA GLY C 81 -24.23 31.04 1.22
C GLY C 81 -23.28 32.18 0.92
N ASP C 82 -22.01 31.89 0.72
CA ASP C 82 -20.98 32.91 0.55
C ASP C 82 -20.44 32.86 -0.88
N THR C 83 -21.07 33.64 -1.76
CA THR C 83 -20.60 33.76 -3.13
C THR C 83 -19.50 34.82 -3.27
N THR C 84 -19.20 35.56 -2.20
CA THR C 84 -18.12 36.54 -2.26
C THR C 84 -16.75 35.87 -2.17
N ASN C 85 -16.61 34.86 -1.32
CA ASN C 85 -15.34 34.18 -1.12
C ASN C 85 -15.28 32.80 -1.76
N PHE C 86 -16.42 32.23 -2.16
CA PHE C 86 -16.50 30.91 -2.75
C PHE C 86 -17.44 30.97 -3.94
N GLY C 87 -17.02 30.43 -5.08
CA GLY C 87 -17.77 30.55 -6.30
C GLY C 87 -17.99 29.23 -7.00
N SER C 88 -18.88 29.27 -8.00
CA SER C 88 -19.11 28.16 -8.91
C SER C 88 -18.62 28.47 -10.31
N ASP C 89 -18.19 29.70 -10.58
CA ASP C 89 -17.67 30.13 -11.87
C ASP C 89 -16.15 30.14 -11.74
N PHE C 90 -15.50 29.12 -12.29
CA PHE C 90 -14.06 28.99 -12.14
C PHE C 90 -13.29 30.09 -12.84
N ARG C 91 -13.96 30.89 -13.70
CA ARG C 91 -13.31 32.06 -14.28
C ARG C 91 -12.87 33.04 -13.21
N ARG C 92 -13.47 32.99 -12.01
CA ARG C 92 -13.13 33.91 -10.94
C ARG C 92 -11.77 33.60 -10.31
N ILE C 93 -11.16 32.47 -10.65
CA ILE C 93 -9.78 32.19 -10.23
C ILE C 93 -8.93 32.04 -11.48
N ASP C 94 -9.31 32.73 -12.56
CA ASP C 94 -8.50 32.82 -13.78
C ASP C 94 -8.41 31.49 -14.52
N VAL C 95 -9.46 30.68 -14.45
CA VAL C 95 -9.57 29.47 -15.26
C VAL C 95 -10.33 29.81 -16.53
N GLU C 96 -9.84 29.33 -17.67
CA GLU C 96 -10.45 29.65 -18.95
C GLU C 96 -11.72 28.83 -19.14
N ILE C 97 -12.84 29.51 -19.34
CA ILE C 97 -14.13 28.85 -19.56
C ILE C 97 -14.76 29.47 -20.80
N PRO C 98 -14.88 28.74 -21.91
CA PRO C 98 -15.47 29.33 -23.11
C PRO C 98 -16.93 29.71 -22.89
N ASP C 99 -17.37 30.75 -23.60
CA ASP C 99 -18.73 31.25 -23.44
C ASP C 99 -19.77 30.19 -23.79
N THR C 100 -19.40 29.24 -24.65
CA THR C 100 -20.37 28.23 -25.11
C THR C 100 -20.71 27.20 -24.05
N GLN C 101 -19.97 27.16 -22.93
CA GLN C 101 -20.23 26.21 -21.86
C GLN C 101 -20.86 26.85 -20.63
N LEU C 102 -21.07 28.17 -20.64
CA LEU C 102 -21.65 28.82 -19.48
C LEU C 102 -23.08 28.35 -19.26
N SER C 103 -23.47 28.24 -17.99
CA SER C 103 -24.78 27.72 -17.62
C SER C 103 -25.10 28.23 -16.22
N VAL C 104 -26.37 28.13 -15.84
CA VAL C 104 -26.81 28.68 -14.56
C VAL C 104 -26.01 28.08 -13.42
N GLN C 105 -25.71 26.78 -13.49
CA GLN C 105 -24.98 26.13 -12.42
C GLN C 105 -23.55 26.64 -12.29
N SER C 106 -23.00 27.26 -13.34
CA SER C 106 -21.60 27.68 -13.36
C SER C 106 -21.45 29.19 -13.41
N LEU C 107 -22.50 29.94 -13.14
CA LEU C 107 -22.44 31.39 -13.08
C LEU C 107 -22.75 31.86 -11.66
N ASP C 108 -22.09 32.93 -11.24
CA ASP C 108 -22.31 33.54 -9.95
C ASP C 108 -22.79 34.97 -10.12
N PRO C 109 -23.34 35.57 -9.07
CA PRO C 109 -23.78 36.96 -9.18
C PRO C 109 -22.63 37.84 -9.60
N PRO C 110 -22.90 38.92 -10.38
CA PRO C 110 -24.22 39.34 -10.87
C PRO C 110 -24.62 38.61 -12.15
N GLU C 111 -23.66 37.91 -12.75
CA GLU C 111 -23.92 37.21 -14.01
C GLU C 111 -25.02 36.15 -13.84
N HIS C 112 -25.10 35.53 -12.67
CA HIS C 112 -26.07 34.46 -12.40
C HIS C 112 -27.52 34.97 -12.45
N GLY C 113 -27.75 36.24 -12.07
CA GLY C 113 -29.11 36.70 -11.87
C GLY C 113 -29.96 36.65 -13.13
N ALA C 114 -29.35 36.92 -14.28
CA ALA C 114 -30.12 37.01 -15.52
C ALA C 114 -30.78 35.67 -15.85
N ILE C 115 -29.97 34.61 -15.94
CA ILE C 115 -30.53 33.30 -16.30
C ILE C 115 -31.39 32.75 -15.16
N ARG C 116 -30.98 32.96 -13.92
CA ARG C 116 -31.77 32.49 -12.79
C ARG C 116 -33.16 33.13 -12.81
N HIS C 117 -33.22 34.45 -13.00
CA HIS C 117 -34.52 35.10 -13.07
C HIS C 117 -35.34 34.57 -14.22
N LEU C 118 -34.71 34.37 -15.38
CA LEU C 118 -35.44 33.85 -16.53
C LEU C 118 -36.07 32.50 -16.20
N LEU C 119 -35.30 31.61 -15.59
CA LEU C 119 -35.81 30.29 -15.27
C LEU C 119 -36.90 30.36 -14.20
N VAL C 120 -36.72 31.22 -13.19
CA VAL C 120 -37.70 31.33 -12.12
C VAL C 120 -39.01 31.89 -12.67
N SER C 121 -38.93 32.92 -13.53
CA SER C 121 -40.15 33.48 -14.10
C SER C 121 -40.88 32.43 -14.95
N ALA C 122 -40.12 31.65 -15.72
CA ALA C 122 -40.73 30.58 -16.51
C ALA C 122 -41.37 29.53 -15.60
N LEU C 123 -40.73 29.22 -14.47
CA LEU C 123 -41.30 28.28 -13.52
C LEU C 123 -42.63 28.78 -12.98
N HIS C 124 -42.71 30.07 -12.65
CA HIS C 124 -43.93 30.62 -12.07
C HIS C 124 -45.06 30.70 -13.07
N GLU C 125 -44.78 30.59 -14.37
CA GLU C 125 -45.85 30.58 -15.36
C GLU C 125 -46.57 29.24 -15.43
N GLN C 126 -46.01 28.18 -14.85
CA GLN C 126 -46.67 26.89 -14.86
C GLN C 126 -47.73 26.87 -13.76
N PRO C 127 -48.99 26.60 -14.07
CA PRO C 127 -50.02 26.55 -13.00
C PRO C 127 -49.83 25.34 -12.10
N LEU C 128 -49.86 25.58 -10.79
CA LEU C 128 -49.59 24.50 -9.86
C LEU C 128 -50.66 23.42 -9.92
N SER C 129 -51.92 23.79 -10.17
CA SER C 129 -52.97 22.79 -10.28
C SER C 129 -52.67 21.79 -11.39
N THR C 130 -52.23 22.28 -12.55
CA THR C 130 -51.87 21.39 -13.64
C THR C 130 -50.68 20.52 -13.26
N VAL C 131 -49.68 21.11 -12.61
CA VAL C 131 -48.48 20.36 -12.23
C VAL C 131 -48.85 19.23 -11.28
N ARG C 132 -49.53 19.56 -10.17
CA ARG C 132 -49.81 18.53 -9.17
C ARG C 132 -50.70 17.44 -9.73
N GLN C 133 -51.65 17.80 -10.59
CA GLN C 133 -52.51 16.79 -11.20
C GLN C 133 -51.70 15.86 -12.10
N GLN C 134 -50.78 16.42 -12.90
CA GLN C 134 -49.94 15.59 -13.75
C GLN C 134 -49.05 14.68 -12.93
N PHE C 135 -48.42 15.22 -11.89
CA PHE C 135 -47.51 14.42 -11.07
C PHE C 135 -48.25 13.29 -10.37
N ALA C 136 -49.47 13.57 -9.88
CA ALA C 136 -50.23 12.54 -9.18
C ALA C 136 -50.61 11.39 -10.10
N ALA C 137 -50.99 11.71 -11.35
CA ALA C 137 -51.41 10.65 -12.28
C ALA C 137 -50.24 9.76 -12.68
N ILE C 138 -49.07 10.35 -12.92
CA ILE C 138 -47.91 9.56 -13.33
C ILE C 138 -47.53 8.54 -12.26
N ALA C 139 -47.51 8.96 -11.00
CA ALA C 139 -47.10 8.05 -9.93
C ALA C 139 -48.08 6.89 -9.79
N ALA C 140 -49.38 7.17 -9.88
CA ALA C 140 -50.38 6.12 -9.72
C ALA C 140 -50.29 5.10 -10.84
N GLN C 141 -50.08 5.55 -12.07
CA GLN C 141 -50.08 4.65 -13.22
C GLN C 141 -48.96 3.61 -13.12
N HIS C 142 -47.75 4.06 -12.78
CA HIS C 142 -46.62 3.14 -12.78
C HIS C 142 -46.64 2.19 -11.59
N LEU C 143 -47.30 2.57 -10.50
CA LEU C 143 -47.47 1.63 -9.40
C LEU C 143 -48.40 0.50 -9.81
N ALA C 144 -49.47 0.82 -10.55
CA ALA C 144 -50.38 -0.21 -11.03
C ALA C 144 -49.68 -1.16 -11.98
N GLU C 145 -48.82 -0.64 -12.86
CA GLU C 145 -48.14 -1.48 -13.84
C GLU C 145 -47.29 -2.54 -13.16
N LEU C 146 -46.51 -2.16 -12.15
CA LEU C 146 -45.64 -3.13 -11.51
C LEU C 146 -46.41 -4.03 -10.55
N SER C 147 -47.51 -3.54 -9.99
CA SER C 147 -48.38 -4.33 -9.11
C SER C 147 -49.32 -5.25 -9.90
N GLY C 148 -49.14 -5.35 -11.22
CA GLY C 148 -50.05 -6.18 -12.01
C GLY C 148 -50.04 -7.64 -11.60
N GLN C 149 -48.86 -8.17 -11.27
CA GLN C 149 -48.71 -9.56 -10.87
C GLN C 149 -48.07 -9.63 -9.49
N PRO C 150 -48.23 -10.75 -8.79
CA PRO C 150 -47.71 -10.83 -7.42
C PRO C 150 -46.25 -11.24 -7.33
N GLY C 151 -45.50 -11.04 -8.41
CA GLY C 151 -44.11 -11.41 -8.46
C GLY C 151 -43.17 -10.31 -7.98
N THR C 152 -41.90 -10.48 -8.29
CA THR C 152 -40.86 -9.54 -7.93
C THR C 152 -40.75 -8.43 -8.98
N VAL C 153 -40.65 -7.19 -8.53
CA VAL C 153 -40.46 -6.04 -9.41
C VAL C 153 -39.26 -5.23 -8.94
N ASP C 154 -38.50 -4.68 -9.90
CA ASP C 154 -37.37 -3.80 -9.59
C ASP C 154 -37.90 -2.37 -9.62
N LEU C 155 -37.94 -1.72 -8.46
CA LEU C 155 -38.55 -0.40 -8.38
C LEU C 155 -37.70 0.69 -9.03
N VAL C 156 -36.41 0.43 -9.27
CA VAL C 156 -35.60 1.42 -9.97
C VAL C 156 -36.05 1.53 -11.42
N SER C 157 -36.01 0.42 -12.16
CA SER C 157 -36.38 0.47 -13.57
C SER C 157 -37.89 0.54 -13.78
N ARG C 158 -38.69 0.04 -12.84
CA ARG C 158 -40.12 -0.03 -13.02
C ARG C 158 -40.88 1.15 -12.42
N PHE C 159 -40.26 1.94 -11.54
CA PHE C 159 -40.98 3.07 -10.96
C PHE C 159 -40.16 4.35 -10.94
N ALA C 160 -38.99 4.32 -10.29
CA ALA C 160 -38.24 5.56 -10.07
C ALA C 160 -37.86 6.22 -11.39
N ARG C 161 -37.24 5.47 -12.29
CA ARG C 161 -36.79 6.08 -13.54
C ARG C 161 -37.96 6.48 -14.43
N PRO C 162 -38.92 5.61 -14.74
CA PRO C 162 -40.01 6.03 -15.64
C PRO C 162 -40.85 7.16 -15.06
N VAL C 163 -41.10 7.13 -13.75
CA VAL C 163 -41.84 8.23 -13.11
C VAL C 163 -41.05 9.53 -13.25
N ALA C 164 -39.76 9.49 -12.97
CA ALA C 164 -38.94 10.69 -13.07
C ALA C 164 -38.92 11.23 -14.51
N LEU C 165 -38.81 10.34 -15.50
CA LEU C 165 -38.71 10.80 -16.88
C LEU C 165 -40.00 11.46 -17.33
N ARG C 166 -41.15 10.82 -17.06
CA ARG C 166 -42.42 11.43 -17.44
C ARG C 166 -42.70 12.67 -16.62
N THR C 167 -42.21 12.72 -15.38
CA THR C 167 -42.41 13.90 -14.54
C THR C 167 -41.71 15.12 -15.11
N ILE C 168 -40.42 14.98 -15.44
CA ILE C 168 -39.67 16.14 -15.92
C ILE C 168 -40.18 16.58 -17.29
N THR C 169 -40.49 15.63 -18.17
CA THR C 169 -40.92 16.01 -19.52
C THR C 169 -42.33 16.58 -19.51
N ALA C 170 -43.19 16.12 -18.61
CA ALA C 170 -44.49 16.76 -18.44
C ALA C 170 -44.33 18.21 -18.00
N PHE C 171 -43.43 18.44 -17.03
CA PHE C 171 -43.15 19.81 -16.61
C PHE C 171 -42.55 20.61 -17.74
N LEU C 172 -41.61 20.02 -18.50
CA LEU C 172 -41.03 20.73 -19.63
C LEU C 172 -42.03 20.92 -20.76
N GLY C 173 -43.07 20.10 -20.82
CA GLY C 173 -44.02 20.18 -21.92
C GLY C 173 -43.50 19.62 -23.22
N VAL C 174 -42.81 18.49 -23.16
CA VAL C 174 -42.19 17.87 -24.34
C VAL C 174 -42.48 16.38 -24.32
N PRO C 175 -42.47 15.75 -25.49
CA PRO C 175 -42.71 14.31 -25.56
C PRO C 175 -41.57 13.54 -24.88
N PRO C 176 -41.88 12.55 -24.05
CA PRO C 176 -40.80 11.79 -23.40
C PRO C 176 -39.97 11.05 -24.43
N PRO C 177 -38.65 11.10 -24.31
CA PRO C 177 -37.81 10.22 -25.14
C PRO C 177 -37.91 8.78 -24.64
N ASP C 178 -37.30 7.87 -25.40
CA ASP C 178 -37.27 6.46 -25.00
C ASP C 178 -36.63 6.33 -23.63
N GLY C 179 -37.32 5.64 -22.72
CA GLY C 179 -36.87 5.61 -21.33
C GLY C 179 -35.53 4.93 -21.17
N ALA C 180 -35.38 3.74 -21.77
CA ALA C 180 -34.12 3.01 -21.63
C ALA C 180 -32.96 3.78 -22.24
N GLY C 181 -33.16 4.32 -23.45
CA GLY C 181 -32.10 5.07 -24.10
C GLY C 181 -31.71 6.32 -23.35
N PHE C 182 -32.70 7.07 -22.85
CA PHE C 182 -32.38 8.30 -22.13
C PHE C 182 -31.60 8.00 -20.86
N GLU C 183 -31.98 6.94 -20.13
CA GLU C 183 -31.24 6.56 -18.93
C GLU C 183 -29.78 6.29 -19.24
N GLN C 184 -29.50 5.68 -20.40
CA GLN C 184 -28.12 5.36 -20.75
C GLN C 184 -27.31 6.63 -20.97
N TRP C 185 -27.84 7.57 -21.75
CA TRP C 185 -27.14 8.84 -21.93
C TRP C 185 -27.01 9.58 -20.60
N SER C 186 -28.12 9.67 -19.86
CA SER C 186 -28.11 10.38 -18.59
C SER C 186 -27.12 9.74 -17.62
N ASN C 187 -27.03 8.40 -17.64
CA ASN C 187 -26.13 7.72 -16.72
C ASN C 187 -24.67 8.08 -16.99
N ALA C 188 -24.31 8.23 -18.27
CA ALA C 188 -22.94 8.61 -18.60
C ALA C 188 -22.56 9.93 -17.96
N ILE C 189 -23.49 10.89 -17.97
CA ILE C 189 -23.22 12.19 -17.36
C ILE C 189 -23.07 12.06 -15.85
N VAL C 190 -23.95 11.29 -15.21
CA VAL C 190 -23.86 11.08 -13.77
C VAL C 190 -22.50 10.49 -13.39
N ARG C 191 -22.07 9.46 -14.14
N ARG C 191 -22.05 9.48 -14.14
CA ARG C 191 -20.76 8.87 -13.87
CA ARG C 191 -20.75 8.88 -13.85
C ARG C 191 -19.65 9.89 -14.07
C ARG C 191 -19.61 9.84 -14.12
N SER C 192 -19.76 10.74 -15.10
CA SER C 192 -18.69 11.69 -15.40
C SER C 192 -18.48 12.67 -14.26
N MET C 193 -19.45 12.82 -13.34
CA MET C 193 -19.25 13.66 -12.18
C MET C 193 -18.15 13.14 -11.29
N ASP C 194 -17.80 11.86 -11.41
CA ASP C 194 -16.72 11.24 -10.64
C ASP C 194 -15.44 11.12 -11.44
N ALA C 195 -15.30 11.85 -12.55
CA ALA C 195 -14.12 11.70 -13.40
C ALA C 195 -12.84 12.03 -12.64
N GLY C 196 -12.93 12.83 -11.57
CA GLY C 196 -11.75 13.06 -10.75
C GLY C 196 -11.27 11.81 -10.06
N ILE C 197 -12.17 10.87 -9.81
CA ILE C 197 -11.81 9.58 -9.25
C ILE C 197 -11.41 8.60 -10.34
N GLU C 198 -12.20 8.53 -11.40
CA GLU C 198 -11.98 7.62 -12.53
C GLU C 198 -12.00 8.42 -13.82
N PRO C 199 -10.84 8.83 -14.33
CA PRO C 199 -10.83 9.75 -15.49
C PRO C 199 -11.47 9.20 -16.75
N ALA C 200 -11.54 7.88 -16.92
CA ALA C 200 -12.17 7.34 -18.14
C ALA C 200 -13.64 7.71 -18.23
N ARG C 201 -14.24 8.15 -17.12
CA ARG C 201 -15.65 8.52 -17.11
C ARG C 201 -15.90 9.87 -17.78
N ALA C 202 -14.86 10.66 -18.05
CA ALA C 202 -15.07 12.01 -18.54
C ALA C 202 -15.56 12.03 -19.98
N GLU C 203 -14.94 11.23 -20.85
CA GLU C 203 -15.25 11.33 -22.27
C GLU C 203 -16.66 10.86 -22.57
N PRO C 204 -17.14 9.72 -22.04
CA PRO C 204 -18.55 9.35 -22.27
C PRO C 204 -19.52 10.42 -21.82
N GLY C 205 -19.21 11.13 -20.73
CA GLY C 205 -20.07 12.21 -20.30
C GLY C 205 -20.16 13.32 -21.33
N ASN C 206 -19.03 13.65 -21.95
CA ASN C 206 -19.02 14.71 -22.95
C ASN C 206 -19.89 14.33 -24.15
N GLN C 207 -19.81 13.08 -24.59
CA GLN C 207 -20.68 12.63 -25.68
C GLN C 207 -22.15 12.72 -25.27
N ALA C 208 -22.46 12.33 -24.03
CA ALA C 208 -23.86 12.38 -23.57
C ALA C 208 -24.35 13.82 -23.44
N ARG C 209 -23.48 14.72 -22.96
CA ARG C 209 -23.87 16.13 -22.87
C ARG C 209 -24.21 16.70 -24.25
N ALA C 210 -23.43 16.33 -25.28
CA ALA C 210 -23.73 16.80 -26.62
C ALA C 210 -25.07 16.25 -27.11
N GLU C 211 -25.36 14.99 -26.80
CA GLU C 211 -26.62 14.39 -27.22
C GLU C 211 -27.80 15.11 -26.58
N LEU C 212 -27.70 15.43 -25.28
CA LEU C 212 -28.78 16.15 -24.62
C LEU C 212 -28.92 17.56 -25.15
N SER C 213 -27.83 18.16 -25.64
CA SER C 213 -27.93 19.48 -26.24
C SER C 213 -28.77 19.45 -27.51
N ARG C 214 -28.59 18.43 -28.35
CA ARG C 214 -29.40 18.31 -29.55
C ARG C 214 -30.87 18.14 -29.19
N LEU C 215 -31.15 17.36 -28.15
CA LEU C 215 -32.52 17.20 -27.68
C LEU C 215 -33.11 18.54 -27.27
N VAL C 216 -32.37 19.31 -26.48
CA VAL C 216 -32.87 20.61 -26.03
C VAL C 216 -33.05 21.53 -27.22
N THR C 217 -32.13 21.49 -28.18
CA THR C 217 -32.26 22.31 -29.38
C THR C 217 -33.52 21.96 -30.15
N HIS C 218 -33.84 20.67 -30.24
CA HIS C 218 -35.08 20.26 -30.90
C HIS C 218 -36.30 20.78 -30.15
N TRP C 219 -36.28 20.68 -28.82
CA TRP C 219 -37.43 21.11 -28.03
C TRP C 219 -37.66 22.62 -28.15
N LEU C 220 -36.58 23.41 -28.12
CA LEU C 220 -36.74 24.85 -28.31
C LEU C 220 -37.41 25.17 -29.64
N ALA C 221 -37.13 24.38 -30.67
CA ALA C 221 -37.69 24.64 -31.98
C ALA C 221 -39.12 24.13 -32.13
N GLU C 222 -39.48 23.08 -31.40
CA GLU C 222 -40.74 22.38 -31.66
C GLU C 222 -41.67 22.30 -30.46
N ALA C 223 -41.21 22.63 -29.25
CA ALA C 223 -41.99 22.37 -28.06
C ALA C 223 -43.23 23.25 -28.00
N ASP C 224 -44.29 22.70 -27.43
CA ASP C 224 -45.55 23.41 -27.22
C ASP C 224 -45.32 24.60 -26.29
N GLU C 225 -46.25 25.57 -26.37
CA GLU C 225 -46.13 26.78 -25.56
C GLU C 225 -46.37 26.50 -24.08
N ARG C 226 -47.15 25.48 -23.75
CA ARG C 226 -47.71 25.37 -22.41
C ARG C 226 -46.72 24.91 -21.35
N GLY C 227 -45.56 24.39 -21.76
CA GLY C 227 -44.61 23.83 -20.83
C GLY C 227 -43.52 24.81 -20.40
N PHE C 228 -42.58 24.28 -19.61
CA PHE C 228 -41.48 25.10 -19.13
C PHE C 228 -40.56 25.52 -20.26
N VAL C 229 -40.36 24.63 -21.24
CA VAL C 229 -39.54 24.99 -22.40
C VAL C 229 -40.18 26.16 -23.16
N GLY C 230 -41.48 26.07 -23.40
CA GLY C 230 -42.16 27.17 -24.06
C GLY C 230 -42.09 28.46 -23.27
N ALA C 231 -42.23 28.38 -21.94
CA ALA C 231 -42.19 29.57 -21.11
C ALA C 231 -40.79 30.18 -21.09
N ALA C 232 -39.75 29.35 -20.98
CA ALA C 232 -38.39 29.86 -21.02
C ALA C 232 -38.08 30.49 -22.37
N ARG C 233 -38.59 29.88 -23.46
CA ARG C 233 -38.38 30.44 -24.78
C ARG C 233 -39.02 31.83 -24.92
N ARG C 234 -40.24 32.00 -24.38
CA ARG C 234 -40.88 33.30 -24.43
C ARG C 234 -40.13 34.32 -23.60
N ALA C 235 -39.75 33.96 -22.37
CA ALA C 235 -39.03 34.87 -21.51
C ALA C 235 -37.73 35.32 -22.14
N ALA C 236 -37.06 34.38 -22.83
CA ALA C 236 -35.77 34.70 -23.43
C ALA C 236 -35.89 35.81 -24.45
N ARG C 237 -36.97 35.80 -25.24
CA ARG C 237 -37.16 36.85 -26.22
C ARG C 237 -37.18 38.19 -25.53
N ALA C 238 -37.79 38.25 -24.34
CA ALA C 238 -37.89 39.50 -23.61
C ALA C 238 -36.59 39.92 -22.92
N GLN C 239 -35.77 38.97 -22.43
CA GLN C 239 -34.76 39.34 -21.44
C GLN C 239 -33.31 39.46 -21.86
N ASP C 240 -32.90 38.98 -23.02
CA ASP C 240 -31.55 39.16 -23.54
C ASP C 240 -30.50 38.23 -22.95
N VAL C 241 -30.85 37.08 -22.38
CA VAL C 241 -29.83 36.14 -21.91
C VAL C 241 -29.12 35.54 -23.11
N PRO C 242 -27.82 35.24 -23.03
CA PRO C 242 -27.15 34.58 -24.18
C PRO C 242 -27.79 33.24 -24.51
N ALA C 243 -27.93 32.96 -25.81
CA ALA C 243 -28.62 31.74 -26.24
C ALA C 243 -27.97 30.48 -25.71
N ALA C 244 -26.64 30.44 -25.68
CA ALA C 244 -25.94 29.26 -25.17
C ALA C 244 -26.25 29.03 -23.71
N VAL C 245 -26.32 30.10 -22.91
CA VAL C 245 -26.64 29.96 -21.50
C VAL C 245 -28.03 29.38 -21.33
N LEU C 246 -29.00 29.85 -22.11
CA LEU C 246 -30.36 29.32 -22.00
C LEU C 246 -30.39 27.85 -22.32
N ALA C 247 -29.75 27.45 -23.41
CA ALA C 247 -29.77 26.05 -23.84
C ALA C 247 -29.06 25.16 -22.84
N ASN C 248 -27.88 25.58 -22.36
CA ASN C 248 -27.18 24.79 -21.36
C ASN C 248 -27.95 24.73 -20.05
N SER C 249 -28.64 25.81 -19.70
CA SER C 249 -29.42 25.81 -18.46
C SER C 249 -30.64 24.92 -18.59
N LEU C 250 -31.31 24.95 -19.74
CA LEU C 250 -32.42 24.03 -19.95
C LEU C 250 -31.96 22.58 -19.92
N ARG C 251 -30.76 22.29 -20.44
CA ARG C 251 -30.24 20.94 -20.34
C ARG C 251 -30.02 20.56 -18.88
N ALA C 252 -29.53 21.51 -18.08
CA ALA C 252 -29.35 21.25 -16.66
C ALA C 252 -30.68 20.96 -15.98
N VAL C 253 -31.73 21.72 -16.34
CA VAL C 253 -33.06 21.45 -15.79
C VAL C 253 -33.49 20.04 -16.13
N LEU C 254 -33.31 19.64 -17.38
CA LEU C 254 -33.70 18.29 -17.80
C LEU C 254 -32.92 17.24 -17.01
N HIS C 255 -31.59 17.35 -17.02
CA HIS C 255 -30.79 16.29 -16.43
C HIS C 255 -30.87 16.31 -14.91
N ALA C 256 -30.74 17.50 -14.31
CA ALA C 256 -30.87 17.59 -12.86
C ALA C 256 -32.25 17.14 -12.40
N GLY C 257 -33.30 17.55 -13.11
CA GLY C 257 -34.64 17.14 -12.75
C GLY C 257 -34.83 15.64 -12.84
N TYR C 258 -34.37 15.05 -13.94
CA TYR C 258 -34.55 13.61 -14.14
C TYR C 258 -33.77 12.81 -13.11
N GLU C 259 -32.46 13.07 -13.00
CA GLU C 259 -31.62 12.22 -12.18
C GLU C 259 -31.87 12.45 -10.69
N SER C 260 -32.09 13.70 -10.28
CA SER C 260 -32.34 13.99 -8.88
C SER C 260 -33.63 13.34 -8.41
N VAL C 261 -34.70 13.47 -9.19
CA VAL C 261 -35.98 12.86 -8.80
C VAL C 261 -35.84 11.35 -8.82
N SER C 262 -35.26 10.79 -9.88
CA SER C 262 -35.12 9.34 -9.99
C SER C 262 -34.38 8.76 -8.80
N ARG C 263 -33.25 9.35 -8.44
CA ARG C 263 -32.41 8.81 -7.37
C ARG C 263 -33.01 9.06 -6.00
N LEU C 264 -33.69 10.19 -5.81
CA LEU C 264 -34.42 10.41 -4.57
C LEU C 264 -35.49 9.35 -4.38
N LEU C 265 -36.29 9.10 -5.43
CA LEU C 265 -37.34 8.11 -5.32
C LEU C 265 -36.76 6.73 -5.02
N GLY C 266 -35.65 6.37 -5.66
CA GLY C 266 -35.04 5.09 -5.37
C GLY C 266 -34.63 4.98 -3.91
N GLY C 267 -33.94 6.00 -3.39
CA GLY C 267 -33.51 5.95 -2.01
C GLY C 267 -34.67 5.95 -1.03
N VAL C 268 -35.69 6.77 -1.31
CA VAL C 268 -36.86 6.81 -0.45
C VAL C 268 -37.60 5.48 -0.47
N LEU C 269 -37.79 4.91 -1.66
CA LEU C 269 -38.46 3.61 -1.75
C LEU C 269 -37.68 2.55 -1.00
N ALA C 270 -36.35 2.60 -1.06
CA ALA C 270 -35.54 1.65 -0.31
C ALA C 270 -35.83 1.74 1.19
N ARG C 271 -35.97 2.96 1.71
CA ARG C 271 -36.27 3.11 3.12
C ARG C 271 -37.69 2.63 3.45
N LEU C 272 -38.64 2.97 2.58
CA LEU C 272 -40.04 2.62 2.87
C LEU C 272 -40.25 1.12 2.83
N VAL C 273 -39.58 0.41 1.92
CA VAL C 273 -39.79 -1.03 1.86
C VAL C 273 -39.22 -1.71 3.11
N ARG C 274 -38.14 -1.18 3.66
CA ARG C 274 -37.58 -1.74 4.88
C ARG C 274 -38.30 -1.26 6.13
N HIS C 275 -39.01 -0.13 6.05
CA HIS C 275 -39.69 0.46 7.20
C HIS C 275 -41.08 0.90 6.78
N PRO C 276 -41.97 -0.05 6.46
CA PRO C 276 -43.32 0.34 6.01
C PRO C 276 -44.09 1.15 7.04
N GLU C 277 -43.68 1.11 8.31
CA GLU C 277 -44.34 1.90 9.34
C GLU C 277 -44.28 3.39 9.04
N LEU C 278 -43.34 3.84 8.21
CA LEU C 278 -43.28 5.25 7.87
C LEU C 278 -44.53 5.72 7.13
N LEU C 279 -45.15 4.83 6.37
CA LEU C 279 -46.34 5.17 5.60
C LEU C 279 -47.64 4.98 6.38
N ALA C 280 -47.56 4.49 7.61
CA ALA C 280 -48.75 4.28 8.43
C ALA C 280 -49.03 5.44 9.36
N GLY C 281 -48.39 6.59 9.14
CA GLY C 281 -48.60 7.78 9.94
C GLY C 281 -49.77 8.60 9.42
N PRO C 282 -49.95 9.79 9.99
CA PRO C 282 -51.06 10.65 9.56
C PRO C 282 -50.93 11.00 8.07
N ALA C 283 -51.99 10.74 7.31
CA ALA C 283 -52.01 11.02 5.88
C ALA C 283 -52.48 12.44 5.57
N THR C 284 -52.07 13.43 6.36
CA THR C 284 -52.35 14.83 6.05
C THR C 284 -51.19 15.47 5.31
N ARG C 285 -51.50 16.59 4.63
CA ARG C 285 -50.47 17.29 3.88
C ARG C 285 -49.37 17.80 4.82
N ASP C 286 -49.74 18.30 6.00
CA ASP C 286 -48.75 18.81 6.94
C ASP C 286 -47.94 17.67 7.55
N ALA C 287 -48.59 16.54 7.87
CA ALA C 287 -47.85 15.40 8.41
C ALA C 287 -46.84 14.89 7.40
N ASP C 288 -47.24 14.81 6.12
CA ASP C 288 -46.30 14.39 5.08
C ASP C 288 -45.22 15.43 4.85
N GLU C 289 -45.51 16.72 5.11
CA GLU C 289 -44.49 17.74 4.99
C GLU C 289 -43.28 17.40 5.86
N ALA C 290 -43.53 17.06 7.13
CA ALA C 290 -42.43 16.69 8.01
C ALA C 290 -41.75 15.41 7.54
N LEU C 291 -42.54 14.40 7.17
CA LEU C 291 -41.97 13.16 6.69
C LEU C 291 -41.16 13.39 5.42
N VAL C 292 -41.71 14.18 4.48
CA VAL C 292 -40.97 14.46 3.26
C VAL C 292 -39.67 15.20 3.56
N ASP C 293 -39.71 16.15 4.49
CA ASP C 293 -38.49 16.88 4.84
C ASP C 293 -37.43 15.94 5.38
N GLU C 294 -37.83 14.96 6.21
CA GLU C 294 -36.86 14.02 6.76
C GLU C 294 -36.33 13.07 5.68
N LEU C 295 -37.21 12.62 4.77
CA LEU C 295 -36.77 11.71 3.72
C LEU C 295 -35.76 12.38 2.79
N ILE C 296 -35.98 13.66 2.48
CA ILE C 296 -35.03 14.39 1.65
C ILE C 296 -33.73 14.62 2.40
N ARG C 297 -33.82 14.96 3.70
CA ARG C 297 -32.61 15.12 4.49
C ARG C 297 -31.77 13.85 4.48
N LEU C 298 -32.42 12.70 4.65
CA LEU C 298 -31.69 11.44 4.80
C LEU C 298 -31.30 10.84 3.46
N ASP C 299 -32.19 10.90 2.46
CA ASP C 299 -32.01 10.17 1.22
C ASP C 299 -31.79 11.07 0.02
N GLY C 300 -31.64 12.38 0.22
CA GLY C 300 -31.28 13.26 -0.86
C GLY C 300 -30.07 12.73 -1.58
N PRO C 301 -30.12 12.66 -2.92
CA PRO C 301 -29.06 11.94 -3.65
C PRO C 301 -27.77 12.70 -3.82
N VAL C 302 -27.77 14.03 -3.66
CA VAL C 302 -26.55 14.80 -3.87
C VAL C 302 -25.62 14.58 -2.70
N GLN C 303 -24.51 13.89 -2.94
CA GLN C 303 -23.51 13.60 -1.93
C GLN C 303 -22.41 14.65 -1.91
N ALA C 304 -22.15 15.31 -3.04
CA ALA C 304 -21.03 16.22 -3.16
C ALA C 304 -21.43 17.41 -4.02
N ASP C 305 -21.02 18.60 -3.57
CA ASP C 305 -21.38 19.88 -4.18
C ASP C 305 -20.13 20.73 -4.09
N ALA C 306 -19.55 21.09 -5.25
CA ALA C 306 -18.20 21.63 -5.27
C ALA C 306 -18.21 23.16 -5.40
N ARG C 307 -17.18 23.77 -4.84
CA ARG C 307 -16.95 25.20 -4.94
C ARG C 307 -15.46 25.45 -5.06
N VAL C 308 -15.10 26.62 -5.56
CA VAL C 308 -13.71 27.08 -5.55
C VAL C 308 -13.61 28.27 -4.61
N CYS C 309 -12.50 28.37 -3.90
CA CYS C 309 -12.22 29.50 -3.03
C CYS C 309 -11.76 30.66 -3.90
N VAL C 310 -12.48 31.78 -3.87
CA VAL C 310 -12.12 32.94 -4.66
C VAL C 310 -11.25 33.91 -3.87
N ARG C 311 -11.42 33.94 -2.56
CA ARG C 311 -10.64 34.80 -1.67
C ARG C 311 -10.38 34.02 -0.39
N ASP C 312 -9.15 34.14 0.13
CA ASP C 312 -8.79 33.43 1.35
C ASP C 312 -9.86 33.62 2.40
N GLN C 313 -10.28 32.52 3.02
CA GLN C 313 -11.37 32.57 3.97
C GLN C 313 -11.32 31.38 4.91
N PRO C 314 -11.48 31.60 6.23
CA PRO C 314 -11.58 30.46 7.14
C PRO C 314 -12.88 29.70 6.97
N VAL C 315 -12.80 28.39 7.06
CA VAL C 315 -13.95 27.49 7.08
C VAL C 315 -13.76 26.57 8.26
N GLY C 316 -14.69 26.64 9.22
CA GLY C 316 -14.48 25.88 10.45
C GLY C 316 -13.19 26.32 11.10
N ALA C 317 -12.35 25.36 11.46
CA ALA C 317 -11.05 25.63 12.03
C ALA C 317 -9.94 25.77 11.00
N GLN C 318 -10.26 25.64 9.71
CA GLN C 318 -9.27 25.64 8.64
C GLN C 318 -9.32 26.93 7.85
N LEU C 319 -8.14 27.39 7.42
CA LEU C 319 -8.02 28.50 6.49
C LEU C 319 -7.93 27.95 5.08
N VAL C 320 -8.94 28.22 4.27
CA VAL C 320 -8.94 27.87 2.86
C VAL C 320 -8.38 29.07 2.09
N ARG C 321 -7.48 28.82 1.15
CA ARG C 321 -6.83 29.87 0.41
C ARG C 321 -7.30 29.88 -1.04
N ARG C 322 -7.14 31.05 -1.67
CA ARG C 322 -7.61 31.26 -3.03
C ARG C 322 -7.06 30.20 -3.97
N GLY C 323 -7.94 29.65 -4.80
CA GLY C 323 -7.59 28.60 -5.73
C GLY C 323 -7.90 27.21 -5.24
N ASP C 324 -8.08 27.02 -3.95
CA ASP C 324 -8.42 25.70 -3.43
C ASP C 324 -9.81 25.29 -3.91
N VAL C 325 -9.96 23.99 -4.13
CA VAL C 325 -11.26 23.41 -4.42
C VAL C 325 -11.82 22.83 -3.13
N LEU C 326 -13.11 23.03 -2.89
CA LEU C 326 -13.81 22.46 -1.76
C LEU C 326 -14.93 21.58 -2.28
N VAL C 327 -15.04 20.37 -1.75
CA VAL C 327 -16.16 19.48 -2.03
C VAL C 327 -17.01 19.45 -0.78
N LEU C 328 -18.22 19.96 -0.88
CA LEU C 328 -19.14 20.02 0.24
C LEU C 328 -19.95 18.73 0.27
N PHE C 329 -19.69 17.88 1.28
CA PHE C 329 -20.42 16.63 1.45
C PHE C 329 -21.74 16.94 2.13
N ILE C 330 -22.69 17.44 1.34
CA ILE C 330 -23.91 17.97 1.93
C ILE C 330 -24.77 16.85 2.50
N ALA C 331 -24.71 15.65 1.94
CA ALA C 331 -25.41 14.52 2.56
C ALA C 331 -24.82 14.20 3.93
N ALA C 332 -23.50 14.36 4.08
CA ALA C 332 -22.87 14.18 5.38
C ALA C 332 -23.27 15.28 6.35
N ALA C 333 -23.33 16.53 5.86
CA ALA C 333 -23.77 17.63 6.71
C ALA C 333 -25.17 17.40 7.24
N ASN C 334 -26.02 16.76 6.45
CA ASN C 334 -27.38 16.44 6.88
C ASN C 334 -27.43 15.32 7.90
N ARG C 335 -26.28 14.74 8.26
CA ARG C 335 -26.19 13.76 9.34
C ARG C 335 -25.33 14.27 10.49
N ASP C 336 -25.08 15.57 10.55
CA ASP C 336 -24.25 16.15 11.61
C ASP C 336 -25.03 16.12 12.93
N PRO C 337 -24.56 15.39 13.95
CA PRO C 337 -25.38 15.24 15.17
C PRO C 337 -25.51 16.52 15.98
N ALA C 338 -24.63 17.49 15.79
CA ALA C 338 -24.77 18.77 16.49
C ALA C 338 -26.00 19.55 16.02
N VAL C 339 -26.50 19.26 14.83
CA VAL C 339 -27.68 19.91 14.29
C VAL C 339 -28.87 18.95 14.21
N PHE C 340 -28.63 17.67 13.99
CA PHE C 340 -29.68 16.67 13.82
C PHE C 340 -29.43 15.53 14.80
N PRO C 341 -29.79 15.70 16.07
CA PRO C 341 -29.62 14.60 17.03
C PRO C 341 -30.31 13.33 16.54
N ASP C 342 -29.68 12.19 16.81
CA ASP C 342 -30.13 10.92 16.24
C ASP C 342 -30.16 11.07 14.72
N PRO C 343 -29.04 11.41 14.10
CA PRO C 343 -29.10 11.92 12.71
C PRO C 343 -29.56 10.91 11.69
N ASP C 344 -29.38 9.61 11.93
CA ASP C 344 -29.73 8.59 10.96
C ASP C 344 -31.19 8.17 11.04
N ALA C 345 -31.97 8.78 11.93
CA ALA C 345 -33.35 8.39 12.17
C ALA C 345 -34.29 9.47 11.65
N VAL C 346 -35.47 9.02 11.22
CA VAL C 346 -36.57 9.93 10.92
C VAL C 346 -37.15 10.44 12.24
N ARG C 347 -37.12 11.75 12.42
CA ARG C 347 -37.75 12.39 13.57
C ARG C 347 -38.64 13.51 13.04
N LEU C 348 -39.94 13.40 13.29
CA LEU C 348 -40.90 14.25 12.62
C LEU C 348 -41.10 15.59 13.30
N THR C 349 -40.37 15.87 14.39
CA THR C 349 -40.55 17.09 15.16
C THR C 349 -39.32 18.00 15.09
N ARG C 350 -38.44 17.74 14.14
CA ARG C 350 -37.28 18.60 13.97
C ARG C 350 -37.70 19.94 13.40
N ARG C 351 -36.90 20.97 13.67
CA ARG C 351 -37.14 22.26 13.04
C ARG C 351 -36.94 22.15 11.53
N ARG C 352 -37.87 22.73 10.78
CA ARG C 352 -37.82 22.70 9.33
C ARG C 352 -36.87 23.79 8.81
N GLY C 353 -36.44 23.62 7.58
CA GLY C 353 -35.60 24.60 6.93
C GLY C 353 -34.13 24.46 7.23
N LEU C 354 -33.71 23.31 7.74
CA LEU C 354 -32.32 23.09 8.14
C LEU C 354 -31.51 22.32 7.11
N HIS C 355 -32.09 21.29 6.50
CA HIS C 355 -31.27 20.40 5.68
C HIS C 355 -30.75 21.14 4.45
N LEU C 356 -29.63 20.63 3.93
CA LEU C 356 -28.93 21.23 2.81
C LEU C 356 -29.06 20.42 1.52
N ALA C 357 -30.03 19.49 1.47
CA ALA C 357 -30.11 18.60 0.32
C ALA C 357 -30.52 19.32 -0.96
N PHE C 358 -31.12 20.50 -0.86
CA PHE C 358 -31.38 21.36 -2.01
C PHE C 358 -30.35 22.48 -2.12
N GLY C 359 -29.26 22.40 -1.37
CA GLY C 359 -28.30 23.49 -1.32
C GLY C 359 -28.79 24.64 -0.45
N ARG C 360 -28.19 25.80 -0.65
CA ARG C 360 -28.57 26.99 0.10
C ARG C 360 -27.98 28.21 -0.59
N GLY C 361 -28.77 29.27 -0.67
CA GLY C 361 -28.29 30.52 -1.22
C GLY C 361 -28.61 30.71 -2.69
N ALA C 362 -27.72 31.41 -3.40
CA ALA C 362 -28.04 31.86 -4.75
C ALA C 362 -28.34 30.71 -5.69
N HIS C 363 -27.68 29.57 -5.51
CA HIS C 363 -27.85 28.43 -6.40
C HIS C 363 -28.84 27.39 -5.87
N ALA C 364 -29.57 27.71 -4.80
CA ALA C 364 -30.50 26.74 -4.22
C ALA C 364 -31.42 26.16 -5.28
N CYS C 365 -31.75 24.88 -5.12
CA CYS C 365 -32.42 24.13 -6.17
C CYS C 365 -33.65 24.85 -6.71
N LEU C 366 -33.64 25.11 -8.02
CA LEU C 366 -34.80 25.71 -8.67
C LEU C 366 -36.02 24.80 -8.57
N GLY C 367 -35.81 23.49 -8.49
CA GLY C 367 -36.92 22.55 -8.51
C GLY C 367 -37.27 22.01 -7.15
N ALA C 368 -36.82 22.67 -6.08
CA ALA C 368 -37.09 22.17 -4.74
C ALA C 368 -38.58 22.02 -4.49
N GLY C 369 -39.37 23.02 -4.90
CA GLY C 369 -40.81 22.92 -4.72
C GLY C 369 -41.43 21.84 -5.57
N LEU C 370 -40.94 21.67 -6.80
CA LEU C 370 -41.43 20.60 -7.65
C LEU C 370 -41.09 19.23 -7.08
N ALA C 371 -39.89 19.08 -6.53
CA ALA C 371 -39.46 17.79 -6.01
C ALA C 371 -40.22 17.42 -4.74
N THR C 372 -40.48 18.40 -3.86
CA THR C 372 -41.22 18.11 -2.64
C THR C 372 -42.67 17.77 -2.95
N LEU C 373 -43.28 18.52 -3.88
CA LEU C 373 -44.63 18.17 -4.33
C LEU C 373 -44.66 16.77 -4.92
N GLN C 374 -43.66 16.45 -5.75
CA GLN C 374 -43.66 15.14 -6.42
C GLN C 374 -43.55 14.02 -5.39
N LEU C 375 -42.64 14.15 -4.43
CA LEU C 375 -42.51 13.12 -3.41
C LEU C 375 -43.77 13.01 -2.56
N ARG C 376 -44.41 14.15 -2.27
CA ARG C 376 -45.66 14.11 -1.53
C ARG C 376 -46.70 13.27 -2.26
N GLU C 377 -46.79 13.42 -3.58
CA GLU C 377 -47.79 12.69 -4.35
C GLU C 377 -47.46 11.20 -4.41
N VAL C 378 -46.18 10.85 -4.47
CA VAL C 378 -45.80 9.44 -4.44
C VAL C 378 -46.25 8.81 -3.14
N LEU C 379 -46.00 9.49 -2.02
CA LEU C 379 -46.44 8.97 -0.73
C LEU C 379 -47.95 8.74 -0.72
N GLY C 380 -48.73 9.68 -1.28
CA GLY C 380 -50.16 9.49 -1.34
C GLY C 380 -50.55 8.33 -2.24
N ALA C 381 -49.84 8.15 -3.36
CA ALA C 381 -50.15 7.04 -4.26
C ALA C 381 -49.84 5.69 -3.61
N LEU C 382 -48.73 5.62 -2.87
CA LEU C 382 -48.42 4.37 -2.17
C LEU C 382 -49.47 4.04 -1.14
N ARG C 383 -49.91 5.03 -0.36
CA ARG C 383 -50.94 4.79 0.64
C ARG C 383 -52.24 4.35 -0.03
N ALA C 384 -52.59 4.96 -1.16
CA ALA C 384 -53.81 4.58 -1.84
C ALA C 384 -53.68 3.22 -2.51
N GLY C 385 -52.45 2.78 -2.80
CA GLY C 385 -52.27 1.52 -3.49
C GLY C 385 -52.56 0.31 -2.62
N GLY C 386 -52.40 0.45 -1.30
CA GLY C 386 -52.64 -0.67 -0.43
C GLY C 386 -51.71 -1.84 -0.68
N LEU C 387 -50.49 -1.55 -1.14
CA LEU C 387 -49.56 -2.60 -1.53
C LEU C 387 -48.60 -2.92 -0.40
N ARG C 388 -48.31 -4.21 -0.24
CA ARG C 388 -47.26 -4.69 0.65
C ARG C 388 -45.98 -4.78 -0.16
N LEU C 389 -45.19 -3.71 -0.14
CA LEU C 389 -43.91 -3.71 -0.85
C LEU C 389 -42.84 -4.22 0.10
N ALA C 390 -42.60 -5.53 0.06
CA ALA C 390 -41.65 -6.22 0.89
C ALA C 390 -40.35 -6.48 0.12
N PRO C 391 -39.19 -6.46 0.79
CA PRO C 391 -37.94 -6.75 0.07
C PRO C 391 -38.00 -8.14 -0.55
N ALA C 392 -37.52 -8.24 -1.78
CA ALA C 392 -37.42 -9.50 -2.52
C ALA C 392 -35.99 -9.80 -2.90
N GLY C 393 -35.05 -9.43 -2.03
CA GLY C 393 -33.64 -9.54 -2.32
C GLY C 393 -32.91 -8.28 -1.87
N PRO C 394 -31.58 -8.31 -1.86
CA PRO C 394 -30.85 -7.13 -1.39
C PRO C 394 -30.87 -6.00 -2.41
N ALA C 395 -30.91 -4.77 -1.90
CA ALA C 395 -30.67 -3.59 -2.71
C ALA C 395 -29.23 -3.53 -3.18
N ALA C 396 -29.04 -3.18 -4.44
CA ALA C 396 -27.72 -2.96 -5.02
C ALA C 396 -27.58 -1.50 -5.40
N TYR C 397 -26.47 -0.88 -5.00
CA TYR C 397 -26.24 0.53 -5.24
C TYR C 397 -25.25 0.70 -6.38
N GLU C 398 -25.50 1.69 -7.23
CA GLU C 398 -24.65 1.94 -8.37
C GLU C 398 -23.33 2.57 -7.96
N PRO C 399 -22.23 2.26 -8.66
CA PRO C 399 -20.94 2.90 -8.32
C PRO C 399 -20.85 4.33 -8.81
N THR C 400 -21.67 5.20 -8.20
CA THR C 400 -21.64 6.64 -8.42
C THR C 400 -21.51 7.31 -7.06
N ALA C 401 -20.50 8.16 -6.90
CA ALA C 401 -20.20 8.77 -5.61
C ALA C 401 -20.79 10.17 -5.45
N THR C 402 -20.84 10.97 -6.52
CA THR C 402 -21.38 12.32 -6.39
C THR C 402 -22.89 12.30 -6.27
N LEU C 403 -23.55 11.50 -7.09
CA LEU C 403 -25.02 11.37 -7.09
C LEU C 403 -25.35 9.92 -6.73
N ARG C 404 -25.79 9.73 -5.49
CA ARG C 404 -26.10 8.39 -5.00
C ARG C 404 -27.35 7.84 -5.69
N GLY C 405 -27.30 6.56 -6.03
CA GLY C 405 -28.44 5.91 -6.67
C GLY C 405 -28.41 4.41 -6.50
N LEU C 406 -29.59 3.82 -6.46
CA LEU C 406 -29.72 2.37 -6.46
C LEU C 406 -29.55 1.85 -7.89
N ALA C 407 -28.83 0.74 -8.03
CA ALA C 407 -28.80 0.05 -9.32
C ALA C 407 -30.01 -0.87 -9.49
N GLU C 408 -30.54 -1.39 -8.40
CA GLU C 408 -31.64 -2.33 -8.42
C GLU C 408 -32.27 -2.36 -7.03
N LEU C 409 -33.60 -2.43 -7.00
CA LEU C 409 -34.35 -2.51 -5.74
C LEU C 409 -35.46 -3.53 -5.90
N PRO C 410 -35.15 -4.82 -5.67
CA PRO C 410 -36.16 -5.86 -5.91
C PRO C 410 -37.11 -5.98 -4.73
N VAL C 411 -38.40 -5.98 -5.02
CA VAL C 411 -39.44 -6.11 -4.00
C VAL C 411 -40.51 -7.06 -4.52
N SER C 412 -41.28 -7.61 -3.59
CA SER C 412 -42.49 -8.35 -3.93
C SER C 412 -43.68 -7.43 -3.69
N VAL C 413 -44.68 -7.53 -4.56
CA VAL C 413 -45.86 -6.67 -4.51
C VAL C 413 -47.05 -7.48 -4.05
N ARG C 414 -47.86 -6.89 -3.16
CA ARG C 414 -49.08 -7.53 -2.68
C ARG C 414 -50.04 -6.47 -2.14
N MET D 1 8.64 -18.39 29.25
CA MET D 1 9.91 -17.79 28.73
C MET D 1 9.70 -17.34 27.30
N ARG D 2 9.86 -16.04 27.06
CA ARG D 2 9.62 -15.45 25.75
C ARG D 2 10.66 -14.38 25.48
N TYR D 3 11.38 -14.51 24.37
CA TYR D 3 12.36 -13.51 23.96
C TYR D 3 11.64 -12.38 23.25
N LEU D 4 11.02 -11.52 24.05
CA LEU D 4 10.17 -10.44 23.54
C LEU D 4 10.61 -9.13 24.16
N HIS D 5 10.95 -8.16 23.32
CA HIS D 5 11.44 -6.87 23.79
C HIS D 5 10.31 -5.87 23.99
C ACT E . 37.28 -22.09 25.10
O ACT E . 38.39 -22.03 25.76
OXT ACT E . 36.34 -21.31 25.21
CH3 ACT E . 37.29 -23.23 24.09
H1 ACT E . 37.80 -23.99 24.43
H2 ACT E . 36.38 -23.53 23.91
H3 ACT E . 37.69 -22.95 23.25
C ACT F . 20.64 -14.47 9.99
O ACT F . 21.75 -14.14 9.41
OXT ACT F . 20.41 -15.58 10.46
CH3 ACT F . 19.60 -13.35 10.07
H1 ACT F . 18.95 -13.44 9.35
H2 ACT F . 20.03 -12.48 9.97
H3 ACT F . 19.14 -13.37 10.91
O1 PG4 G . 30.58 9.70 11.01
C1 PG4 G . 31.68 8.84 11.23
C2 PG4 G . 31.93 8.64 12.70
O2 PG4 G . 33.33 8.43 12.92
C3 PG4 G . 33.60 7.64 14.07
C4 PG4 G . 33.08 8.30 15.30
O3 PG4 G . 32.02 7.53 15.86
C5 PG4 G . 31.73 8.03 17.15
C6 PG4 G . 30.30 7.78 17.47
O4 PG4 G . 29.47 8.56 16.63
C7 PG4 G . 28.16 8.52 17.16
C8 PG4 G . 27.69 9.91 17.47
O5 PG4 G . 27.55 10.66 16.28
HO1 PG4 G . 29.93 9.38 11.44
H11 PG4 G . 32.48 9.23 10.83
H12 PG4 G . 31.50 7.98 10.83
H21 PG4 G . 31.65 9.43 13.18
H22 PG4 G . 31.43 7.88 13.01
H31 PG4 G . 33.16 6.77 13.96
H32 PG4 G . 34.55 7.51 14.15
H41 PG4 G . 33.79 8.37 15.95
H42 PG4 G . 32.75 9.19 15.08
H51 PG4 G . 32.30 7.60 17.81
H52 PG4 G . 31.90 8.99 17.17
H61 PG4 G . 30.10 6.84 17.34
H62 PG4 G . 30.13 8.02 18.40
H71 PG4 G . 28.16 7.99 17.97
H72 PG4 G . 27.56 8.12 16.52
H81 PG4 G . 28.34 10.35 18.05
H82 PG4 G . 26.84 9.87 17.93
HO5 PG4 G . 27.30 11.44 16.51
C ACT H . 23.88 -30.63 10.02
O ACT H . 23.61 -29.96 8.95
OXT ACT H . 23.07 -31.05 10.81
CH3 ACT H . 25.39 -30.82 10.17
H1 ACT H . 25.78 -30.09 10.67
H2 ACT H . 25.58 -31.66 10.64
H3 ACT H . 25.82 -30.86 9.31
C ACT I . -0.11 -31.37 25.50
O ACT I . -0.94 -30.48 25.89
OXT ACT I . 0.05 -31.74 24.34
CH3 ACT I . 0.73 -31.91 26.66
H1 ACT I . 1.62 -32.16 26.35
H2 ACT I . 0.31 -32.71 27.04
H3 ACT I . 0.82 -31.25 27.36
CHA HEM J . 15.42 -11.13 16.22
CHB HEM J . 17.23 -6.64 16.15
CHC HEM J . 21.39 -8.31 17.95
CHD HEM J . 19.36 -12.67 18.57
C1A HEM J . 15.53 -9.77 16.08
C2A HEM J . 14.47 -8.88 15.67
C3A HEM J . 14.97 -7.63 15.65
C4A HEM J . 16.37 -7.70 16.04
CMA HEM J . 14.21 -6.35 15.28
CAA HEM J . 13.03 -9.32 15.33
CBA HEM J . 12.98 -9.74 13.86
CGA HEM J . 11.63 -10.34 13.53
O1A HEM J . 10.91 -10.77 14.47
O2A HEM J . 11.28 -10.39 12.32
C1B HEM J . 18.55 -6.70 16.54
C2B HEM J . 19.54 -5.67 16.42
C3B HEM J . 20.70 -6.14 16.92
C4B HEM J . 20.46 -7.49 17.37
CMB HEM J . 19.28 -4.27 15.81
CAB HEM J . 22.07 -5.44 17.05
CBB HEM J . 22.21 -4.12 16.89
C1C HEM J . 21.21 -9.63 18.28
C2C HEM J . 22.22 -10.51 18.84
C3C HEM J . 21.65 -11.71 19.02
C4C HEM J . 20.29 -11.64 18.57
CMC HEM J . 23.66 -10.07 19.17
CAC HEM J . 22.30 -13.01 19.58
CBC HEM J . 23.63 -13.15 19.60
C1D HEM J . 18.15 -12.66 17.92
C2D HEM J . 17.28 -13.80 17.70
C3D HEM J . 16.19 -13.37 17.06
C4D HEM J . 16.33 -11.95 16.84
CMD HEM J . 17.54 -15.26 18.13
CAD HEM J . 15.00 -14.25 16.59
CBD HEM J . 13.88 -14.29 17.61
CGD HEM J . 12.75 -15.08 17.00
O1D HEM J . 12.95 -16.27 16.65
O2D HEM J . 11.62 -14.53 16.89
NA HEM J . 16.67 -9.02 16.29
NB HEM J . 19.14 -7.81 17.12
NC HEM J . 20.05 -10.36 18.13
ND HEM J . 17.53 -11.56 17.39
FE HEM J . 18.36 -9.71 17.20
HHB HEM J . 16.88 -5.74 15.91
HHC HEM J . 22.27 -7.92 18.15
HHD HEM J . 19.61 -13.47 19.08
HMA HEM J . 13.87 -6.42 14.37
HMAA HEM J . 14.81 -5.58 15.35
HMAB HEM J . 13.46 -6.22 15.89
HAA HEM J . 12.42 -8.57 15.47
HAAA HEM J . 12.78 -10.06 15.90
HBA HEM J . 13.67 -10.40 13.70
HBAA HEM J . 13.14 -8.97 13.29
HMB HEM J . 18.54 -4.33 15.17
HMBA HEM J . 20.08 -3.96 15.35
HMBB HEM J . 19.04 -3.65 16.52
HAB HEM J . 22.85 -5.96 17.25
HBB HEM J . 23.08 -3.70 16.99
HBBA HEM J . 21.43 -3.57 16.69
HMC HEM J . 23.98 -10.57 19.94
HMCA HEM J . 23.67 -9.12 19.39
HMCB HEM J . 24.24 -10.23 18.41
HAC HEM J . 21.74 -13.71 19.90
HBC HEM J . 24.01 -13.97 19.95
HBCA HEM J . 24.20 -12.44 19.27
HMD HEM J . 18.38 -15.58 17.72
HMDA HEM J . 16.80 -15.83 17.82
HMDB HEM J . 17.61 -15.31 19.10
HAD HEM J . 15.33 -15.15 16.44
HADA HEM J . 14.67 -13.89 15.75
HBD HEM J . 13.58 -13.38 17.81
HBDA HEM J . 14.19 -14.72 18.42
HHA HEM J . 14.63 -11.56 15.84
NA NA K . 28.19 -4.56 37.12
NA NA L . 24.79 7.20 33.50
NA NA M . -2.93 -27.53 23.34
C ACT N . 3.16 -31.89 -8.68
O ACT N . 3.98 -32.84 -8.94
OXT ACT N . 3.20 -31.18 -7.68
CH3 ACT N . 2.05 -31.72 -9.72
H1 ACT N . 1.78 -30.79 -9.78
H2 ACT N . 2.36 -32.00 -10.60
H3 ACT N . 1.27 -32.25 -9.49
O2' TOE O . 22.09 17.55 -13.71
CA' TOE O . 22.29 17.88 -15.08
CB' TOE O . 20.93 17.88 -15.74
OC' TOE O . 21.02 17.79 -17.15
CD' TOE O . 21.49 16.56 -17.61
CE' TOE O . 20.74 16.15 -18.85
OF' TOE O . 21.44 15.14 -19.54
CG' TOE O . 21.37 13.89 -18.91
CH' TOE O . 22.65 13.62 -18.15
OI' TOE O . 23.37 12.54 -18.70
CK' TOE O . 24.79 12.64 -18.69
H1 TOE O . 21.39 17.80 -13.46
H2 TOE O . 22.87 17.24 -15.53
H3 TOE O . 22.70 18.75 -15.18
H4 TOE O . 20.43 17.14 -15.37
H5 TOE O . 20.47 18.70 -15.47
H6 TOE O . 22.44 16.61 -17.81
H7 TOE O . 21.38 15.87 -16.93
H8 TOE O . 19.85 15.85 -18.59
H9 TOE O . 20.61 16.94 -19.41
H10 TOE O . 21.23 13.19 -19.57
H11 TOE O . 20.62 13.86 -18.31
H12 TOE O . 23.17 14.43 -18.14
H13 TOE O . 22.40 13.43 -17.22
H14 TOE O . 25.22 11.81 -18.95
H15 TOE O . 25.14 12.86 -17.81
H16 TOE O . 25.11 13.32 -19.30
OAB MRY P . 28.80 4.54 -1.82
CAA MRY P . 28.44 3.47 -0.97
CAC MRY P . 28.25 4.02 0.43
OAD MRY P . 26.95 3.72 0.91
CAE MRY P . 29.31 3.52 1.43
OAF MRY P . 29.70 4.55 2.31
CAG MRY P . 28.79 2.29 2.16
OAH MRY P . 29.83 1.73 2.92
HAB MRY P . 29.51 4.89 -1.50
HAA1 MRY P . 27.62 3.05 -1.27
HAA2 MRY P . 29.12 2.78 -0.96
HAC MRY P . 28.33 4.99 0.38
HAD MRY P . 26.55 4.44 1.11
HAE MRY P . 30.13 3.29 0.96
HAF MRY P . 30.49 4.79 2.11
HAG1 MRY P . 28.45 1.66 1.51
HAG2 MRY P . 28.05 2.56 2.71
HAH MRY P . 30.01 0.97 2.60
CHA HEM Q . 13.57 -6.52 -9.04
CHB HEM Q . 9.95 -4.63 -11.66
CHC HEM Q . 12.62 -0.72 -12.68
CHD HEM Q . 16.44 -3.01 -10.82
C1A HEM Q . 12.32 -6.33 -9.60
C2A HEM Q . 11.14 -7.14 -9.41
C3A HEM Q . 10.15 -6.60 -10.14
C4A HEM Q . 10.67 -5.45 -10.82
CMA HEM Q . 8.70 -7.12 -10.25
CAA HEM Q . 11.00 -8.39 -8.52
CBA HEM Q . 11.67 -9.60 -9.16
CGA HEM Q . 11.63 -10.71 -8.16
O1A HEM Q . 12.70 -11.36 -7.95
O2A HEM Q . 10.56 -10.95 -7.55
C1B HEM Q . 10.33 -3.39 -12.12
C2B HEM Q . 9.47 -2.45 -12.80
C3B HEM Q . 10.20 -1.37 -13.09
C4B HEM Q . 11.55 -1.59 -12.59
CMB HEM Q . 7.98 -2.64 -13.15
CAB HEM Q . 9.67 -0.12 -13.83
CBB HEM Q . 10.50 0.73 -14.42
C1C HEM Q . 13.89 -0.99 -12.24
C2C HEM Q . 15.00 -0.07 -12.30
C3C HEM Q . 16.08 -0.70 -11.79
C4C HEM Q . 15.65 -2.03 -11.39
CMC HEM Q . 14.90 1.36 -12.86
CAC HEM Q . 17.51 -0.16 -11.62
CBC HEM Q . 17.81 1.12 -11.86
C1D HEM Q . 16.01 -4.15 -10.19
C2D HEM Q . 16.85 -5.12 -9.53
C3D HEM Q . 16.07 -6.09 -9.04
C4D HEM Q . 14.69 -5.77 -9.36
CMD HEM Q . 18.38 -5.02 -9.43
CAD HEM Q . 16.54 -7.33 -8.24
CBD HEM Q . 16.28 -7.04 -6.76
CGD HEM Q . 16.52 -8.27 -5.92
O1D HEM Q . 16.77 -8.10 -4.70
O2D HEM Q . 16.45 -9.40 -6.47
NA HEM Q . 11.99 -5.30 -10.47
NB HEM Q . 11.58 -2.84 -12.02
NC HEM Q . 14.32 -2.18 -11.69
ND HEM Q . 14.69 -4.59 -10.07
FE HEM Q . 13.07 -3.67 -10.95
HHB HEM Q . 9.08 -4.96 -11.96
HHC HEM Q . 12.45 0.16 -13.08
HHD HEM Q . 17.41 -2.87 -10.87
HMA HEM Q . 8.15 -6.45 -10.71
HMAA HEM Q . 8.34 -7.29 -9.36
HMAB HEM Q . 8.69 -7.95 -10.77
HAA HEM Q . 10.07 -8.58 -8.39
HAAA HEM Q . 11.43 -8.22 -7.67
HBA HEM Q . 12.59 -9.39 -9.40
HBAA HEM Q . 11.18 -9.86 -9.97
HMB HEM Q . 7.89 -3.43 -13.72
HMBA HEM Q . 7.65 -1.87 -13.62
HMBB HEM Q . 7.48 -2.77 -12.33
HAB HEM Q . 8.72 0.04 -13.86
HBB HEM Q . 10.15 1.51 -14.88
HBBA HEM Q . 11.46 0.57 -14.39
HMC HEM Q . 14.12 1.42 -13.44
HMCA HEM Q . 15.70 1.57 -13.37
HMCB HEM Q . 14.81 2.00 -12.14
HAC HEM Q . 18.20 -0.76 -11.33
HBC HEM Q . 18.72 1.44 -11.74
HBCA HEM Q . 17.12 1.73 -12.16
HMD HEM Q . 18.73 -5.77 -8.90
HMDA HEM Q . 18.64 -4.18 -9.00
HMDB HEM Q . 18.77 -5.05 -10.33
HAD HEM Q . 17.49 -7.49 -8.39
HADA HEM Q . 16.03 -8.11 -8.52
HBD HEM Q . 15.36 -6.75 -6.66
HBDA HEM Q . 16.88 -6.33 -6.47
HHA HEM Q . 13.67 -7.22 -8.38
C ACT R . 20.63 -10.16 -16.91
C ACT R . 20.77 -9.64 -16.55
O ACT R . 20.85 -11.41 -16.67
O ACT R . 21.57 -9.89 -15.56
OXT ACT R . 21.21 -9.48 -17.73
OXT ACT R . 21.09 -9.61 -17.73
CH3 ACT R . 19.57 -9.59 -15.96
CH3 ACT R . 19.33 -9.46 -16.08
H1 ACT R . 18.88 -10.25 -15.79
H1 ACT R . 18.72 -9.69 -16.80
H2 ACT R . 19.15 -8.81 -16.36
H2 ACT R . 19.17 -8.53 -15.82
H3 ACT R . 19.95 -9.34 -15.11
H3 ACT R . 19.14 -10.02 -15.32
C1 TFA S . -8.13 4.72 -18.35
C2 TFA S . -8.64 6.03 -18.92
O TFA S . -7.24 4.09 -18.97
F1 TFA S . -7.57 6.78 -19.33
F2 TFA S . -9.44 5.75 -19.98
F3 TFA S . -9.31 6.73 -17.95
OXT TFA S . -8.60 4.29 -17.26
C1 TFA T . -0.90 13.80 -25.26
C2 TFA T . 0.44 13.36 -24.71
O TFA T . -1.73 14.36 -24.51
F1 TFA T . 0.21 12.22 -24.00
F2 TFA T . 1.31 13.08 -25.73
F3 TFA T . 0.99 14.32 -23.92
OXT TFA T . -1.14 13.65 -26.49
NA NA U . -6.93 -15.47 -4.36
CHA HEM V . -29.74 23.01 -8.11
CHB HEM V . -33.25 21.80 -11.21
CHC HEM V . -34.66 18.31 -8.14
CHD HEM V . -30.67 19.02 -5.49
C1A HEM V . -30.54 22.98 -9.22
C2A HEM V . -30.42 23.83 -10.38
C3A HEM V . -31.38 23.51 -11.24
C4A HEM V . -32.16 22.43 -10.66
CMA HEM V . -31.61 24.17 -12.62
CAA HEM V . -29.34 24.93 -10.58
CBA HEM V . -29.81 26.21 -9.89
CGA HEM V . -28.70 27.23 -9.85
O1A HEM V . -27.51 26.83 -9.92
O2A HEM V . -29.01 28.45 -9.73
C1B HEM V . -33.99 20.81 -10.60
C2B HEM V . -35.29 20.31 -11.03
C3B HEM V . -35.68 19.37 -10.17
C4B HEM V . -34.63 19.21 -9.19
CMB HEM V . -36.05 20.86 -12.26
CAB HEM V . -36.97 18.51 -10.17
CBB HEM V . -37.76 18.45 -11.25
C1C HEM V . -33.71 18.19 -7.16
C2C HEM V . -33.74 17.25 -6.06
C3C HEM V . -32.63 17.43 -5.33
C4C HEM V . -31.87 18.51 -5.93
CMC HEM V . -34.87 16.22 -5.84
CAC HEM V . -32.20 16.69 -4.04
CBC HEM V . -33.11 16.05 -3.30
C1D HEM V . -30.11 20.21 -5.93
C2D HEM V . -29.04 20.94 -5.27
C3D HEM V . -28.79 22.03 -5.99
C4D HEM V . -29.69 22.04 -7.12
CMD HEM V . -28.32 20.53 -3.98
CAD HEM V . -27.73 23.11 -5.67
CBD HEM V . -26.36 22.76 -6.22
CGD HEM V . -25.47 23.97 -6.09
O1D HEM V . -25.17 24.38 -4.93
O2D HEM V . -25.04 24.53 -7.13
NA HEM V . -31.62 22.13 -9.43
NB HEM V . -33.63 20.10 -9.46
NC HEM V . -32.56 18.94 -7.04
ND HEM V . -30.48 20.91 -7.05
FE HEM V . -32.18 20.61 -8.13
HHB HEM V . -33.52 22.08 -12.12
HHC HEM V . -35.43 17.70 -8.09
HHD HEM V . -30.18 18.51 -4.82
HMA HEM V . -31.79 25.13 -12.50
HMAA HEM V . -32.38 23.75 -13.06
HMAB HEM V . -30.80 24.06 -13.18
HAA HEM V . -29.21 25.10 -11.52
HAAA HEM V . -28.51 24.64 -10.17
HBA HEM V . -30.10 26.01 -8.98
HBAA HEM V . -30.57 26.58 -10.38
HMB HEM V . -35.79 21.79 -12.43
HMBA HEM V . -37.01 20.81 -12.10
HMBB HEM V . -35.83 20.33 -13.04
HAB HEM V . -37.20 18.01 -9.38
HBB HEM V . -38.57 17.91 -11.22
HBBA HEM V . -37.53 18.94 -12.05
HMC HEM V . -34.50 15.40 -5.48
HMCA HEM V . -35.31 16.03 -6.68
HMCB HEM V . -35.53 16.58 -5.22
HAC HEM V . -31.28 16.69 -3.78
HBC HEM V . -32.85 15.59 -2.49
HBCA HEM V . -34.05 16.06 -3.56
HMD HEM V . -28.97 20.45 -3.24
HMDA HEM V . -27.65 21.21 -3.73
HMDB HEM V . -27.87 19.67 -4.11
HAD HEM V . -27.66 23.20 -4.70
HADA HEM V . -28.02 23.95 -6.05
HBD HEM V . -26.43 22.51 -7.15
HBDA HEM V . -25.98 22.01 -5.72
HHA HEM V . -29.14 23.78 -8.00
C1 TFA W . -36.25 5.36 9.93
C2 TFA W . -37.47 4.47 9.96
O TFA W . -35.50 5.32 8.93
F1 TFA W . -37.08 3.20 10.25
F2 TFA W . -38.38 4.91 10.88
F3 TFA W . -38.04 4.50 8.71
OXT TFA W . -35.98 6.12 10.90
C1 TFA X . -24.66 19.01 -18.05
C2 TFA X . -26.14 18.83 -17.87
O TFA X . -24.22 19.80 -18.94
F1 TFA X . -26.77 19.97 -18.30
F2 TFA X . -26.53 17.73 -18.59
F3 TFA X . -26.39 18.63 -16.54
OXT TFA X . -23.88 18.37 -17.28
NA NA Y . -32.26 -1.88 -12.50
#